data_1C9B
#
_entry.id   1C9B
#
_cell.length_a   118.450
_cell.length_b   122.298
_cell.length_c   140.217
_cell.angle_alpha   90.00
_cell.angle_beta   113.08
_cell.angle_gamma   90.00
#
_symmetry.space_group_name_H-M   'P 1 21 1'
#
loop_
_entity.id
_entity.type
_entity.pdbx_description
1 polymer 'ADMLP TATA-BOX DNA CONTAINING IIB RECOGNITION ELEMENT'
2 polymer 'ADMLP TATA-BOX DNA CONTAINING IIB RECOGNITION ELEMENT'
3 polymer 'GENERAL TRANSCRIPTION FACTOR IIB'
4 polymer 'TATA BOX BINDING PROTEIN'
5 water water
#
loop_
_entity_poly.entity_id
_entity_poly.type
_entity_poly.pdbx_seq_one_letter_code
_entity_poly.pdbx_strand_id
1 'polydeoxyribonucleotide' (DG)(DG)(DG)(DC)(DG)(DC)(DC)(DT)(DA)(DT)(DA)(DA)(DA)(DA)(DG)(DG)(DG)(DG) C,G,K,O,S
2 'polydeoxyribonucleotide' (DC)(DC)(DC)(DC)(DC)(DT)(DT)(DT)(DT)(DA)(DT)(DA)(DG)(DG)(DC)(DG)(DC)(DC) D,H,L,P,T
3 'polypeptide(L)'
;SDRAMMNAFKEITTMADRINLPRNIVDRTNNLFKQVYEQKSLKGRANDAIASACLYIACRQEGVPRTFKEICAVSRISKK
EIGRCFKLILKALETSVDLITTGDFMSRFCSNLCLPKQVQMAATHIARKAVELDLVPGRSPISVAAAAIYMASQASAEKR
TQKEIGDIAGVADVTIRQSYRLIYPRAPDLFPTDFKFDTPVDKLPQL
;
A,E,I,M,Q
4 'polypeptide(L)'
;GSGIVPQLQNIVSTVNLGCKLDLKTIALRARNAEYNPKRFAAVIMRIREPRTTALIFSSGKMVCTGAKSEEQSRLAARKY
ARVVQKLGFPAKFLDFKIQNMVGSCDVKFPIRLEGLVLTHQQFSSYEPELFPGLIYRMIKPRIVLLIFVSGKVVLTGAKV
RAEIYEAFENIYPILKGFRK
;
B,F,J,N,R
#
# COMPACT_ATOMS: atom_id res chain seq x y z
N SER K 1 26.45 -9.87 7.87
CA SER K 1 25.18 -10.58 7.51
C SER K 1 25.46 -11.75 6.56
N ASP K 2 26.63 -11.73 5.92
CA ASP K 2 26.97 -12.82 5.01
C ASP K 2 27.18 -14.10 5.76
N ARG K 3 27.48 -14.01 7.05
CA ARG K 3 27.65 -15.22 7.82
C ARG K 3 26.24 -15.75 8.15
N ALA K 4 25.36 -15.53 7.16
CA ALA K 4 23.98 -15.98 7.14
C ALA K 4 24.08 -17.31 6.38
N MET K 5 25.32 -17.60 5.99
CA MET K 5 25.70 -18.82 5.29
C MET K 5 25.51 -19.94 6.29
N MET K 6 25.85 -19.63 7.54
CA MET K 6 25.71 -20.61 8.60
C MET K 6 24.27 -21.07 8.67
N ASN K 7 23.33 -20.14 8.56
CA ASN K 7 21.92 -20.48 8.63
C ASN K 7 21.51 -21.28 7.37
N ALA K 8 22.14 -20.95 6.24
CA ALA K 8 21.93 -21.66 4.98
C ALA K 8 22.44 -23.10 5.09
N PHE K 9 23.64 -23.26 5.65
CA PHE K 9 24.24 -24.61 5.83
C PHE K 9 23.40 -25.45 6.80
N LYS K 10 22.83 -24.79 7.80
CA LYS K 10 21.97 -25.46 8.76
C LYS K 10 20.75 -25.97 8.00
N GLU K 11 20.11 -25.07 7.24
CA GLU K 11 18.93 -25.43 6.47
C GLU K 11 19.29 -26.55 5.48
N ILE K 12 20.43 -26.40 4.81
CA ILE K 12 20.86 -27.41 3.85
C ILE K 12 20.96 -28.75 4.56
N THR K 13 21.61 -28.73 5.71
CA THR K 13 21.82 -29.89 6.57
C THR K 13 20.46 -30.50 6.93
N THR K 14 19.55 -29.64 7.35
CA THR K 14 18.23 -30.10 7.71
C THR K 14 17.59 -30.87 6.56
N MET K 15 17.44 -30.19 5.42
CA MET K 15 16.83 -30.84 4.24
C MET K 15 17.52 -32.16 3.91
N ALA K 16 18.85 -32.11 3.79
CA ALA K 16 19.60 -33.30 3.45
C ALA K 16 19.29 -34.50 4.36
N ASP K 17 19.26 -34.27 5.68
CA ASP K 17 19.00 -35.36 6.61
C ASP K 17 17.61 -35.95 6.45
N ARG K 18 16.62 -35.15 6.07
CA ARG K 18 15.27 -35.68 5.90
C ARG K 18 15.22 -36.79 4.88
N ILE K 19 16.25 -36.87 4.04
CA ILE K 19 16.28 -37.94 3.05
C ILE K 19 17.61 -38.67 3.06
N ASN K 20 18.32 -38.52 4.18
CA ASN K 20 19.62 -39.16 4.44
C ASN K 20 20.59 -39.08 3.28
N LEU K 21 21.05 -37.88 2.99
CA LEU K 21 21.98 -37.73 1.91
C LEU K 21 23.41 -37.83 2.40
N PRO K 22 24.25 -38.58 1.70
CA PRO K 22 25.65 -38.72 2.11
C PRO K 22 26.35 -37.35 2.22
N ARG K 23 27.39 -37.31 3.03
CA ARG K 23 28.11 -36.08 3.27
C ARG K 23 28.69 -35.38 2.03
N ASN K 24 29.14 -36.15 1.05
CA ASN K 24 29.72 -35.52 -0.15
C ASN K 24 28.71 -34.57 -0.76
N ILE K 25 27.46 -35.02 -0.80
CA ILE K 25 26.33 -34.25 -1.34
C ILE K 25 26.16 -32.95 -0.54
N VAL K 26 26.02 -33.07 0.78
CA VAL K 26 25.85 -31.87 1.60
C VAL K 26 27.04 -30.92 1.43
N ASP K 27 28.25 -31.45 1.34
CA ASP K 27 29.40 -30.60 1.17
C ASP K 27 29.33 -29.85 -0.14
N ARG K 28 29.03 -30.58 -1.21
CA ARG K 28 28.93 -29.99 -2.55
C ARG K 28 27.91 -28.87 -2.52
N THR K 29 26.75 -29.16 -1.92
CA THR K 29 25.67 -28.20 -1.81
C THR K 29 26.17 -26.93 -1.14
N ASN K 30 26.88 -27.08 -0.03
CA ASN K 30 27.38 -25.93 0.69
C ASN K 30 28.33 -25.11 -0.16
N ASN K 31 29.17 -25.79 -0.93
CA ASN K 31 30.12 -25.08 -1.78
C ASN K 31 29.36 -24.30 -2.84
N LEU K 32 28.42 -24.97 -3.50
CA LEU K 32 27.58 -24.34 -4.52
C LEU K 32 26.94 -23.09 -3.95
N PHE K 33 26.31 -23.25 -2.79
CA PHE K 33 25.65 -22.14 -2.14
C PHE K 33 26.62 -20.98 -1.87
N LYS K 34 27.75 -21.28 -1.24
CA LYS K 34 28.75 -20.29 -0.92
C LYS K 34 29.18 -19.53 -2.18
N GLN K 35 29.44 -20.26 -3.25
CA GLN K 35 29.86 -19.65 -4.49
C GLN K 35 28.79 -18.70 -5.05
N VAL K 36 27.56 -19.19 -5.19
CA VAL K 36 26.48 -18.34 -5.69
C VAL K 36 26.26 -17.15 -4.77
N TYR K 37 26.32 -17.39 -3.47
CA TYR K 37 26.09 -16.33 -2.50
C TYR K 37 27.06 -15.20 -2.62
N GLU K 38 28.33 -15.54 -2.54
CA GLU K 38 29.42 -14.57 -2.62
C GLU K 38 29.41 -13.84 -3.96
N GLN K 39 29.00 -14.52 -5.01
CA GLN K 39 28.95 -13.91 -6.32
C GLN K 39 27.87 -12.86 -6.40
N LYS K 40 26.84 -12.97 -5.56
CA LYS K 40 25.72 -12.04 -5.59
C LYS K 40 25.14 -12.06 -7.01
N SER K 41 24.92 -13.27 -7.53
CA SER K 41 24.41 -13.48 -8.87
C SER K 41 22.88 -13.52 -8.96
N LEU K 42 22.24 -14.03 -7.91
CA LEU K 42 20.80 -14.12 -7.89
C LEU K 42 20.23 -13.16 -6.88
N LYS K 43 20.18 -11.89 -7.26
CA LYS K 43 19.61 -10.87 -6.38
C LYS K 43 18.08 -11.02 -6.29
N GLY K 44 17.52 -10.53 -5.19
CA GLY K 44 16.10 -10.58 -4.96
C GLY K 44 15.41 -11.87 -4.62
N ARG K 45 16.15 -12.96 -4.51
CA ARG K 45 15.51 -14.22 -4.17
C ARG K 45 15.70 -14.61 -2.71
N ALA K 46 15.06 -15.70 -2.31
CA ALA K 46 15.15 -16.20 -0.94
C ALA K 46 16.31 -17.23 -0.79
N ASN K 47 17.18 -17.03 0.21
CA ASN K 47 18.31 -17.93 0.44
C ASN K 47 17.89 -19.41 0.45
N ASP K 48 16.77 -19.75 1.06
CA ASP K 48 16.40 -21.15 1.08
C ASP K 48 16.03 -21.69 -0.27
N ALA K 49 15.56 -20.80 -1.14
CA ALA K 49 15.20 -21.23 -2.49
C ALA K 49 16.52 -21.56 -3.19
N ILE K 50 17.51 -20.68 -3.04
CA ILE K 50 18.79 -20.90 -3.66
C ILE K 50 19.42 -22.16 -3.08
N ALA K 51 19.34 -22.31 -1.77
CA ALA K 51 19.91 -23.49 -1.13
C ALA K 51 19.24 -24.77 -1.69
N SER K 52 17.92 -24.77 -1.75
CA SER K 52 17.22 -25.95 -2.30
C SER K 52 17.62 -26.26 -3.74
N ALA K 53 17.91 -25.23 -4.54
CA ALA K 53 18.28 -25.46 -5.92
C ALA K 53 19.68 -26.04 -5.89
N CYS K 54 20.54 -25.48 -5.03
CA CYS K 54 21.90 -25.97 -4.89
C CYS K 54 21.87 -27.46 -4.53
N LEU K 55 20.98 -27.83 -3.62
CA LEU K 55 20.87 -29.22 -3.22
C LEU K 55 20.54 -30.09 -4.43
N TYR K 56 19.55 -29.64 -5.18
CA TYR K 56 19.08 -30.37 -6.35
C TYR K 56 20.24 -30.57 -7.33
N ILE K 57 21.02 -29.53 -7.53
CA ILE K 57 22.15 -29.59 -8.45
C ILE K 57 23.22 -30.58 -7.95
N ALA K 58 23.55 -30.48 -6.68
CA ALA K 58 24.54 -31.32 -6.03
C ALA K 58 24.23 -32.80 -6.23
N CYS K 59 22.97 -33.19 -6.04
CA CYS K 59 22.64 -34.60 -6.21
C CYS K 59 22.91 -35.05 -7.62
N ARG K 60 22.66 -34.16 -8.57
CA ARG K 60 22.86 -34.53 -9.94
C ARG K 60 24.33 -34.57 -10.27
N GLN K 61 25.08 -33.63 -9.71
CA GLN K 61 26.51 -33.60 -9.98
C GLN K 61 27.21 -34.78 -9.33
N GLU K 62 26.74 -35.18 -8.15
CA GLU K 62 27.32 -36.33 -7.47
C GLU K 62 26.84 -37.65 -8.06
N GLY K 63 26.15 -37.60 -9.19
CA GLY K 63 25.72 -38.83 -9.84
C GLY K 63 24.50 -39.57 -9.30
N VAL K 64 23.75 -38.96 -8.38
CA VAL K 64 22.57 -39.65 -7.87
C VAL K 64 21.44 -38.62 -7.77
N PRO K 65 20.83 -38.32 -8.93
CA PRO K 65 19.74 -37.35 -9.10
C PRO K 65 18.49 -37.56 -8.29
N ARG K 66 17.97 -36.50 -7.71
CA ARG K 66 16.70 -36.54 -7.01
C ARG K 66 15.77 -35.76 -7.93
N THR K 67 14.48 -36.09 -7.95
CA THR K 67 13.58 -35.35 -8.82
C THR K 67 13.27 -34.05 -8.12
N PHE K 68 12.81 -33.04 -8.86
CA PHE K 68 12.50 -31.74 -8.22
C PHE K 68 11.46 -32.03 -7.15
N LYS K 69 10.50 -32.92 -7.45
CA LYS K 69 9.48 -33.23 -6.44
C LYS K 69 10.11 -33.69 -5.13
N GLU K 70 11.09 -34.58 -5.21
CA GLU K 70 11.74 -35.05 -4.01
C GLU K 70 12.41 -33.91 -3.24
N ILE K 71 13.15 -33.05 -3.93
CA ILE K 71 13.80 -31.95 -3.23
C ILE K 71 12.73 -31.02 -2.66
N CYS K 72 11.60 -30.92 -3.34
CA CYS K 72 10.48 -30.08 -2.89
C CYS K 72 9.92 -30.58 -1.58
N ALA K 73 9.77 -31.89 -1.53
CA ALA K 73 9.25 -32.57 -0.36
C ALA K 73 9.99 -32.15 0.91
N VAL K 74 11.30 -32.20 0.89
CA VAL K 74 12.08 -31.84 2.05
C VAL K 74 12.33 -30.34 2.16
N SER K 75 11.72 -29.57 1.27
CA SER K 75 11.96 -28.10 1.25
C SER K 75 10.74 -27.20 1.45
N ARG K 76 10.99 -26.00 1.97
CA ARG K 76 9.91 -25.04 2.18
C ARG K 76 9.51 -24.36 0.85
N ILE K 77 10.33 -24.55 -0.19
CA ILE K 77 10.10 -23.92 -1.50
C ILE K 77 9.36 -24.75 -2.51
N SER K 78 8.72 -24.10 -3.47
CA SER K 78 7.96 -24.83 -4.51
C SER K 78 8.82 -25.33 -5.66
N LYS K 79 8.29 -26.31 -6.36
CA LYS K 79 9.03 -26.84 -7.50
C LYS K 79 9.34 -25.72 -8.50
N LYS K 80 8.35 -24.85 -8.69
CA LYS K 80 8.48 -23.77 -9.63
C LYS K 80 9.65 -22.85 -9.29
N GLU K 81 9.74 -22.43 -8.05
CA GLU K 81 10.83 -21.54 -7.67
C GLU K 81 12.18 -22.25 -7.65
N ILE K 82 12.19 -23.52 -7.21
CA ILE K 82 13.45 -24.23 -7.21
C ILE K 82 13.93 -24.33 -8.66
N GLY K 83 13.02 -24.69 -9.57
CA GLY K 83 13.37 -24.79 -10.98
C GLY K 83 13.88 -23.45 -11.53
N ARG K 84 13.24 -22.34 -11.16
CA ARG K 84 13.72 -21.08 -11.67
C ARG K 84 15.14 -20.86 -11.19
N CYS K 85 15.37 -21.01 -9.88
CA CYS K 85 16.71 -20.81 -9.32
C CYS K 85 17.74 -21.77 -9.94
N PHE K 86 17.33 -23.01 -10.15
CA PHE K 86 18.17 -23.99 -10.75
C PHE K 86 18.79 -23.46 -12.04
N LYS K 87 17.94 -23.03 -12.99
CA LYS K 87 18.44 -22.53 -14.26
C LYS K 87 19.32 -21.29 -14.03
N LEU K 88 18.88 -20.39 -13.15
CA LEU K 88 19.65 -19.19 -12.93
C LEU K 88 21.05 -19.45 -12.39
N ILE K 89 21.14 -20.45 -11.51
CA ILE K 89 22.43 -20.82 -10.91
C ILE K 89 23.39 -21.44 -11.92
N LEU K 90 22.90 -22.36 -12.76
CA LEU K 90 23.80 -22.95 -13.74
C LEU K 90 24.43 -21.86 -14.57
N LYS K 91 23.64 -20.86 -14.96
CA LYS K 91 24.20 -19.79 -15.77
C LYS K 91 25.19 -18.91 -15.05
N ALA K 92 24.90 -18.57 -13.80
CA ALA K 92 25.79 -17.73 -13.02
C ALA K 92 27.13 -18.40 -12.81
N LEU K 93 27.10 -19.70 -12.52
CA LEU K 93 28.32 -20.47 -12.27
C LEU K 93 28.90 -21.10 -13.53
N GLU K 94 28.40 -20.71 -14.70
CA GLU K 94 28.90 -21.28 -15.93
C GLU K 94 29.09 -22.78 -15.82
N THR K 95 28.07 -23.45 -15.28
CA THR K 95 28.09 -24.90 -15.12
C THR K 95 26.96 -25.55 -15.90
N SER K 96 26.93 -26.87 -15.82
CA SER K 96 25.93 -27.65 -16.50
C SER K 96 25.79 -28.95 -15.75
N VAL K 97 24.84 -29.76 -16.17
CA VAL K 97 24.64 -31.08 -15.59
C VAL K 97 24.24 -32.01 -16.71
N ASP K 98 24.66 -33.27 -16.62
CA ASP K 98 24.33 -34.22 -17.65
C ASP K 98 22.84 -34.50 -17.69
N LEU K 99 22.28 -34.59 -18.90
CA LEU K 99 20.87 -34.87 -18.99
C LEU K 99 20.54 -36.13 -18.18
N ILE K 100 19.39 -36.12 -17.50
CA ILE K 100 18.99 -37.28 -16.70
C ILE K 100 18.57 -38.44 -17.57
N THR K 101 18.75 -39.65 -17.07
CA THR K 101 18.44 -40.86 -17.82
C THR K 101 17.58 -41.81 -17.00
N THR K 102 16.93 -42.77 -17.65
CA THR K 102 16.11 -43.72 -16.92
C THR K 102 16.94 -44.39 -15.85
N GLY K 103 18.14 -44.82 -16.23
CA GLY K 103 19.01 -45.49 -15.29
C GLY K 103 19.27 -44.74 -14.00
N ASP K 104 19.26 -43.41 -14.05
CA ASP K 104 19.53 -42.58 -12.86
C ASP K 104 18.58 -42.78 -11.68
N PHE K 105 17.46 -43.46 -11.88
CA PHE K 105 16.51 -43.61 -10.79
C PHE K 105 16.14 -45.05 -10.50
N MET K 106 16.53 -45.94 -11.41
CA MET K 106 16.23 -47.36 -11.32
C MET K 106 16.60 -47.98 -9.96
N SER K 107 17.81 -47.69 -9.50
CA SER K 107 18.29 -48.19 -8.23
C SER K 107 17.41 -47.77 -7.09
N ARG K 108 17.44 -46.48 -6.75
CA ARG K 108 16.66 -45.97 -5.63
C ARG K 108 15.17 -46.27 -5.68
N PHE K 109 14.56 -46.15 -6.86
CA PHE K 109 13.15 -46.41 -6.99
C PHE K 109 12.87 -47.83 -6.59
N CYS K 110 13.54 -48.76 -7.26
CA CYS K 110 13.34 -50.17 -6.96
C CYS K 110 13.59 -50.53 -5.53
N SER K 111 14.54 -49.85 -4.91
CA SER K 111 14.80 -50.09 -3.49
C SER K 111 13.60 -49.66 -2.68
N ASN K 112 13.19 -48.42 -2.84
CA ASN K 112 12.03 -47.93 -2.12
C ASN K 112 10.80 -48.78 -2.35
N LEU K 113 10.78 -49.52 -3.46
CA LEU K 113 9.66 -50.39 -3.74
C LEU K 113 9.93 -51.80 -3.25
N CYS K 114 11.09 -51.98 -2.61
CA CYS K 114 11.49 -53.27 -2.08
C CYS K 114 11.43 -54.33 -3.16
N LEU K 115 11.97 -54.02 -4.31
CA LEU K 115 11.97 -54.95 -5.42
C LEU K 115 13.27 -55.73 -5.51
N PRO K 116 13.19 -57.05 -5.75
CA PRO K 116 14.39 -57.88 -5.86
C PRO K 116 15.27 -57.51 -7.03
N LYS K 117 16.56 -57.43 -6.75
CA LYS K 117 17.57 -57.09 -7.74
C LYS K 117 17.26 -57.55 -9.16
N GLN K 118 16.71 -58.75 -9.26
CA GLN K 118 16.37 -59.31 -10.57
C GLN K 118 15.41 -58.47 -11.38
N VAL K 119 14.41 -57.93 -10.69
CA VAL K 119 13.40 -57.07 -11.30
C VAL K 119 14.07 -55.74 -11.66
N GLN K 120 14.73 -55.13 -10.68
CA GLN K 120 15.43 -53.88 -10.91
C GLN K 120 16.23 -53.94 -12.21
N MET K 121 16.91 -55.05 -12.44
CA MET K 121 17.68 -55.19 -13.63
C MET K 121 16.80 -55.27 -14.85
N ALA K 122 15.71 -56.01 -14.74
CA ALA K 122 14.79 -56.15 -15.87
C ALA K 122 14.27 -54.75 -16.26
N ALA K 123 13.74 -54.02 -15.28
CA ALA K 123 13.22 -52.68 -15.55
C ALA K 123 14.29 -51.86 -16.24
N THR K 124 15.46 -51.77 -15.60
CA THR K 124 16.56 -50.99 -16.15
C THR K 124 16.77 -51.33 -17.61
N HIS K 125 16.72 -52.62 -17.91
CA HIS K 125 16.93 -53.10 -19.26
C HIS K 125 15.80 -52.62 -20.17
N ILE K 126 14.56 -52.86 -19.75
CA ILE K 126 13.38 -52.45 -20.51
C ILE K 126 13.42 -50.96 -20.82
N ALA K 127 13.72 -50.15 -19.82
CA ALA K 127 13.76 -48.70 -20.06
C ALA K 127 14.79 -48.34 -21.12
N ARG K 128 16.03 -48.77 -20.90
CA ARG K 128 17.13 -48.49 -21.83
C ARG K 128 16.80 -48.91 -23.26
N LYS K 129 16.30 -50.14 -23.43
CA LYS K 129 15.96 -50.64 -24.76
C LYS K 129 14.88 -49.77 -25.35
N ALA K 130 13.84 -49.53 -24.57
CA ALA K 130 12.69 -48.71 -24.99
C ALA K 130 13.12 -47.39 -25.59
N VAL K 131 14.02 -46.70 -24.88
CA VAL K 131 14.53 -45.43 -25.36
C VAL K 131 15.39 -45.62 -26.60
N GLU K 132 16.16 -46.70 -26.63
CA GLU K 132 17.03 -46.97 -27.76
C GLU K 132 16.20 -47.18 -29.01
N LEU K 133 15.05 -47.83 -28.86
CA LEU K 133 14.15 -48.09 -29.98
C LEU K 133 13.23 -46.90 -30.26
N ASP K 134 13.47 -45.80 -29.54
CA ASP K 134 12.68 -44.58 -29.65
C ASP K 134 11.17 -44.82 -29.53
N LEU K 135 10.77 -45.54 -28.50
CA LEU K 135 9.36 -45.86 -28.27
C LEU K 135 8.64 -44.76 -27.45
N VAL K 136 9.41 -44.01 -26.68
CA VAL K 136 8.83 -42.99 -25.85
C VAL K 136 9.41 -41.60 -26.05
N PRO K 137 9.41 -41.14 -27.30
CA PRO K 137 9.94 -39.81 -27.60
C PRO K 137 9.19 -38.71 -26.87
N GLY K 138 9.94 -37.77 -26.33
CA GLY K 138 9.36 -36.66 -25.63
C GLY K 138 8.97 -36.89 -24.18
N ARG K 139 8.85 -38.14 -23.79
CA ARG K 139 8.46 -38.44 -22.41
C ARG K 139 9.59 -38.20 -21.38
N SER K 140 9.24 -37.82 -20.16
CA SER K 140 10.25 -37.60 -19.14
C SER K 140 10.89 -38.93 -18.79
N PRO K 141 12.22 -38.96 -18.59
CA PRO K 141 12.89 -40.21 -18.24
C PRO K 141 12.31 -40.84 -16.97
N ILE K 142 11.85 -39.99 -16.06
CA ILE K 142 11.25 -40.48 -14.83
C ILE K 142 9.96 -41.26 -15.14
N SER K 143 9.21 -40.76 -16.09
CA SER K 143 7.97 -41.40 -16.49
C SER K 143 8.27 -42.74 -17.11
N VAL K 144 9.24 -42.76 -18.01
CA VAL K 144 9.58 -44.00 -18.67
C VAL K 144 10.12 -45.00 -17.68
N ALA K 145 10.93 -44.54 -16.74
CA ALA K 145 11.44 -45.46 -15.73
C ALA K 145 10.27 -46.06 -14.97
N ALA K 146 9.34 -45.23 -14.53
CA ALA K 146 8.16 -45.73 -13.80
C ALA K 146 7.41 -46.78 -14.60
N ALA K 147 7.27 -46.57 -15.89
CA ALA K 147 6.54 -47.54 -16.68
C ALA K 147 7.30 -48.85 -16.78
N ALA K 148 8.62 -48.76 -16.95
CA ALA K 148 9.46 -49.95 -17.06
C ALA K 148 9.38 -50.77 -15.76
N ILE K 149 9.53 -50.10 -14.63
CA ILE K 149 9.44 -50.75 -13.35
C ILE K 149 8.12 -51.48 -13.28
N TYR K 150 7.04 -50.79 -13.62
CA TYR K 150 5.70 -51.38 -13.60
C TYR K 150 5.68 -52.62 -14.46
N MET K 151 6.13 -52.48 -15.70
CA MET K 151 6.12 -53.64 -16.59
C MET K 151 6.89 -54.81 -15.99
N ALA K 152 8.09 -54.52 -15.54
CA ALA K 152 8.97 -55.51 -14.93
C ALA K 152 8.29 -56.17 -13.74
N SER K 153 7.90 -55.37 -12.77
CA SER K 153 7.28 -55.91 -11.58
C SER K 153 6.03 -56.76 -11.88
N GLN K 154 5.29 -56.42 -12.92
CA GLN K 154 4.09 -57.14 -13.26
C GLN K 154 4.41 -58.47 -13.91
N ALA K 155 5.65 -58.63 -14.33
CA ALA K 155 6.07 -59.85 -14.97
C ALA K 155 6.74 -60.73 -13.91
N SER K 156 6.82 -60.22 -12.70
CA SER K 156 7.43 -60.91 -11.60
C SER K 156 6.46 -61.23 -10.47
N ALA K 157 6.93 -62.00 -9.51
CA ALA K 157 6.11 -62.38 -8.37
C ALA K 157 5.95 -61.16 -7.50
N GLU K 158 6.97 -60.31 -7.52
CA GLU K 158 6.93 -59.10 -6.73
C GLU K 158 6.27 -57.92 -7.46
N LYS K 159 5.03 -58.15 -7.88
CA LYS K 159 4.19 -57.19 -8.59
C LYS K 159 3.95 -55.92 -7.81
N ARG K 160 3.89 -54.80 -8.52
CA ARG K 160 3.68 -53.51 -7.89
C ARG K 160 2.57 -52.76 -8.63
N THR K 161 1.87 -51.93 -7.88
CA THR K 161 0.71 -51.15 -8.34
C THR K 161 1.10 -49.83 -9.01
N GLN K 162 0.38 -49.45 -10.07
CA GLN K 162 0.68 -48.17 -10.72
C GLN K 162 0.76 -47.10 -9.63
N LYS K 163 -0.17 -47.14 -8.70
CA LYS K 163 -0.19 -46.18 -7.62
C LYS K 163 1.07 -46.22 -6.75
N GLU K 164 1.51 -47.42 -6.39
CA GLU K 164 2.71 -47.62 -5.56
C GLU K 164 3.94 -47.01 -6.23
N ILE K 165 4.16 -47.42 -7.47
CA ILE K 165 5.26 -46.93 -8.25
C ILE K 165 5.17 -45.43 -8.39
N GLY K 166 3.98 -44.95 -8.76
CA GLY K 166 3.77 -43.52 -8.91
C GLY K 166 4.11 -42.72 -7.66
N ASP K 167 3.71 -43.21 -6.49
CA ASP K 167 4.05 -42.48 -5.27
C ASP K 167 5.56 -42.40 -5.05
N ILE K 168 6.27 -43.48 -5.34
CA ILE K 168 7.70 -43.51 -5.14
C ILE K 168 8.42 -42.70 -6.23
N ALA K 169 8.00 -42.87 -7.48
CA ALA K 169 8.64 -42.12 -8.57
C ALA K 169 8.16 -40.66 -8.64
N GLY K 170 7.03 -40.38 -8.01
CA GLY K 170 6.53 -39.02 -8.02
C GLY K 170 5.87 -38.65 -9.34
N VAL K 171 5.19 -39.60 -9.97
CA VAL K 171 4.49 -39.34 -11.22
C VAL K 171 3.10 -39.90 -11.05
N ALA K 172 2.14 -39.31 -11.76
CA ALA K 172 0.74 -39.73 -11.66
C ALA K 172 0.59 -41.02 -12.43
N ASP K 173 -0.28 -41.90 -11.97
CA ASP K 173 -0.42 -43.17 -12.62
C ASP K 173 -0.90 -43.12 -14.06
N VAL K 174 -1.53 -42.02 -14.46
CA VAL K 174 -1.97 -41.94 -15.85
C VAL K 174 -0.69 -41.70 -16.65
N THR K 175 0.23 -40.95 -16.05
CA THR K 175 1.47 -40.66 -16.72
C THR K 175 2.15 -42.02 -16.96
N ILE K 176 2.05 -42.92 -15.97
CA ILE K 176 2.65 -44.24 -16.11
C ILE K 176 1.96 -45.00 -17.18
N ARG K 177 0.63 -44.97 -17.17
CA ARG K 177 -0.17 -45.68 -18.17
C ARG K 177 0.18 -45.23 -19.58
N GLN K 178 0.45 -43.95 -19.76
CA GLN K 178 0.79 -43.42 -21.07
C GLN K 178 2.07 -44.02 -21.62
N SER K 179 3.14 -43.97 -20.84
CA SER K 179 4.42 -44.54 -21.31
C SER K 179 4.33 -46.06 -21.45
N TYR K 180 3.63 -46.67 -20.51
CA TYR K 180 3.44 -48.10 -20.54
C TYR K 180 2.76 -48.53 -21.83
N ARG K 181 1.73 -47.79 -22.21
CA ARG K 181 0.98 -48.08 -23.44
C ARG K 181 1.88 -48.05 -24.64
N LEU K 182 2.91 -47.20 -24.60
CA LEU K 182 3.84 -47.07 -25.70
C LEU K 182 4.89 -48.16 -25.80
N ILE K 183 5.28 -48.71 -24.66
CA ILE K 183 6.28 -49.77 -24.65
C ILE K 183 5.64 -51.15 -24.74
N TYR K 184 4.40 -51.26 -24.28
CA TYR K 184 3.68 -52.53 -24.31
C TYR K 184 3.70 -53.29 -25.63
N PRO K 185 3.56 -52.60 -26.76
CA PRO K 185 3.58 -53.28 -28.06
C PRO K 185 4.86 -54.06 -28.37
N ARG K 186 5.95 -53.75 -27.69
CA ARG K 186 7.24 -54.41 -27.93
C ARG K 186 7.77 -55.17 -26.69
N ALA K 187 6.87 -55.42 -25.73
CA ALA K 187 7.22 -56.11 -24.49
C ALA K 187 8.18 -57.29 -24.68
N PRO K 188 7.89 -58.17 -25.64
CA PRO K 188 8.80 -59.31 -25.84
C PRO K 188 10.22 -58.89 -26.15
N ASP K 189 10.42 -57.93 -27.04
CA ASP K 189 11.76 -57.46 -27.38
C ASP K 189 12.41 -56.62 -26.28
N LEU K 190 11.63 -56.23 -25.28
CA LEU K 190 12.19 -55.37 -24.25
C LEU K 190 12.78 -56.05 -23.02
N PHE K 191 12.26 -57.22 -22.65
CA PHE K 191 12.82 -57.92 -21.48
C PHE K 191 14.20 -58.53 -21.78
N PRO K 192 14.99 -58.78 -20.72
CA PRO K 192 16.31 -59.37 -20.91
C PRO K 192 16.05 -60.78 -21.42
N THR K 193 16.83 -61.21 -22.41
CA THR K 193 16.66 -62.53 -23.00
C THR K 193 16.52 -63.70 -22.03
N ASP K 194 17.24 -63.69 -20.92
CA ASP K 194 17.08 -64.80 -19.99
C ASP K 194 16.26 -64.35 -18.79
N PHE K 195 14.95 -64.16 -18.99
CA PHE K 195 14.09 -63.69 -17.90
C PHE K 195 13.05 -64.70 -17.44
N LYS K 196 12.94 -64.81 -16.12
CA LYS K 196 12.01 -65.73 -15.49
C LYS K 196 10.62 -65.14 -15.35
N PHE K 197 9.82 -65.30 -16.39
CA PHE K 197 8.46 -64.76 -16.40
C PHE K 197 7.46 -65.33 -15.42
N ASP K 198 7.31 -64.69 -14.26
CA ASP K 198 6.31 -65.14 -13.31
C ASP K 198 4.97 -65.12 -14.08
N THR K 199 4.71 -64.01 -14.77
CA THR K 199 3.52 -63.88 -15.60
C THR K 199 4.04 -63.81 -17.03
N PRO K 200 3.48 -64.63 -17.94
CA PRO K 200 3.96 -64.57 -19.32
C PRO K 200 3.82 -63.20 -19.96
N VAL K 201 4.73 -62.86 -20.87
CA VAL K 201 4.71 -61.57 -21.55
C VAL K 201 3.32 -61.17 -22.04
N ASP K 202 2.54 -62.15 -22.50
CA ASP K 202 1.18 -61.92 -22.99
C ASP K 202 0.19 -61.50 -21.91
N LYS K 203 -0.01 -62.37 -20.94
CA LYS K 203 -0.93 -62.11 -19.85
C LYS K 203 -0.61 -60.81 -19.06
N LEU K 204 0.35 -60.05 -19.56
CA LEU K 204 0.74 -58.78 -18.93
C LEU K 204 -0.42 -57.78 -19.05
N PRO K 205 -0.59 -56.90 -18.03
CA PRO K 205 -1.66 -55.92 -18.03
C PRO K 205 -1.82 -55.26 -19.40
N GLN K 206 -3.04 -55.27 -19.93
CA GLN K 206 -3.27 -54.68 -21.25
C GLN K 206 -4.03 -53.36 -21.18
N LEU K 207 -3.41 -52.38 -20.52
CA LEU K 207 -3.96 -51.03 -20.38
C LEU K 207 -4.28 -50.43 -21.74
N GLY L 1 20.44 -21.87 -47.67
CA GLY L 1 18.99 -21.61 -47.36
C GLY L 1 18.24 -22.83 -46.83
N SER L 2 17.41 -22.60 -45.81
CA SER L 2 16.62 -23.67 -45.23
C SER L 2 15.48 -23.98 -46.17
N GLY L 3 15.03 -22.95 -46.85
CA GLY L 3 13.93 -23.11 -47.77
C GLY L 3 12.62 -23.16 -47.01
N ILE L 4 12.67 -22.74 -45.75
CA ILE L 4 11.49 -22.73 -44.90
C ILE L 4 11.24 -21.32 -44.36
N VAL L 5 10.02 -20.81 -44.48
CA VAL L 5 9.80 -19.49 -43.92
C VAL L 5 8.97 -19.60 -42.66
N PRO L 6 9.49 -19.14 -41.52
CA PRO L 6 8.70 -19.21 -40.30
C PRO L 6 7.52 -18.26 -40.34
N GLN L 7 6.35 -18.75 -39.92
CA GLN L 7 5.13 -18.00 -39.91
C GLN L 7 4.92 -17.15 -38.67
N LEU L 8 4.63 -15.87 -38.87
CA LEU L 8 4.39 -14.95 -37.73
C LEU L 8 3.07 -15.34 -37.09
N GLN L 9 3.08 -15.48 -35.77
CA GLN L 9 1.88 -15.91 -35.06
C GLN L 9 1.29 -14.90 -34.11
N ASN L 10 2.13 -14.01 -33.60
CA ASN L 10 1.67 -13.03 -32.63
C ASN L 10 2.58 -11.84 -32.61
N ILE L 11 2.00 -10.66 -32.53
CA ILE L 11 2.73 -9.40 -32.44
C ILE L 11 2.16 -8.61 -31.28
N VAL L 12 3.04 -7.99 -30.51
CA VAL L 12 2.69 -7.19 -29.36
C VAL L 12 3.26 -5.80 -29.60
N SER L 13 2.38 -4.82 -29.61
CA SER L 13 2.78 -3.45 -29.86
C SER L 13 2.16 -2.52 -28.83
N THR L 14 2.78 -1.36 -28.66
CA THR L 14 2.28 -0.34 -27.79
C THR L 14 2.11 0.96 -28.55
N VAL L 15 1.20 1.79 -28.05
CA VAL L 15 0.96 3.11 -28.62
C VAL L 15 0.42 3.95 -27.48
N ASN L 16 0.76 5.23 -27.49
CA ASN L 16 0.31 6.20 -26.49
C ASN L 16 -0.80 7.11 -26.97
N LEU L 17 -1.98 7.03 -26.36
CA LEU L 17 -3.09 7.89 -26.77
C LEU L 17 -2.89 9.36 -26.39
N GLY L 18 -1.90 9.64 -25.55
CA GLY L 18 -1.62 11.02 -25.19
C GLY L 18 -2.44 11.67 -24.09
N CYS L 19 -3.71 11.30 -23.98
CA CYS L 19 -4.56 11.89 -22.95
C CYS L 19 -4.90 10.87 -21.90
N LYS L 20 -5.07 11.29 -20.66
CA LYS L 20 -5.43 10.36 -19.60
C LYS L 20 -6.83 9.86 -19.86
N LEU L 21 -7.16 8.70 -19.34
CA LEU L 21 -8.46 8.12 -19.58
C LEU L 21 -9.21 7.70 -18.34
N ASP L 22 -10.49 7.37 -18.53
CA ASP L 22 -11.33 6.92 -17.46
C ASP L 22 -11.90 5.57 -17.83
N LEU L 23 -11.23 4.52 -17.37
CA LEU L 23 -11.59 3.15 -17.68
C LEU L 23 -13.05 2.80 -17.42
N LYS L 24 -13.59 3.33 -16.33
CA LYS L 24 -14.97 3.06 -15.93
C LYS L 24 -15.93 3.45 -17.03
N THR L 25 -15.82 4.69 -17.51
CA THR L 25 -16.69 5.16 -18.60
C THR L 25 -16.52 4.32 -19.85
N ILE L 26 -15.27 4.18 -20.31
CA ILE L 26 -14.93 3.37 -21.46
C ILE L 26 -15.56 2.00 -21.36
N ALA L 27 -15.30 1.32 -20.26
CA ALA L 27 -15.84 -0.01 -20.02
C ALA L 27 -17.33 -0.04 -20.21
N LEU L 28 -17.99 0.95 -19.62
CA LEU L 28 -19.43 1.10 -19.67
C LEU L 28 -19.96 1.32 -21.07
N ARG L 29 -19.53 2.42 -21.69
CA ARG L 29 -19.98 2.74 -23.03
C ARG L 29 -19.51 1.76 -24.10
N ALA L 30 -18.23 1.47 -24.15
CA ALA L 30 -17.73 0.54 -25.16
C ALA L 30 -18.35 -0.86 -25.03
N ARG L 31 -18.71 -1.44 -26.16
CA ARG L 31 -19.34 -2.76 -26.24
C ARG L 31 -18.43 -3.90 -25.83
N ASN L 32 -17.45 -4.15 -26.68
CA ASN L 32 -16.54 -5.23 -26.40
C ASN L 32 -15.45 -4.90 -25.41
N ALA L 33 -15.78 -4.08 -24.42
CA ALA L 33 -14.84 -3.75 -23.38
C ALA L 33 -15.09 -4.69 -22.20
N GLU L 34 -14.32 -4.51 -21.14
CA GLU L 34 -14.38 -5.34 -19.95
C GLU L 34 -13.43 -4.66 -18.97
N TYR L 35 -13.86 -4.48 -17.73
CA TYR L 35 -13.03 -3.80 -16.74
C TYR L 35 -13.29 -4.20 -15.30
N ASN L 36 -12.37 -4.94 -14.71
CA ASN L 36 -12.51 -5.32 -13.31
C ASN L 36 -11.23 -4.99 -12.59
N PRO L 37 -11.08 -3.74 -12.18
CA PRO L 37 -9.90 -3.23 -11.48
C PRO L 37 -9.43 -4.10 -10.32
N LYS L 38 -10.36 -4.87 -9.76
CA LYS L 38 -10.01 -5.76 -8.67
C LYS L 38 -9.10 -6.85 -9.25
N ARG L 39 -9.45 -7.28 -10.47
CA ARG L 39 -8.72 -8.31 -11.18
C ARG L 39 -7.49 -7.78 -11.94
N PHE L 40 -7.67 -6.73 -12.73
CA PHE L 40 -6.59 -6.15 -13.51
C PHE L 40 -6.83 -4.65 -13.73
N ALA L 41 -5.76 -3.86 -13.58
CA ALA L 41 -5.82 -2.41 -13.69
C ALA L 41 -6.05 -1.78 -15.05
N ALA L 42 -6.44 -2.57 -16.05
CA ALA L 42 -6.69 -1.98 -17.37
C ALA L 42 -7.93 -2.50 -18.03
N VAL L 43 -8.42 -1.77 -19.02
CA VAL L 43 -9.59 -2.21 -19.78
C VAL L 43 -9.14 -3.22 -20.84
N ILE L 44 -9.89 -4.29 -20.99
CA ILE L 44 -9.57 -5.30 -21.98
C ILE L 44 -10.60 -5.16 -23.11
N MET L 45 -10.15 -4.79 -24.30
CA MET L 45 -11.05 -4.62 -25.43
C MET L 45 -10.69 -5.55 -26.56
N ARG L 46 -11.66 -5.90 -27.38
CA ARG L 46 -11.40 -6.80 -28.48
C ARG L 46 -12.14 -6.49 -29.76
N ILE L 47 -11.40 -6.34 -30.87
CA ILE L 47 -12.02 -6.14 -32.18
C ILE L 47 -11.86 -7.47 -32.91
N ARG L 48 -12.76 -7.78 -33.82
CA ARG L 48 -12.70 -9.02 -34.56
C ARG L 48 -11.92 -9.00 -35.84
N GLU L 49 -11.57 -7.81 -36.28
CA GLU L 49 -10.84 -7.66 -37.50
C GLU L 49 -10.06 -6.36 -37.50
N PRO L 50 -8.72 -6.41 -37.33
CA PRO L 50 -7.81 -7.54 -37.10
C PRO L 50 -8.11 -8.26 -35.77
N ARG L 51 -8.28 -9.58 -35.79
CA ARG L 51 -8.58 -10.32 -34.56
C ARG L 51 -7.49 -10.00 -33.54
N THR L 52 -7.87 -9.23 -32.54
CA THR L 52 -6.93 -8.74 -31.59
C THR L 52 -7.57 -8.52 -30.21
N THR L 53 -6.75 -8.17 -29.22
CA THR L 53 -7.21 -7.87 -27.90
C THR L 53 -6.32 -6.75 -27.42
N ALA L 54 -6.89 -5.73 -26.81
CA ALA L 54 -6.07 -4.62 -26.31
C ALA L 54 -6.17 -4.39 -24.80
N LEU L 55 -5.13 -3.80 -24.27
CA LEU L 55 -5.07 -3.49 -22.86
C LEU L 55 -4.94 -1.98 -22.78
N ILE L 56 -5.99 -1.32 -22.31
CA ILE L 56 -5.97 0.12 -22.21
C ILE L 56 -5.85 0.57 -20.76
N PHE L 57 -4.82 1.38 -20.52
CA PHE L 57 -4.53 1.92 -19.21
C PHE L 57 -4.96 3.37 -19.07
N SER L 58 -5.37 3.73 -17.86
CA SER L 58 -5.82 5.09 -17.56
C SER L 58 -4.76 6.12 -17.84
N SER L 59 -3.52 5.69 -18.01
CA SER L 59 -2.43 6.60 -18.30
C SER L 59 -2.54 7.08 -19.74
N GLY L 60 -3.29 6.35 -20.54
CA GLY L 60 -3.43 6.70 -21.94
C GLY L 60 -2.65 5.76 -22.86
N LYS L 61 -1.75 4.96 -22.28
CA LYS L 61 -0.95 4.02 -23.04
C LYS L 61 -1.71 2.72 -23.19
N MET L 62 -1.55 2.05 -24.31
CA MET L 62 -2.23 0.78 -24.50
C MET L 62 -1.33 -0.27 -25.15
N VAL L 63 -1.73 -1.53 -25.04
CA VAL L 63 -0.98 -2.63 -25.58
C VAL L 63 -1.84 -3.39 -26.55
N CYS L 64 -1.32 -3.66 -27.75
CA CYS L 64 -2.10 -4.40 -28.74
C CYS L 64 -1.50 -5.78 -28.87
N THR L 65 -2.33 -6.81 -28.81
CA THR L 65 -1.85 -8.18 -28.87
C THR L 65 -2.67 -9.03 -29.84
N GLY L 66 -2.05 -10.06 -30.43
CA GLY L 66 -2.77 -10.94 -31.34
C GLY L 66 -2.61 -10.82 -32.86
N ALA L 67 -2.16 -9.66 -33.32
CA ALA L 67 -1.99 -9.50 -34.77
C ALA L 67 -0.93 -10.46 -35.32
N LYS L 68 -1.10 -10.86 -36.58
CA LYS L 68 -0.13 -11.75 -37.19
C LYS L 68 0.79 -11.02 -38.17
N SER L 69 0.80 -9.70 -38.08
CA SER L 69 1.66 -8.88 -38.95
C SER L 69 1.78 -7.48 -38.40
N GLU L 70 2.90 -6.84 -38.68
CA GLU L 70 3.15 -5.47 -38.18
C GLU L 70 2.10 -4.44 -38.64
N GLU L 71 1.74 -4.56 -39.90
CA GLU L 71 0.73 -3.78 -40.61
C GLU L 71 -0.62 -3.95 -39.90
N GLN L 72 -0.99 -5.21 -39.68
CA GLN L 72 -2.23 -5.55 -39.00
C GLN L 72 -2.24 -5.13 -37.53
N SER L 73 -1.10 -5.19 -36.84
CA SER L 73 -1.07 -4.81 -35.46
C SER L 73 -1.29 -3.30 -35.36
N ARG L 74 -0.71 -2.55 -36.29
CA ARG L 74 -0.84 -1.09 -36.30
C ARG L 74 -2.26 -0.69 -36.68
N LEU L 75 -2.87 -1.45 -37.59
CA LEU L 75 -4.20 -1.14 -38.03
C LEU L 75 -5.14 -1.30 -36.85
N ALA L 76 -5.05 -2.44 -36.17
CA ALA L 76 -5.89 -2.70 -35.02
C ALA L 76 -5.64 -1.62 -33.98
N ALA L 77 -4.37 -1.32 -33.73
CA ALA L 77 -4.01 -0.31 -32.76
C ALA L 77 -4.75 1.02 -33.01
N ARG L 78 -4.90 1.39 -34.28
CA ARG L 78 -5.57 2.61 -34.66
C ARG L 78 -7.07 2.46 -34.44
N LYS L 79 -7.63 1.32 -34.78
CA LYS L 79 -9.05 1.12 -34.57
C LYS L 79 -9.40 1.27 -33.09
N TYR L 80 -8.53 0.76 -32.21
CA TYR L 80 -8.70 0.87 -30.77
C TYR L 80 -8.67 2.35 -30.39
N ALA L 81 -7.68 3.05 -30.88
CA ALA L 81 -7.55 4.46 -30.58
C ALA L 81 -8.79 5.19 -31.03
N ARG L 82 -9.41 4.74 -32.11
CA ARG L 82 -10.58 5.41 -32.59
C ARG L 82 -11.72 5.25 -31.60
N VAL L 83 -12.13 4.02 -31.24
CA VAL L 83 -13.23 3.90 -30.33
C VAL L 83 -13.03 4.76 -29.09
N VAL L 84 -11.80 4.88 -28.62
CA VAL L 84 -11.56 5.72 -27.46
C VAL L 84 -11.87 7.16 -27.85
N GLN L 85 -11.38 7.60 -29.00
CA GLN L 85 -11.61 8.94 -29.51
C GLN L 85 -13.12 9.18 -29.60
N LYS L 86 -13.80 8.27 -30.28
CA LYS L 86 -15.24 8.37 -30.46
C LYS L 86 -16.05 8.41 -29.19
N LEU L 87 -15.44 8.03 -28.08
CA LEU L 87 -16.15 8.08 -26.80
C LEU L 87 -15.81 9.39 -26.14
N GLY L 88 -15.22 10.28 -26.95
CA GLY L 88 -14.90 11.60 -26.47
C GLY L 88 -13.63 11.81 -25.71
N PHE L 89 -12.49 11.38 -26.24
CA PHE L 89 -11.24 11.65 -25.55
C PHE L 89 -10.25 12.18 -26.55
N PRO L 90 -9.41 13.12 -26.12
CA PRO L 90 -8.39 13.75 -26.97
C PRO L 90 -7.34 12.76 -27.41
N ALA L 91 -7.79 11.59 -27.85
CA ALA L 91 -6.90 10.52 -28.27
C ALA L 91 -6.02 10.82 -29.47
N LYS L 92 -4.72 10.62 -29.27
CA LYS L 92 -3.72 10.80 -30.30
C LYS L 92 -3.24 9.36 -30.68
N PHE L 93 -2.07 9.24 -31.28
CA PHE L 93 -1.48 7.95 -31.68
C PHE L 93 0.01 8.16 -31.72
N LEU L 94 0.58 8.47 -30.56
CA LEU L 94 1.99 8.70 -30.43
C LEU L 94 2.84 7.47 -30.21
N ASP L 95 4.06 7.51 -30.73
CA ASP L 95 5.05 6.44 -30.61
C ASP L 95 4.59 5.02 -30.76
N PHE L 96 3.86 4.70 -31.82
CA PHE L 96 3.47 3.32 -32.00
C PHE L 96 4.74 2.51 -32.17
N LYS L 97 4.81 1.35 -31.52
CA LYS L 97 6.02 0.55 -31.62
C LYS L 97 5.77 -0.94 -31.46
N ILE L 98 6.44 -1.74 -32.28
CA ILE L 98 6.33 -3.17 -32.16
C ILE L 98 7.28 -3.53 -31.01
N GLN L 99 6.77 -4.28 -30.04
CA GLN L 99 7.57 -4.64 -28.88
C GLN L 99 8.09 -6.11 -28.88
N ASN L 100 7.33 -7.01 -29.46
CA ASN L 100 7.72 -8.37 -29.54
C ASN L 100 6.98 -9.05 -30.69
N MET L 101 7.64 -10.00 -31.35
CA MET L 101 7.04 -10.76 -32.44
C MET L 101 7.30 -12.22 -32.16
N VAL L 102 6.35 -13.10 -32.45
CA VAL L 102 6.48 -14.53 -32.23
C VAL L 102 6.33 -15.29 -33.58
N GLY L 103 7.23 -16.24 -33.84
CA GLY L 103 7.10 -17.00 -35.07
C GLY L 103 7.15 -18.49 -34.80
N SER L 104 6.73 -19.31 -35.74
CA SER L 104 6.79 -20.73 -35.51
C SER L 104 6.90 -21.43 -36.85
N CYS L 105 7.43 -22.65 -36.84
CA CYS L 105 7.55 -23.45 -38.07
C CYS L 105 7.93 -24.86 -37.79
N ASP L 106 7.94 -25.66 -38.83
CA ASP L 106 8.23 -27.08 -38.73
C ASP L 106 9.39 -27.47 -39.64
N VAL L 107 10.52 -27.91 -39.08
CA VAL L 107 11.68 -28.31 -39.93
C VAL L 107 11.37 -29.61 -40.64
N LYS L 108 10.23 -30.21 -40.30
CA LYS L 108 9.75 -31.42 -40.91
C LYS L 108 10.44 -32.75 -40.63
N PHE L 109 11.25 -32.83 -39.57
CA PHE L 109 11.87 -34.10 -39.24
C PHE L 109 12.10 -34.09 -37.71
N PRO L 110 12.04 -35.26 -37.05
CA PRO L 110 12.26 -35.33 -35.60
C PRO L 110 13.66 -34.93 -35.18
N ILE L 111 13.74 -34.31 -34.01
CA ILE L 111 14.99 -33.83 -33.50
C ILE L 111 15.48 -34.55 -32.24
N ARG L 112 16.78 -34.79 -32.17
CA ARG L 112 17.39 -35.45 -31.03
C ARG L 112 17.82 -34.43 -30.03
N LEU L 113 16.89 -33.95 -29.22
CA LEU L 113 17.21 -32.93 -28.22
C LEU L 113 18.38 -33.32 -27.30
N GLU L 114 18.46 -34.61 -26.99
CA GLU L 114 19.54 -35.15 -26.15
C GLU L 114 20.86 -34.76 -26.70
N GLY L 115 21.00 -34.92 -28.00
CA GLY L 115 22.24 -34.56 -28.67
C GLY L 115 22.48 -33.06 -28.71
N LEU L 116 21.48 -32.29 -29.13
CA LEU L 116 21.60 -30.86 -29.19
C LEU L 116 21.98 -30.24 -27.87
N VAL L 117 21.48 -30.78 -26.78
CA VAL L 117 21.79 -30.19 -25.47
C VAL L 117 23.23 -30.48 -25.04
N LEU L 118 23.75 -31.61 -25.54
CA LEU L 118 25.10 -32.07 -25.30
C LEU L 118 26.12 -31.10 -25.92
N THR L 119 26.02 -30.87 -27.22
CA THR L 119 26.95 -29.96 -27.87
C THR L 119 26.62 -28.48 -27.66
N HIS L 120 25.37 -28.15 -27.32
CA HIS L 120 25.01 -26.74 -27.13
C HIS L 120 24.63 -26.30 -25.72
N GLN L 121 25.06 -27.03 -24.71
CA GLN L 121 24.75 -26.69 -23.32
C GLN L 121 24.82 -25.20 -23.05
N GLN L 122 25.78 -24.55 -23.67
CA GLN L 122 26.01 -23.12 -23.50
C GLN L 122 24.76 -22.24 -23.71
N PHE L 123 23.90 -22.65 -24.62
CA PHE L 123 22.71 -21.89 -24.95
C PHE L 123 21.42 -22.66 -24.63
N SER L 124 21.56 -23.94 -24.35
CA SER L 124 20.41 -24.78 -24.09
C SER L 124 20.04 -25.04 -22.65
N SER L 125 18.80 -25.47 -22.49
CA SER L 125 18.22 -25.88 -21.23
C SER L 125 17.18 -26.87 -21.64
N TYR L 126 17.37 -28.12 -21.28
CA TYR L 126 16.45 -29.17 -21.64
C TYR L 126 16.20 -30.05 -20.40
N GLU L 127 15.18 -29.72 -19.63
CA GLU L 127 14.87 -30.46 -18.45
C GLU L 127 13.46 -31.00 -18.53
N PRO L 128 13.31 -32.27 -18.92
CA PRO L 128 11.99 -32.91 -19.04
C PRO L 128 11.03 -32.72 -17.87
N GLU L 129 11.55 -32.55 -16.67
CA GLU L 129 10.69 -32.38 -15.52
C GLU L 129 10.10 -30.96 -15.47
N LEU L 130 10.74 -30.03 -16.18
CA LEU L 130 10.32 -28.63 -16.21
C LEU L 130 9.54 -28.22 -17.46
N PHE L 131 9.87 -28.75 -18.64
CA PHE L 131 9.19 -28.37 -19.89
C PHE L 131 9.61 -29.37 -20.93
N PRO L 132 8.67 -29.89 -21.73
CA PRO L 132 9.02 -30.88 -22.74
C PRO L 132 9.86 -30.40 -23.92
N GLY L 133 10.08 -29.11 -24.01
CA GLY L 133 10.85 -28.60 -25.11
C GLY L 133 12.19 -28.04 -24.67
N LEU L 134 13.17 -28.05 -25.59
CA LEU L 134 14.48 -27.51 -25.32
C LEU L 134 14.41 -26.00 -25.50
N ILE L 135 14.92 -25.27 -24.51
CA ILE L 135 14.93 -23.82 -24.58
C ILE L 135 16.29 -23.28 -25.05
N TYR L 136 16.33 -22.72 -26.26
CA TYR L 136 17.57 -22.18 -26.86
C TYR L 136 17.65 -20.66 -26.84
N ARG L 137 18.62 -20.13 -26.11
CA ARG L 137 18.77 -18.69 -26.05
C ARG L 137 19.92 -18.26 -26.93
N MET L 138 19.58 -17.91 -28.17
CA MET L 138 20.56 -17.47 -29.16
C MET L 138 21.05 -16.07 -28.80
N ILE L 139 22.34 -15.83 -28.99
CA ILE L 139 22.91 -14.53 -28.63
C ILE L 139 22.85 -13.51 -29.76
N LYS L 140 23.09 -13.99 -30.96
CA LYS L 140 23.07 -13.15 -32.15
C LYS L 140 22.26 -13.91 -33.17
N PRO L 141 21.00 -13.51 -33.42
CA PRO L 141 20.17 -12.43 -32.86
C PRO L 141 19.68 -12.84 -31.48
N ARG L 142 19.37 -11.85 -30.64
CA ARG L 142 18.88 -12.14 -29.30
C ARG L 142 17.45 -12.64 -29.38
N ILE L 143 17.30 -13.91 -29.68
CA ILE L 143 16.02 -14.56 -29.81
C ILE L 143 16.03 -15.85 -28.99
N VAL L 144 14.88 -16.24 -28.43
CA VAL L 144 14.76 -17.46 -27.69
C VAL L 144 13.94 -18.39 -28.52
N LEU L 145 14.40 -19.62 -28.72
CA LEU L 145 13.65 -20.61 -29.48
C LEU L 145 13.24 -21.76 -28.57
N LEU L 146 12.12 -22.38 -28.89
CA LEU L 146 11.61 -23.52 -28.17
C LEU L 146 11.64 -24.65 -29.21
N ILE L 147 12.47 -25.67 -28.96
CA ILE L 147 12.61 -26.78 -29.87
C ILE L 147 12.05 -28.08 -29.31
N PHE L 148 11.23 -28.75 -30.09
CA PHE L 148 10.55 -29.97 -29.69
C PHE L 148 10.97 -31.16 -30.53
N VAL L 149 10.92 -32.35 -29.94
CA VAL L 149 11.38 -33.54 -30.64
C VAL L 149 10.58 -33.76 -31.92
N SER L 150 9.43 -33.15 -32.02
CA SER L 150 8.61 -33.36 -33.21
C SER L 150 9.17 -32.60 -34.39
N GLY L 151 10.01 -31.61 -34.15
CA GLY L 151 10.53 -30.85 -35.27
C GLY L 151 9.90 -29.48 -35.32
N LYS L 152 8.87 -29.25 -34.49
CA LYS L 152 8.22 -27.95 -34.40
C LYS L 152 9.16 -26.99 -33.68
N VAL L 153 9.17 -25.74 -34.11
CA VAL L 153 10.02 -24.73 -33.48
C VAL L 153 9.23 -23.44 -33.28
N VAL L 154 9.42 -22.79 -32.14
CA VAL L 154 8.78 -21.52 -31.84
C VAL L 154 9.90 -20.52 -31.60
N LEU L 155 9.74 -19.29 -32.10
CA LEU L 155 10.77 -18.27 -31.91
C LEU L 155 10.11 -17.00 -31.37
N THR L 156 10.75 -16.35 -30.40
CA THR L 156 10.19 -15.15 -29.84
C THR L 156 11.25 -14.20 -29.30
N GLY L 157 10.82 -12.99 -28.97
CA GLY L 157 11.74 -12.00 -28.46
C GLY L 157 12.17 -11.01 -29.54
N ALA L 158 11.63 -11.17 -30.74
CA ALA L 158 11.99 -10.32 -31.85
C ALA L 158 11.36 -8.93 -31.83
N LYS L 159 12.15 -7.94 -32.24
CA LYS L 159 11.69 -6.55 -32.32
C LYS L 159 11.27 -6.33 -33.78
N VAL L 160 11.90 -7.09 -34.69
CA VAL L 160 11.62 -6.97 -36.10
C VAL L 160 11.63 -8.33 -36.77
N ARG L 161 10.78 -8.48 -37.76
CA ARG L 161 10.64 -9.68 -38.55
C ARG L 161 11.98 -10.34 -38.95
N ALA L 162 12.96 -9.54 -39.27
CA ALA L 162 14.23 -10.10 -39.71
C ALA L 162 14.88 -10.98 -38.66
N GLU L 163 14.81 -10.57 -37.40
CA GLU L 163 15.37 -11.31 -36.31
C GLU L 163 14.79 -12.73 -36.24
N ILE L 164 13.51 -12.86 -36.52
CA ILE L 164 12.90 -14.17 -36.49
C ILE L 164 13.52 -15.03 -37.58
N TYR L 165 13.56 -14.50 -38.79
CA TYR L 165 14.09 -15.21 -39.95
C TYR L 165 15.56 -15.58 -39.76
N GLU L 166 16.33 -14.62 -39.29
CA GLU L 166 17.74 -14.81 -39.08
C GLU L 166 17.97 -15.96 -38.07
N ALA L 167 17.34 -15.89 -36.91
CA ALA L 167 17.49 -16.94 -35.91
C ALA L 167 17.14 -18.30 -36.46
N PHE L 168 16.14 -18.38 -37.31
CA PHE L 168 15.79 -19.71 -37.80
C PHE L 168 16.84 -20.24 -38.77
N GLU L 169 17.41 -19.36 -39.55
CA GLU L 169 18.45 -19.76 -40.49
C GLU L 169 19.70 -20.25 -39.68
N ASN L 170 20.03 -19.55 -38.61
CA ASN L 170 21.12 -19.92 -37.74
C ASN L 170 20.91 -21.28 -37.10
N ILE L 171 19.67 -21.59 -36.72
CA ILE L 171 19.39 -22.84 -36.02
C ILE L 171 19.14 -24.04 -36.90
N TYR L 172 18.65 -23.80 -38.11
CA TYR L 172 18.36 -24.90 -39.03
C TYR L 172 19.51 -25.88 -39.24
N PRO L 173 20.70 -25.37 -39.57
CA PRO L 173 21.84 -26.26 -39.79
C PRO L 173 22.07 -27.13 -38.53
N ILE L 174 22.14 -26.48 -37.38
CA ILE L 174 22.32 -27.16 -36.11
C ILE L 174 21.29 -28.27 -35.96
N LEU L 175 20.03 -27.94 -36.15
CA LEU L 175 18.98 -28.93 -36.01
C LEU L 175 19.15 -30.09 -36.95
N LYS L 176 19.50 -29.79 -38.20
CA LYS L 176 19.68 -30.84 -39.22
C LYS L 176 20.72 -31.85 -38.74
N GLY L 177 21.73 -31.32 -38.07
CA GLY L 177 22.78 -32.18 -37.55
C GLY L 177 22.31 -33.08 -36.42
N PHE L 178 21.07 -32.93 -35.98
CA PHE L 178 20.57 -33.74 -34.91
C PHE L 178 19.28 -34.46 -35.25
N ARG L 179 19.03 -34.59 -36.53
CA ARG L 179 17.86 -35.28 -37.05
C ARG L 179 17.85 -36.74 -36.58
N LYS L 180 16.68 -37.26 -36.22
CA LYS L 180 16.54 -38.68 -35.79
C LYS L 180 16.30 -39.39 -37.12
N SER M 1 17.45 38.13 28.43
CA SER M 1 17.66 37.00 27.47
C SER M 1 16.58 35.94 27.63
N ASP M 2 16.06 35.84 28.85
CA ASP M 2 15.02 34.89 29.20
C ASP M 2 13.77 35.14 28.41
N ARG M 3 13.52 36.39 28.06
CA ARG M 3 12.35 36.67 27.26
C ARG M 3 12.61 36.22 25.81
N ALA M 4 13.37 35.12 25.72
CA ALA M 4 13.73 34.39 24.49
C ALA M 4 12.63 33.32 24.42
N MET M 5 11.77 33.33 25.43
CA MET M 5 10.66 32.40 25.47
C MET M 5 9.68 32.86 24.44
N MET M 6 9.72 34.17 24.19
CA MET M 6 8.87 34.78 23.21
C MET M 6 9.17 34.10 21.88
N ASN M 7 10.46 33.94 21.58
CA ASN M 7 10.85 33.27 20.34
C ASN M 7 10.41 31.82 20.36
N ALA M 8 10.57 31.17 21.51
CA ALA M 8 10.16 29.76 21.63
C ALA M 8 8.64 29.61 21.43
N PHE M 9 7.88 30.51 22.00
CA PHE M 9 6.44 30.46 21.86
C PHE M 9 6.05 30.65 20.39
N LYS M 10 6.80 31.53 19.71
CA LYS M 10 6.55 31.79 18.31
C LYS M 10 6.84 30.53 17.53
N GLU M 11 7.98 29.95 17.78
CA GLU M 11 8.37 28.73 17.11
C GLU M 11 7.38 27.62 17.40
N ILE M 12 6.95 27.52 18.66
CA ILE M 12 5.98 26.51 19.06
C ILE M 12 4.69 26.69 18.24
N THR M 13 4.25 27.93 18.19
CA THR M 13 3.05 28.25 17.45
C THR M 13 3.22 27.92 15.97
N THR M 14 4.35 28.26 15.37
CA THR M 14 4.44 27.94 13.96
C THR M 14 4.42 26.45 13.74
N MET M 15 5.15 25.67 14.54
CA MET M 15 5.12 24.20 14.37
C MET M 15 3.70 23.69 14.55
N ALA M 16 3.04 24.10 15.63
CA ALA M 16 1.68 23.67 15.93
C ALA M 16 0.76 23.91 14.73
N ASP M 17 0.86 25.12 14.17
CA ASP M 17 0.05 25.49 13.02
C ASP M 17 0.21 24.60 11.82
N ARG M 18 1.42 24.17 11.54
CA ARG M 18 1.66 23.30 10.40
C ARG M 18 0.86 22.02 10.43
N ILE M 19 0.35 21.65 11.58
CA ILE M 19 -0.50 20.47 11.67
C ILE M 19 -1.80 20.76 12.40
N ASN M 20 -2.13 22.06 12.49
CA ASN M 20 -3.35 22.54 13.12
C ASN M 20 -3.68 21.95 14.47
N LEU M 21 -2.86 22.23 15.45
CA LEU M 21 -3.12 21.67 16.74
C LEU M 21 -3.98 22.63 17.51
N PRO M 22 -4.97 22.10 18.23
CA PRO M 22 -5.87 22.91 19.02
C PRO M 22 -5.13 23.72 20.07
N ARG M 23 -5.74 24.82 20.50
CA ARG M 23 -5.13 25.71 21.46
C ARG M 23 -4.68 25.07 22.78
N ASN M 24 -5.42 24.11 23.32
CA ASN M 24 -5.03 23.49 24.58
C ASN M 24 -3.63 22.91 24.48
N ILE M 25 -3.35 22.29 23.34
CA ILE M 25 -2.06 21.71 23.08
C ILE M 25 -0.97 22.78 23.05
N VAL M 26 -1.18 23.84 22.30
CA VAL M 26 -0.23 24.92 22.22
C VAL M 26 0.06 25.48 23.61
N ASP M 27 -1.00 25.67 24.38
CA ASP M 27 -0.88 26.21 25.72
C ASP M 27 -0.03 25.33 26.61
N ARG M 28 -0.37 24.04 26.62
CA ARG M 28 0.37 23.04 27.40
C ARG M 28 1.83 23.10 27.02
N THR M 29 2.10 23.09 25.72
CA THR M 29 3.44 23.16 25.22
C THR M 29 4.21 24.36 25.79
N ASN M 30 3.60 25.53 25.75
CA ASN M 30 4.25 26.74 26.24
C ASN M 30 4.55 26.60 27.72
N ASN M 31 3.62 26.01 28.46
CA ASN M 31 3.79 25.82 29.88
C ASN M 31 4.97 24.92 30.19
N LEU M 32 4.99 23.78 29.50
CA LEU M 32 6.06 22.82 29.64
C LEU M 32 7.40 23.49 29.35
N PHE M 33 7.46 24.22 28.24
CA PHE M 33 8.70 24.88 27.90
C PHE M 33 9.11 25.88 28.94
N LYS M 34 8.18 26.73 29.39
CA LYS M 34 8.52 27.75 30.38
C LYS M 34 9.06 27.11 31.65
N GLN M 35 8.44 26.00 32.03
CA GLN M 35 8.84 25.24 33.21
C GLN M 35 10.28 24.74 33.07
N VAL M 36 10.54 23.95 32.04
CA VAL M 36 11.87 23.44 31.80
C VAL M 36 12.90 24.56 31.65
N TYR M 37 12.57 25.59 30.89
CA TYR M 37 13.48 26.70 30.67
C TYR M 37 13.89 27.39 31.96
N GLU M 38 12.92 27.86 32.74
CA GLU M 38 13.25 28.56 33.95
C GLU M 38 13.95 27.66 34.98
N GLN M 39 13.72 26.37 34.87
CA GLN M 39 14.35 25.43 35.77
C GLN M 39 15.84 25.26 35.40
N LYS M 40 16.18 25.54 34.14
CA LYS M 40 17.55 25.41 33.65
C LYS M 40 18.04 23.98 33.90
N SER M 41 17.19 23.02 33.57
CA SER M 41 17.48 21.61 33.76
C SER M 41 18.23 20.97 32.59
N LEU M 42 17.97 21.46 31.38
CA LEU M 42 18.63 20.92 30.23
C LEU M 42 19.65 21.91 29.65
N LYS M 43 20.82 21.97 30.26
CA LYS M 43 21.84 22.87 29.78
C LYS M 43 22.47 22.39 28.49
N GLY M 44 23.06 23.34 27.76
CA GLY M 44 23.73 23.01 26.51
C GLY M 44 22.96 22.62 25.27
N ARG M 45 21.62 22.58 25.35
CA ARG M 45 20.82 22.20 24.18
C ARG M 45 20.25 23.41 23.49
N ALA M 46 19.58 23.17 22.37
CA ALA M 46 18.96 24.28 21.63
C ALA M 46 17.49 24.41 22.04
N ASN M 47 17.09 25.65 22.28
CA ASN M 47 15.72 25.94 22.66
C ASN M 47 14.68 25.30 21.73
N ASP M 48 14.90 25.28 20.41
CA ASP M 48 13.87 24.69 19.57
C ASP M 48 13.78 23.19 19.74
N ALA M 49 14.88 22.58 20.18
CA ALA M 49 14.89 21.15 20.42
C ALA M 49 13.98 20.95 21.64
N ILE M 50 14.20 21.72 22.69
CA ILE M 50 13.37 21.58 23.88
C ILE M 50 11.91 21.81 23.55
N ALA M 51 11.67 22.85 22.77
CA ALA M 51 10.33 23.21 22.36
C ALA M 51 9.69 22.06 21.60
N SER M 52 10.39 21.50 20.63
CA SER M 52 9.82 20.38 19.90
C SER M 52 9.50 19.17 20.77
N ALA M 53 10.34 18.94 21.77
CA ALA M 53 10.13 17.80 22.68
C ALA M 53 8.89 18.14 23.50
N CYS M 54 8.78 19.40 23.96
CA CYS M 54 7.62 19.85 24.72
C CYS M 54 6.34 19.67 23.92
N LEU M 55 6.39 19.98 22.65
CA LEU M 55 5.25 19.80 21.80
C LEU M 55 4.80 18.36 21.80
N TYR M 56 5.76 17.47 21.54
CA TYR M 56 5.52 16.03 21.50
C TYR M 56 4.90 15.52 22.83
N ILE M 57 5.39 16.03 23.96
CA ILE M 57 4.87 15.65 25.26
C ILE M 57 3.42 16.15 25.45
N ALA M 58 3.20 17.42 25.13
CA ALA M 58 1.90 18.03 25.26
C ALA M 58 0.83 17.26 24.47
N CYS M 59 1.15 16.83 23.25
CA CYS M 59 0.18 16.08 22.50
C CYS M 59 -0.23 14.81 23.21
N ARG M 60 0.75 14.15 23.82
CA ARG M 60 0.50 12.90 24.54
C ARG M 60 -0.35 13.17 25.79
N GLN M 61 0.04 14.19 26.51
CA GLN M 61 -0.62 14.59 27.73
C GLN M 61 -2.05 15.02 27.47
N GLU M 62 -2.30 15.71 26.35
CA GLU M 62 -3.66 16.13 26.03
C GLU M 62 -4.46 15.01 25.38
N GLY M 63 -3.95 13.79 25.39
CA GLY M 63 -4.70 12.67 24.87
C GLY M 63 -4.78 12.40 23.39
N VAL M 64 -3.97 13.09 22.62
CA VAL M 64 -3.96 12.86 21.16
C VAL M 64 -2.51 12.84 20.70
N PRO M 65 -1.83 11.74 20.97
CA PRO M 65 -0.42 11.51 20.63
C PRO M 65 -0.03 11.67 19.17
N ARG M 66 1.11 12.28 18.93
CA ARG M 66 1.66 12.46 17.58
C ARG M 66 2.90 11.58 17.61
N THR M 67 3.28 10.97 16.49
CA THR M 67 4.48 10.13 16.51
C THR M 67 5.67 11.08 16.47
N PHE M 68 6.86 10.61 16.85
CA PHE M 68 8.01 11.52 16.83
C PHE M 68 8.24 11.95 15.37
N LYS M 69 7.94 11.08 14.42
CA LYS M 69 8.10 11.45 13.02
C LYS M 69 7.25 12.68 12.70
N GLU M 70 6.00 12.63 13.14
CA GLU M 70 5.10 13.73 12.90
C GLU M 70 5.61 15.06 13.46
N ILE M 71 6.08 15.03 14.71
CA ILE M 71 6.56 16.26 15.30
C ILE M 71 7.85 16.66 14.62
N CYS M 72 8.59 15.67 14.14
CA CYS M 72 9.85 15.94 13.44
C CYS M 72 9.59 16.63 12.11
N ALA M 73 8.56 16.18 11.41
CA ALA M 73 8.16 16.76 10.13
C ALA M 73 7.91 18.25 10.24
N VAL M 74 7.23 18.71 11.29
CA VAL M 74 6.96 20.13 11.46
C VAL M 74 8.07 20.83 12.22
N SER M 75 9.17 20.14 12.47
CA SER M 75 10.28 20.72 13.24
C SER M 75 11.66 20.78 12.56
N ARG M 76 12.48 21.73 12.96
CA ARG M 76 13.80 21.83 12.38
C ARG M 76 14.79 20.84 13.05
N ILE M 77 14.32 20.13 14.07
CA ILE M 77 15.14 19.17 14.82
C ILE M 77 14.91 17.74 14.41
N SER M 78 15.92 16.88 14.63
CA SER M 78 15.79 15.45 14.26
C SER M 78 15.07 14.63 15.32
N LYS M 79 14.49 13.52 14.89
CA LYS M 79 13.80 12.67 15.81
C LYS M 79 14.76 12.25 16.91
N LYS M 80 16.03 12.05 16.56
CA LYS M 80 17.05 11.65 17.50
C LYS M 80 17.16 12.63 18.68
N GLU M 81 17.34 13.90 18.35
CA GLU M 81 17.48 14.93 19.38
C GLU M 81 16.16 15.19 20.14
N ILE M 82 15.03 15.14 19.45
CA ILE M 82 13.75 15.34 20.06
C ILE M 82 13.60 14.23 21.14
N GLY M 83 13.84 12.97 20.74
CA GLY M 83 13.83 11.84 21.66
C GLY M 83 14.74 12.03 22.87
N ARG M 84 15.95 12.51 22.66
CA ARG M 84 16.81 12.73 23.78
C ARG M 84 16.21 13.75 24.74
N CYS M 85 15.80 14.90 24.21
CA CYS M 85 15.18 15.97 24.98
C CYS M 85 13.93 15.48 25.70
N PHE M 86 13.15 14.68 24.98
CA PHE M 86 11.95 14.10 25.55
C PHE M 86 12.25 13.40 26.89
N LYS M 87 13.21 12.48 26.88
CA LYS M 87 13.58 11.72 28.05
C LYS M 87 14.12 12.62 29.15
N LEU M 88 14.99 13.55 28.77
CA LEU M 88 15.58 14.44 29.74
C LEU M 88 14.52 15.32 30.45
N ILE M 89 13.50 15.73 29.69
CA ILE M 89 12.46 16.60 30.20
C ILE M 89 11.59 15.87 31.22
N LEU M 90 11.18 14.66 30.89
CA LEU M 90 10.32 13.92 31.79
C LEU M 90 11.01 13.77 33.14
N LYS M 91 12.32 13.52 33.09
CA LYS M 91 13.13 13.37 34.28
C LYS M 91 13.19 14.67 35.08
N ALA M 92 13.52 15.76 34.42
CA ALA M 92 13.61 17.05 35.05
C ALA M 92 12.33 17.50 35.71
N LEU M 93 11.21 17.24 35.05
CA LEU M 93 9.89 17.61 35.52
C LEU M 93 9.23 16.57 36.41
N GLU M 94 9.96 15.48 36.68
CA GLU M 94 9.41 14.38 37.48
C GLU M 94 8.02 14.01 37.00
N THR M 95 7.88 13.83 35.70
CA THR M 95 6.61 13.54 35.06
C THR M 95 6.68 12.23 34.33
N SER M 96 5.53 11.70 33.99
CA SER M 96 5.37 10.46 33.25
C SER M 96 4.23 10.60 32.26
N VAL M 97 4.15 9.70 31.29
CA VAL M 97 3.10 9.80 30.32
C VAL M 97 2.67 8.36 30.12
N ASP M 98 1.37 8.12 30.04
CA ASP M 98 0.94 6.76 29.83
C ASP M 98 1.46 6.26 28.49
N LEU M 99 2.01 5.07 28.50
CA LEU M 99 2.50 4.47 27.28
C LEU M 99 1.50 4.70 26.13
N ILE M 100 1.98 4.84 24.91
CA ILE M 100 1.12 4.99 23.77
C ILE M 100 0.48 3.65 23.43
N THR M 101 -0.75 3.68 22.95
CA THR M 101 -1.45 2.44 22.63
C THR M 101 -1.96 2.45 21.20
N THR M 102 -2.35 1.28 20.70
CA THR M 102 -2.87 1.22 19.33
C THR M 102 -4.08 2.13 19.18
N GLY M 103 -4.94 2.18 20.18
CA GLY M 103 -6.12 3.02 20.10
C GLY M 103 -5.83 4.49 19.96
N ASP M 104 -4.69 4.96 20.47
CA ASP M 104 -4.33 6.36 20.40
C ASP M 104 -4.21 6.90 18.94
N PHE M 105 -4.26 6.03 17.94
CA PHE M 105 -4.09 6.48 16.56
C PHE M 105 -5.23 6.08 15.66
N MET M 106 -6.00 5.09 16.11
CA MET M 106 -7.11 4.58 15.31
C MET M 106 -8.01 5.64 14.70
N SER M 107 -8.44 6.57 15.54
CA SER M 107 -9.30 7.67 15.15
C SER M 107 -8.74 8.50 14.00
N ARG M 108 -7.69 9.26 14.28
CA ARG M 108 -7.03 10.09 13.30
C ARG M 108 -6.61 9.37 12.04
N PHE M 109 -6.00 8.19 12.17
CA PHE M 109 -5.52 7.48 10.99
C PHE M 109 -6.67 7.12 10.09
N CYS M 110 -7.68 6.46 10.63
CA CYS M 110 -8.84 6.07 9.84
C CYS M 110 -9.51 7.25 9.17
N SER M 111 -9.49 8.41 9.82
CA SER M 111 -10.08 9.59 9.24
C SER M 111 -9.25 9.95 8.03
N ASN M 112 -7.97 10.18 8.22
CA ASN M 112 -7.13 10.53 7.10
C ASN M 112 -7.22 9.52 5.94
N LEU M 113 -7.67 8.31 6.23
CA LEU M 113 -7.80 7.33 5.17
C LEU M 113 -9.24 7.28 4.68
N CYS M 114 -10.05 8.20 5.16
CA CYS M 114 -11.46 8.25 4.77
C CYS M 114 -12.15 6.90 4.97
N LEU M 115 -11.95 6.28 6.11
CA LEU M 115 -12.58 4.98 6.34
C LEU M 115 -13.83 5.11 7.18
N PRO M 116 -14.89 4.40 6.78
CA PRO M 116 -16.14 4.44 7.52
C PRO M 116 -16.02 3.96 8.95
N LYS M 117 -16.61 4.73 9.85
CA LYS M 117 -16.62 4.43 11.27
C LYS M 117 -16.68 2.92 11.59
N GLN M 118 -17.40 2.18 10.76
CA GLN M 118 -17.55 0.75 10.98
C GLN M 118 -16.23 0.01 10.96
N VAL M 119 -15.38 0.38 9.99
CA VAL M 119 -14.06 -0.19 9.81
C VAL M 119 -13.14 0.25 10.95
N GLN M 120 -13.17 1.54 11.24
CA GLN M 120 -12.37 2.07 12.30
C GLN M 120 -12.59 1.30 13.56
N MET M 121 -13.84 0.97 13.83
CA MET M 121 -14.11 0.21 15.05
C MET M 121 -13.54 -1.19 14.93
N ALA M 122 -13.69 -1.79 13.76
CA ALA M 122 -13.16 -3.13 13.52
C ALA M 122 -11.67 -3.13 13.78
N ALA M 123 -10.94 -2.24 13.10
CA ALA M 123 -9.49 -2.19 13.29
C ALA M 123 -9.15 -1.99 14.77
N THR M 124 -9.82 -1.03 15.43
CA THR M 124 -9.57 -0.77 16.84
C THR M 124 -9.70 -2.03 17.66
N HIS M 125 -10.71 -2.82 17.34
CA HIS M 125 -10.95 -4.07 18.07
C HIS M 125 -9.84 -5.05 17.78
N ILE M 126 -9.57 -5.29 16.51
CA ILE M 126 -8.52 -6.17 16.06
C ILE M 126 -7.22 -5.88 16.78
N ALA M 127 -6.81 -4.62 16.79
CA ALA M 127 -5.57 -4.25 17.42
C ALA M 127 -5.55 -4.55 18.91
N ARG M 128 -6.57 -4.10 19.62
CA ARG M 128 -6.61 -4.33 21.05
C ARG M 128 -6.59 -5.83 21.37
N LYS M 129 -7.40 -6.62 20.66
CA LYS M 129 -7.45 -8.05 20.90
C LYS M 129 -6.07 -8.63 20.67
N ALA M 130 -5.51 -8.30 19.51
CA ALA M 130 -4.18 -8.78 19.13
C ALA M 130 -3.14 -8.60 20.24
N VAL M 131 -3.13 -7.42 20.84
CA VAL M 131 -2.22 -7.09 21.91
C VAL M 131 -2.59 -7.90 23.15
N GLU M 132 -3.90 -8.03 23.40
CA GLU M 132 -4.36 -8.80 24.54
C GLU M 132 -3.91 -10.23 24.45
N LEU M 133 -3.97 -10.78 23.25
CA LEU M 133 -3.54 -12.15 23.00
C LEU M 133 -2.00 -12.27 22.88
N ASP M 134 -1.31 -11.15 23.04
CA ASP M 134 0.14 -11.08 22.92
C ASP M 134 0.66 -11.68 21.58
N LEU M 135 0.07 -11.28 20.46
CA LEU M 135 0.53 -11.81 19.18
C LEU M 135 1.61 -10.92 18.52
N VAL M 136 1.81 -9.72 19.04
CA VAL M 136 2.73 -8.78 18.44
C VAL M 136 3.70 -8.20 19.47
N PRO M 137 4.25 -9.06 20.34
CA PRO M 137 5.20 -8.58 21.35
C PRO M 137 6.40 -7.83 20.77
N GLY M 138 6.73 -6.70 21.41
CA GLY M 138 7.85 -5.92 20.98
C GLY M 138 7.65 -4.99 19.79
N ARG M 139 6.56 -5.17 19.05
CA ARG M 139 6.30 -4.28 17.91
C ARG M 139 5.83 -2.91 18.42
N SER M 140 6.05 -1.85 17.63
CA SER M 140 5.59 -0.53 18.00
C SER M 140 4.08 -0.49 17.85
N PRO M 141 3.36 0.16 18.77
CA PRO M 141 1.89 0.25 18.70
C PRO M 141 1.42 0.83 17.37
N ILE M 142 2.17 1.79 16.83
CA ILE M 142 1.82 2.38 15.55
C ILE M 142 1.84 1.32 14.44
N SER M 143 2.84 0.46 14.45
CA SER M 143 2.94 -0.62 13.48
C SER M 143 1.72 -1.55 13.60
N VAL M 144 1.41 -1.98 14.83
CA VAL M 144 0.29 -2.86 15.00
C VAL M 144 -1.00 -2.19 14.56
N ALA M 145 -1.18 -0.91 14.89
CA ALA M 145 -2.37 -0.17 14.49
C ALA M 145 -2.47 -0.22 12.96
N ALA M 146 -1.36 0.05 12.30
CA ALA M 146 -1.30 0.03 10.85
C ALA M 146 -1.72 -1.31 10.27
N ALA M 147 -1.26 -2.41 10.87
CA ALA M 147 -1.64 -3.72 10.34
C ALA M 147 -3.11 -4.01 10.61
N ALA M 148 -3.60 -3.57 11.77
CA ALA M 148 -4.99 -3.79 12.12
C ALA M 148 -5.89 -3.07 11.11
N ILE M 149 -5.58 -1.81 10.83
CA ILE M 149 -6.34 -1.03 9.85
C ILE M 149 -6.34 -1.74 8.52
N TYR M 150 -5.16 -2.15 8.09
CA TYR M 150 -5.03 -2.88 6.82
C TYR M 150 -5.92 -4.09 6.84
N MET M 151 -5.81 -4.93 7.85
CA MET M 151 -6.66 -6.13 7.92
C MET M 151 -8.14 -5.79 7.84
N ALA M 152 -8.57 -4.83 8.66
CA ALA M 152 -9.96 -4.42 8.68
C ALA M 152 -10.41 -3.90 7.32
N SER M 153 -9.66 -2.92 6.79
CA SER M 153 -10.02 -2.35 5.52
C SER M 153 -10.10 -3.36 4.40
N GLN M 154 -9.26 -4.37 4.44
CA GLN M 154 -9.28 -5.38 3.38
C GLN M 154 -10.44 -6.34 3.53
N ALA M 155 -11.09 -6.29 4.68
CA ALA M 155 -12.24 -7.16 4.94
C ALA M 155 -13.52 -6.36 4.65
N SER M 156 -13.34 -5.10 4.24
CA SER M 156 -14.44 -4.21 3.93
C SER M 156 -14.44 -3.80 2.48
N ALA M 157 -15.45 -3.04 2.08
CA ALA M 157 -15.55 -2.55 0.71
C ALA M 157 -14.57 -1.41 0.55
N GLU M 158 -14.34 -0.70 1.64
CA GLU M 158 -13.42 0.41 1.60
C GLU M 158 -11.98 -0.02 1.88
N LYS M 159 -11.49 -0.93 1.05
CA LYS M 159 -10.15 -1.48 1.17
C LYS M 159 -9.07 -0.44 0.98
N ARG M 160 -7.95 -0.58 1.68
CA ARG M 160 -6.84 0.35 1.58
C ARG M 160 -5.57 -0.42 1.33
N THR M 161 -4.60 0.22 0.68
CA THR M 161 -3.37 -0.47 0.35
C THR M 161 -2.32 -0.26 1.43
N GLN M 162 -1.40 -1.22 1.55
CA GLN M 162 -0.32 -1.11 2.54
C GLN M 162 0.38 0.23 2.37
N LYS M 163 0.60 0.64 1.13
CA LYS M 163 1.25 1.92 0.85
C LYS M 163 0.49 3.12 1.41
N GLU M 164 -0.81 3.13 1.18
CA GLU M 164 -1.68 4.21 1.66
C GLU M 164 -1.64 4.32 3.16
N ILE M 165 -1.92 3.21 3.83
CA ILE M 165 -1.92 3.20 5.27
C ILE M 165 -0.54 3.58 5.82
N GLY M 166 0.49 3.04 5.20
CA GLY M 166 1.86 3.33 5.60
C GLY M 166 2.16 4.80 5.51
N ASP M 167 1.72 5.46 4.45
CA ASP M 167 1.96 6.89 4.34
C ASP M 167 1.27 7.69 5.40
N ILE M 168 0.04 7.31 5.72
CA ILE M 168 -0.74 7.99 6.73
C ILE M 168 -0.18 7.69 8.13
N ALA M 169 0.17 6.43 8.39
CA ALA M 169 0.68 6.04 9.68
C ALA M 169 2.15 6.39 9.87
N GLY M 170 2.84 6.60 8.75
CA GLY M 170 4.27 6.91 8.81
C GLY M 170 5.10 5.68 9.14
N VAL M 171 4.71 4.56 8.56
CA VAL M 171 5.32 3.28 8.76
C VAL M 171 5.58 2.66 7.37
N ALA M 172 6.68 1.96 7.21
CA ALA M 172 6.99 1.31 5.94
C ALA M 172 6.09 0.12 5.77
N ASP M 173 5.74 -0.15 4.54
CA ASP M 173 4.89 -1.27 4.15
C ASP M 173 5.34 -2.63 4.71
N VAL M 174 6.66 -2.84 4.73
CA VAL M 174 7.18 -4.13 5.18
C VAL M 174 6.92 -4.19 6.66
N THR M 175 7.04 -3.05 7.33
CA THR M 175 6.74 -3.05 8.75
C THR M 175 5.30 -3.48 8.93
N ILE M 176 4.42 -3.03 8.06
CA ILE M 176 3.02 -3.42 8.16
C ILE M 176 2.87 -4.90 7.87
N ARG M 177 3.55 -5.38 6.83
CA ARG M 177 3.45 -6.80 6.51
C ARG M 177 3.90 -7.67 7.69
N GLN M 178 4.92 -7.23 8.41
CA GLN M 178 5.41 -8.01 9.53
C GLN M 178 4.40 -8.20 10.66
N SER M 179 3.77 -7.12 11.10
CA SER M 179 2.78 -7.26 12.15
C SER M 179 1.56 -7.98 11.63
N TYR M 180 1.23 -7.69 10.38
CA TYR M 180 0.08 -8.30 9.73
C TYR M 180 0.26 -9.83 9.70
N ARG M 181 1.48 -10.27 9.36
CA ARG M 181 1.77 -11.69 9.29
C ARG M 181 1.52 -12.36 10.64
N LEU M 182 1.77 -11.62 11.72
CA LEU M 182 1.59 -12.12 13.05
C LEU M 182 0.17 -12.24 13.51
N ILE M 183 -0.69 -11.33 13.07
CA ILE M 183 -2.08 -11.38 13.50
C ILE M 183 -2.94 -12.18 12.55
N TYR M 184 -2.49 -12.33 11.31
CA TYR M 184 -3.24 -13.09 10.31
C TYR M 184 -3.71 -14.49 10.78
N PRO M 185 -2.83 -15.25 11.45
CA PRO M 185 -3.22 -16.59 11.92
C PRO M 185 -4.42 -16.65 12.84
N ARG M 186 -4.82 -15.55 13.43
CA ARG M 186 -5.98 -15.58 14.29
C ARG M 186 -7.04 -14.57 13.86
N ALA M 187 -7.01 -14.22 12.58
CA ALA M 187 -7.97 -13.26 12.03
C ALA M 187 -9.40 -13.52 12.50
N PRO M 188 -9.87 -14.78 12.43
CA PRO M 188 -11.23 -15.07 12.88
C PRO M 188 -11.54 -14.60 14.30
N ASP M 189 -10.65 -14.91 15.25
CA ASP M 189 -10.83 -14.50 16.65
C ASP M 189 -10.66 -12.99 16.85
N LEU M 190 -10.10 -12.30 15.86
CA LEU M 190 -9.81 -10.87 15.99
C LEU M 190 -10.89 -9.87 15.63
N PHE M 191 -11.68 -10.17 14.61
CA PHE M 191 -12.76 -9.26 14.22
C PHE M 191 -13.87 -9.26 15.26
N PRO M 192 -14.66 -8.17 15.29
CA PRO M 192 -15.77 -8.06 16.24
C PRO M 192 -16.81 -9.10 15.81
N THR M 193 -17.34 -9.82 16.79
CA THR M 193 -18.32 -10.87 16.56
C THR M 193 -19.40 -10.57 15.52
N ASP M 194 -19.93 -9.36 15.49
CA ASP M 194 -20.94 -9.06 14.48
C ASP M 194 -20.39 -8.17 13.37
N PHE M 195 -19.56 -8.79 12.52
CA PHE M 195 -18.94 -8.04 11.44
C PHE M 195 -19.39 -8.42 10.04
N LYS M 196 -19.66 -7.39 9.26
CA LYS M 196 -20.10 -7.51 7.88
C LYS M 196 -18.93 -7.71 6.91
N PHE M 197 -18.49 -8.95 6.77
CA PHE M 197 -17.37 -9.27 5.90
C PHE M 197 -17.54 -9.05 4.40
N ASP M 198 -17.08 -7.92 3.88
CA ASP M 198 -17.16 -7.69 2.44
C ASP M 198 -16.37 -8.82 1.82
N THR M 199 -15.16 -9.06 2.34
CA THR M 199 -14.29 -10.16 1.88
C THR M 199 -14.28 -11.17 3.06
N PRO M 200 -14.53 -12.45 2.79
CA PRO M 200 -14.52 -13.40 3.91
C PRO M 200 -13.16 -13.44 4.58
N VAL M 201 -13.16 -13.70 5.88
CA VAL M 201 -11.93 -13.78 6.65
C VAL M 201 -10.84 -14.62 5.97
N ASP M 202 -11.23 -15.66 5.26
CA ASP M 202 -10.27 -16.52 4.58
C ASP M 202 -9.64 -15.87 3.37
N LYS M 203 -10.45 -15.44 2.42
CA LYS M 203 -9.95 -14.82 1.20
C LYS M 203 -9.16 -13.53 1.46
N LEU M 204 -8.86 -13.26 2.73
CA LEU M 204 -8.09 -12.10 3.16
C LEU M 204 -6.62 -12.23 2.69
N PRO M 205 -6.00 -11.12 2.28
CA PRO M 205 -4.62 -11.11 1.80
C PRO M 205 -3.73 -12.08 2.56
N GLN M 206 -3.06 -12.98 1.86
CA GLN M 206 -2.23 -13.95 2.53
C GLN M 206 -0.76 -13.69 2.40
N LEU M 207 -0.33 -12.53 2.89
CA LEU M 207 1.07 -12.10 2.86
C LEU M 207 1.99 -13.18 3.41
N GLY N 1 19.89 -16.84 44.68
CA GLY N 1 20.64 -16.96 43.40
C GLY N 1 19.75 -17.08 42.17
N SER N 2 20.12 -16.37 41.09
CA SER N 2 19.36 -16.44 39.85
C SER N 2 19.72 -17.75 39.17
N GLY N 3 20.96 -18.19 39.38
CA GLY N 3 21.41 -19.42 38.79
C GLY N 3 21.80 -19.20 37.35
N ILE N 4 21.95 -17.93 36.98
CA ILE N 4 22.31 -17.56 35.62
C ILE N 4 23.54 -16.69 35.65
N VAL N 5 24.54 -17.02 34.84
CA VAL N 5 25.74 -16.19 34.84
C VAL N 5 25.82 -15.41 33.55
N PRO N 6 25.81 -14.07 33.64
CA PRO N 6 25.89 -13.26 32.43
C PRO N 6 27.24 -13.40 31.76
N GLN N 7 27.23 -13.62 30.45
CA GLN N 7 28.44 -13.77 29.69
C GLN N 7 29.05 -12.45 29.17
N LEU N 8 30.34 -12.26 29.47
CA LEU N 8 31.04 -11.07 29.03
C LEU N 8 31.11 -11.08 27.49
N GLN N 9 30.86 -9.92 26.88
CA GLN N 9 30.86 -9.87 25.42
C GLN N 9 31.82 -8.88 24.83
N ASN N 10 32.19 -7.88 25.62
CA ASN N 10 33.10 -6.86 25.11
C ASN N 10 33.77 -6.17 26.27
N ILE N 11 35.05 -5.89 26.09
CA ILE N 11 35.87 -5.23 27.09
C ILE N 11 36.60 -4.12 26.38
N VAL N 12 36.67 -2.96 27.02
CA VAL N 12 37.35 -1.81 26.47
C VAL N 12 38.40 -1.45 27.50
N SER N 13 39.65 -1.39 27.05
CA SER N 13 40.77 -1.06 27.91
C SER N 13 41.70 -0.05 27.27
N THR N 14 42.45 0.65 28.11
CA THR N 14 43.42 1.64 27.66
C THR N 14 44.78 1.27 28.23
N VAL N 15 45.82 1.74 27.55
CA VAL N 15 47.19 1.53 27.95
C VAL N 15 48.00 2.63 27.27
N ASN N 16 49.02 3.10 27.95
CA ASN N 16 49.86 4.17 27.47
C ASN N 16 51.27 3.69 27.03
N LEU N 17 51.58 3.81 25.74
CA LEU N 17 52.85 3.34 25.24
C LEU N 17 54.04 4.22 25.67
N GLY N 18 53.75 5.34 26.32
CA GLY N 18 54.82 6.20 26.80
C GLY N 18 55.54 7.10 25.81
N CYS N 19 55.73 6.65 24.58
CA CYS N 19 56.41 7.49 23.60
C CYS N 19 55.46 8.02 22.53
N LYS N 20 55.73 9.19 22.00
CA LYS N 20 54.89 9.73 20.95
C LYS N 20 55.06 8.86 19.72
N LEU N 21 54.08 8.87 18.85
CA LEU N 21 54.11 8.02 17.67
C LEU N 21 53.89 8.76 16.35
N ASP N 22 54.13 8.04 15.26
CA ASP N 22 53.96 8.55 13.91
C ASP N 22 53.00 7.61 13.19
N LEU N 23 51.70 7.94 13.27
CA LEU N 23 50.66 7.11 12.66
C LEU N 23 50.94 6.74 11.20
N LYS N 24 51.41 7.73 10.43
CA LYS N 24 51.69 7.55 9.02
C LYS N 24 52.61 6.36 8.79
N THR N 25 53.74 6.37 9.47
CA THR N 25 54.70 5.29 9.36
C THR N 25 54.06 3.98 9.78
N ILE N 26 53.50 3.94 10.99
CA ILE N 26 52.85 2.74 11.51
C ILE N 26 51.82 2.17 10.52
N ALA N 27 50.97 3.05 10.02
CA ALA N 27 49.95 2.66 9.07
C ALA N 27 50.61 1.98 7.86
N LEU N 28 51.65 2.64 7.35
CA LEU N 28 52.42 2.17 6.20
C LEU N 28 53.03 0.79 6.40
N ARG N 29 53.95 0.67 7.36
CA ARG N 29 54.58 -0.62 7.56
C ARG N 29 53.72 -1.68 8.21
N ALA N 30 52.89 -1.33 9.18
CA ALA N 30 52.03 -2.32 9.79
C ALA N 30 51.03 -2.89 8.78
N ARG N 31 50.88 -4.21 8.79
CA ARG N 31 49.99 -4.91 7.87
C ARG N 31 48.52 -4.55 8.08
N ASN N 32 47.97 -5.08 9.16
CA ASN N 32 46.58 -4.89 9.52
C ASN N 32 46.29 -3.52 10.13
N ALA N 33 47.01 -2.51 9.67
CA ALA N 33 46.78 -1.15 10.13
C ALA N 33 45.85 -0.48 9.11
N GLU N 34 45.48 0.77 9.38
CA GLU N 34 44.58 1.54 8.52
C GLU N 34 44.65 2.94 9.13
N TYR N 35 44.77 3.96 8.31
CA TYR N 35 44.86 5.31 8.84
C TYR N 35 44.40 6.40 7.90
N ASN N 36 43.28 7.01 8.22
CA ASN N 36 42.76 8.08 7.39
C ASN N 36 42.42 9.25 8.28
N PRO N 37 43.41 10.07 8.60
CA PRO N 37 43.20 11.22 9.46
C PRO N 37 42.04 12.11 9.07
N LYS N 38 41.68 12.11 7.80
CA LYS N 38 40.57 12.94 7.38
C LYS N 38 39.33 12.38 8.04
N ARG N 39 39.27 11.05 8.08
CA ARG N 39 38.16 10.30 8.67
C ARG N 39 38.25 10.17 10.21
N PHE N 40 39.41 9.74 10.74
CA PHE N 40 39.61 9.59 12.19
C PHE N 40 41.06 9.81 12.56
N ALA N 41 41.28 10.54 13.65
CA ALA N 41 42.64 10.88 14.11
C ALA N 41 43.57 9.78 14.62
N ALA N 42 43.17 8.52 14.52
CA ALA N 42 44.03 7.47 15.03
C ALA N 42 44.14 6.29 14.09
N VAL N 43 45.12 5.43 14.34
CA VAL N 43 45.32 4.26 13.52
C VAL N 43 44.46 3.14 14.04
N ILE N 44 43.80 2.45 13.13
CA ILE N 44 42.94 1.34 13.49
C ILE N 44 43.68 0.06 13.12
N MET N 45 43.95 -0.77 14.14
CA MET N 45 44.69 -2.01 13.94
C MET N 45 43.90 -3.23 14.43
N ARG N 46 44.12 -4.39 13.83
CA ARG N 46 43.37 -5.56 14.22
C ARG N 46 44.13 -6.87 14.22
N ILE N 47 44.19 -7.53 15.37
CA ILE N 47 44.83 -8.84 15.45
C ILE N 47 43.67 -9.83 15.49
N ARG N 48 43.91 -11.05 15.00
CA ARG N 48 42.87 -12.09 14.95
C ARG N 48 42.74 -12.90 16.23
N GLU N 49 43.77 -12.88 17.07
CA GLU N 49 43.70 -13.60 18.33
C GLU N 49 44.62 -12.99 19.36
N PRO N 50 44.04 -12.41 20.43
CA PRO N 50 42.60 -12.28 20.69
C PRO N 50 41.90 -11.40 19.63
N ARG N 51 40.81 -11.91 19.05
CA ARG N 51 40.05 -11.13 18.04
C ARG N 51 39.67 -9.76 18.60
N THR N 52 40.38 -8.74 18.17
CA THR N 52 40.12 -7.42 18.65
C THR N 52 40.49 -6.36 17.63
N THR N 53 40.36 -5.10 18.02
CA THR N 53 40.66 -3.98 17.16
C THR N 53 41.20 -2.95 18.10
N ALA N 54 42.21 -2.20 17.67
CA ALA N 54 42.80 -1.19 18.52
C ALA N 54 42.80 0.19 17.90
N LEU N 55 42.79 1.20 18.76
CA LEU N 55 42.83 2.57 18.34
C LEU N 55 44.10 3.17 18.90
N ILE N 56 45.06 3.45 18.02
CA ILE N 56 46.34 4.01 18.42
C ILE N 56 46.48 5.46 18.04
N PHE N 57 46.72 6.28 19.06
CA PHE N 57 46.87 7.72 18.90
C PHE N 57 48.36 8.17 18.92
N SER N 58 48.65 9.22 18.16
CA SER N 58 50.01 9.73 18.07
C SER N 58 50.52 10.16 19.43
N SER N 59 49.63 10.29 20.40
CA SER N 59 50.05 10.68 21.74
C SER N 59 50.75 9.54 22.42
N GLY N 60 50.53 8.33 21.92
CA GLY N 60 51.13 7.15 22.52
C GLY N 60 50.09 6.30 23.24
N LYS N 61 48.94 6.87 23.57
CA LYS N 61 47.91 6.10 24.25
C LYS N 61 47.10 5.31 23.22
N MET N 62 46.58 4.15 23.61
CA MET N 62 45.79 3.35 22.70
C MET N 62 44.58 2.76 23.41
N VAL N 63 43.56 2.40 22.64
CA VAL N 63 42.31 1.81 23.16
C VAL N 63 42.18 0.43 22.59
N CYS N 64 41.90 -0.56 23.43
CA CYS N 64 41.76 -1.91 22.95
C CYS N 64 40.30 -2.28 23.12
N THR N 65 39.72 -2.88 22.10
CA THR N 65 38.29 -3.23 22.13
C THR N 65 38.00 -4.58 21.53
N GLY N 66 36.93 -5.21 22.00
CA GLY N 66 36.57 -6.52 21.45
C GLY N 66 36.81 -7.75 22.31
N ALA N 67 37.75 -7.69 23.22
CA ALA N 67 38.05 -8.83 24.07
C ALA N 67 36.86 -9.33 24.85
N LYS N 68 36.81 -10.64 25.09
CA LYS N 68 35.72 -11.20 25.88
C LYS N 68 36.15 -11.48 27.33
N SER N 69 37.34 -11.01 27.72
CA SER N 69 37.82 -11.17 29.09
C SER N 69 38.92 -10.18 29.37
N GLU N 70 39.07 -9.87 30.64
CA GLU N 70 40.10 -8.94 31.10
C GLU N 70 41.54 -9.40 30.74
N GLU N 71 41.84 -10.70 30.89
CA GLU N 71 43.19 -11.17 30.57
C GLU N 71 43.35 -11.08 29.09
N GLN N 72 42.29 -11.46 28.38
CA GLN N 72 42.26 -11.42 26.93
C GLN N 72 42.52 -10.01 26.38
N SER N 73 41.89 -9.04 27.03
CA SER N 73 42.02 -7.66 26.67
C SER N 73 43.46 -7.21 26.85
N ARG N 74 44.04 -7.54 28.00
CA ARG N 74 45.43 -7.19 28.32
C ARG N 74 46.39 -7.90 27.41
N LEU N 75 46.09 -9.15 27.11
CA LEU N 75 46.92 -9.93 26.23
C LEU N 75 47.03 -9.19 24.90
N ALA N 76 45.88 -8.93 24.28
CA ALA N 76 45.82 -8.23 23.01
C ALA N 76 46.52 -6.89 23.12
N ALA N 77 46.19 -6.14 24.16
CA ALA N 77 46.82 -4.84 24.33
C ALA N 77 48.33 -4.94 24.21
N ARG N 78 48.91 -6.00 24.80
CA ARG N 78 50.35 -6.18 24.75
C ARG N 78 50.82 -6.50 23.34
N LYS N 79 50.09 -7.40 22.66
CA LYS N 79 50.48 -7.72 21.30
C LYS N 79 50.53 -6.45 20.44
N TYR N 80 49.54 -5.57 20.59
CA TYR N 80 49.53 -4.32 19.83
C TYR N 80 50.77 -3.50 20.18
N ALA N 81 51.05 -3.35 21.46
CA ALA N 81 52.21 -2.60 21.92
C ALA N 81 53.47 -3.20 21.31
N ARG N 82 53.49 -4.51 21.12
CA ARG N 82 54.64 -5.13 20.53
C ARG N 82 54.85 -4.64 19.13
N VAL N 83 53.92 -4.91 18.22
CA VAL N 83 54.10 -4.46 16.84
C VAL N 83 54.57 -3.01 16.80
N VAL N 84 54.06 -2.16 17.68
CA VAL N 84 54.54 -0.79 17.66
C VAL N 84 56.04 -0.77 17.98
N GLN N 85 56.41 -1.49 19.05
CA GLN N 85 57.79 -1.62 19.51
C GLN N 85 58.64 -2.12 18.34
N LYS N 86 58.22 -3.26 17.77
CA LYS N 86 58.91 -3.88 16.64
C LYS N 86 59.11 -2.99 15.42
N LEU N 87 58.35 -1.90 15.32
CA LEU N 87 58.49 -0.99 14.19
C LEU N 87 59.43 0.10 14.62
N GLY N 88 60.08 -0.13 15.74
CA GLY N 88 61.06 0.81 16.25
C GLY N 88 60.59 2.00 17.06
N PHE N 89 59.84 1.74 18.12
CA PHE N 89 59.38 2.83 18.96
C PHE N 89 59.63 2.47 20.42
N PRO N 90 60.02 3.46 21.22
CA PRO N 90 60.33 3.36 22.65
C PRO N 90 59.09 2.92 23.42
N ALA N 91 58.31 2.01 22.85
CA ALA N 91 57.06 1.59 23.48
C ALA N 91 57.16 0.88 24.83
N LYS N 92 56.41 1.41 25.80
CA LYS N 92 56.32 0.81 27.14
C LYS N 92 54.95 0.20 27.23
N PHE N 93 54.42 0.10 28.45
CA PHE N 93 53.10 -0.45 28.67
C PHE N 93 52.63 0.05 30.01
N LEU N 94 52.53 1.37 30.13
CA LEU N 94 52.11 2.01 31.37
C LEU N 94 50.61 2.09 31.62
N ASP N 95 50.23 2.03 32.88
CA ASP N 95 48.85 2.11 33.35
C ASP N 95 47.75 1.44 32.54
N PHE N 96 47.93 0.17 32.21
CA PHE N 96 46.91 -0.54 31.48
C PHE N 96 45.69 -0.54 32.40
N LYS N 97 44.50 -0.31 31.85
CA LYS N 97 43.29 -0.31 32.66
C LYS N 97 42.02 -0.67 31.91
N ILE N 98 41.18 -1.45 32.58
CA ILE N 98 39.91 -1.86 32.02
C ILE N 98 39.00 -0.64 32.22
N GLN N 99 38.43 -0.14 31.14
CA GLN N 99 37.57 1.04 31.21
C GLN N 99 36.08 0.74 31.19
N ASN N 100 35.70 -0.34 30.53
CA ASN N 100 34.30 -0.70 30.47
C ASN N 100 34.17 -2.13 30.05
N MET N 101 33.17 -2.83 30.61
CA MET N 101 32.91 -4.19 30.18
C MET N 101 31.42 -4.43 30.05
N VAL N 102 31.04 -5.21 29.02
CA VAL N 102 29.67 -5.53 28.63
C VAL N 102 29.32 -6.99 28.81
N GLY N 103 28.15 -7.25 29.41
CA GLY N 103 27.74 -8.64 29.58
C GLY N 103 26.33 -8.83 29.05
N SER N 104 25.93 -10.08 28.85
CA SER N 104 24.59 -10.36 28.35
C SER N 104 24.17 -11.74 28.83
N CYS N 105 22.87 -11.98 28.88
CA CYS N 105 22.36 -13.26 29.28
C CYS N 105 20.88 -13.35 28.97
N ASP N 106 20.29 -14.50 29.26
CA ASP N 106 18.90 -14.75 28.96
C ASP N 106 18.19 -15.33 30.19
N VAL N 107 17.21 -14.60 30.73
CA VAL N 107 16.50 -15.07 31.90
C VAL N 107 15.60 -16.21 31.55
N LYS N 108 15.51 -16.51 30.27
CA LYS N 108 14.72 -17.64 29.76
C LYS N 108 13.19 -17.58 29.81
N PHE N 109 12.61 -16.40 29.99
CA PHE N 109 11.15 -16.26 30.00
C PHE N 109 10.81 -14.86 29.44
N PRO N 110 9.66 -14.73 28.76
CA PRO N 110 9.30 -13.41 28.21
C PRO N 110 8.99 -12.44 29.33
N ILE N 111 9.33 -11.17 29.10
CA ILE N 111 9.15 -10.11 30.08
C ILE N 111 8.10 -9.06 29.70
N ARG N 112 7.28 -8.66 30.66
CA ARG N 112 6.25 -7.64 30.44
C ARG N 112 6.84 -6.27 30.73
N LEU N 113 7.53 -5.69 29.75
CA LEU N 113 8.14 -4.38 29.91
C LEU N 113 7.13 -3.29 30.32
N GLU N 114 5.90 -3.40 29.82
CA GLU N 114 4.85 -2.45 30.12
C GLU N 114 4.68 -2.39 31.63
N GLY N 115 4.72 -3.54 32.30
CA GLY N 115 4.59 -3.59 33.74
C GLY N 115 5.82 -3.06 34.44
N LEU N 116 6.97 -3.49 33.97
CA LEU N 116 8.22 -3.05 34.56
C LEU N 116 8.39 -1.55 34.54
N VAL N 117 7.97 -0.92 33.45
CA VAL N 117 8.13 0.53 33.34
C VAL N 117 7.17 1.25 34.31
N LEU N 118 6.05 0.59 34.58
CA LEU N 118 5.03 1.13 35.48
C LEU N 118 5.51 1.28 36.89
N THR N 119 6.08 0.21 37.43
CA THR N 119 6.57 0.25 38.81
C THR N 119 7.98 0.75 38.96
N HIS N 120 8.74 0.84 37.87
CA HIS N 120 10.09 1.35 38.01
C HIS N 120 10.42 2.61 37.20
N GLN N 121 9.40 3.40 36.88
CA GLN N 121 9.56 4.66 36.12
C GLN N 121 10.83 5.41 36.46
N GLN N 122 11.16 5.39 37.73
CA GLN N 122 12.31 6.05 38.31
C GLN N 122 13.62 5.66 37.64
N PHE N 123 13.75 4.42 37.20
CA PHE N 123 15.00 3.96 36.59
C PHE N 123 14.84 3.56 35.13
N SER N 124 13.59 3.49 34.68
CA SER N 124 13.26 3.01 33.36
C SER N 124 12.96 4.05 32.35
N SER N 125 13.04 3.61 31.09
CA SER N 125 12.68 4.41 29.92
C SER N 125 12.37 3.35 28.87
N TYR N 126 11.12 3.30 28.46
CA TYR N 126 10.72 2.38 27.46
C TYR N 126 9.82 3.10 26.45
N GLU N 127 10.39 3.58 25.35
CA GLU N 127 9.63 4.22 24.30
C GLU N 127 9.84 3.46 23.01
N PRO N 128 8.88 2.62 22.64
CA PRO N 128 8.98 1.81 21.41
C PRO N 128 9.34 2.56 20.10
N GLU N 129 9.01 3.86 20.01
CA GLU N 129 9.35 4.59 18.80
C GLU N 129 10.82 4.93 18.82
N LEU N 130 11.47 4.88 19.98
CA LEU N 130 12.88 5.20 20.10
C LEU N 130 13.81 3.95 20.12
N PHE N 131 13.38 2.86 20.75
CA PHE N 131 14.21 1.67 20.85
C PHE N 131 13.31 0.53 21.37
N PRO N 132 13.41 -0.68 20.78
CA PRO N 132 12.59 -1.85 21.19
C PRO N 132 12.81 -2.35 22.64
N GLY N 133 13.94 -1.97 23.25
CA GLY N 133 14.19 -2.44 24.60
C GLY N 133 14.05 -1.38 25.66
N LEU N 134 13.75 -1.80 26.89
CA LEU N 134 13.60 -0.94 28.06
C LEU N 134 15.01 -0.64 28.57
N ILE N 135 15.29 0.63 28.85
CA ILE N 135 16.60 1.06 29.31
C ILE N 135 16.52 1.27 30.81
N TYR N 136 17.26 0.43 31.55
CA TYR N 136 17.28 0.44 33.01
C TYR N 136 18.56 0.99 33.59
N ARG N 137 18.47 2.10 34.28
CA ARG N 137 19.61 2.78 34.85
C ARG N 137 19.72 2.51 36.34
N MET N 138 20.40 1.41 36.68
CA MET N 138 20.54 1.03 38.09
C MET N 138 21.46 2.00 38.76
N ILE N 139 21.15 2.36 39.99
CA ILE N 139 21.99 3.28 40.75
C ILE N 139 23.13 2.61 41.49
N LYS N 140 22.83 1.47 42.08
CA LYS N 140 23.82 0.74 42.86
C LYS N 140 23.67 -0.71 42.48
N PRO N 141 24.60 -1.25 41.71
CA PRO N 141 25.81 -0.73 41.06
C PRO N 141 25.43 0.19 39.87
N ARG N 142 26.30 1.15 39.54
CA ARG N 142 26.03 2.06 38.43
C ARG N 142 26.23 1.32 37.13
N ILE N 143 25.21 0.57 36.72
CA ILE N 143 25.26 -0.19 35.49
C ILE N 143 23.96 0.11 34.76
N VAL N 144 23.99 0.03 33.44
CA VAL N 144 22.79 0.27 32.65
C VAL N 144 22.45 -1.02 31.97
N LEU N 145 21.20 -1.41 32.04
CA LEU N 145 20.78 -2.64 31.41
C LEU N 145 19.80 -2.34 30.29
N LEU N 146 19.75 -3.23 29.30
CA LEU N 146 18.84 -3.13 28.19
C LEU N 146 18.06 -4.41 28.34
N ILE N 147 16.75 -4.28 28.56
CA ILE N 147 15.86 -5.42 28.76
C ILE N 147 14.89 -5.54 27.59
N PHE N 148 14.76 -6.73 27.03
CA PHE N 148 13.88 -7.00 25.90
C PHE N 148 12.75 -7.97 26.24
N VAL N 149 11.62 -7.85 25.55
CA VAL N 149 10.50 -8.72 25.90
C VAL N 149 10.84 -10.18 25.70
N SER N 150 11.92 -10.46 24.98
CA SER N 150 12.32 -11.84 24.72
C SER N 150 12.89 -12.46 25.97
N GLY N 151 13.37 -11.64 26.90
CA GLY N 151 13.95 -12.19 28.12
C GLY N 151 15.46 -12.03 28.07
N LYS N 152 15.96 -11.57 26.93
CA LYS N 152 17.39 -11.32 26.75
C LYS N 152 17.71 -10.03 27.50
N VAL N 153 18.89 -9.95 28.08
CA VAL N 153 19.31 -8.82 28.88
C VAL N 153 20.77 -8.46 28.58
N VAL N 154 21.04 -7.16 28.40
CA VAL N 154 22.39 -6.69 28.13
C VAL N 154 22.82 -5.78 29.29
N LEU N 155 24.07 -5.87 29.76
CA LEU N 155 24.49 -5.00 30.84
C LEU N 155 25.80 -4.34 30.51
N THR N 156 25.92 -3.05 30.76
CA THR N 156 27.18 -2.34 30.50
C THR N 156 27.46 -1.21 31.46
N GLY N 157 28.68 -0.68 31.35
CA GLY N 157 29.09 0.39 32.21
C GLY N 157 29.93 -0.10 33.36
N ALA N 158 30.22 -1.38 33.38
CA ALA N 158 31.04 -1.96 34.44
C ALA N 158 32.53 -1.73 34.31
N LYS N 159 33.17 -1.45 35.45
CA LYS N 159 34.63 -1.28 35.49
C LYS N 159 35.19 -2.65 35.90
N VAL N 160 34.41 -3.42 36.65
CA VAL N 160 34.86 -4.75 37.06
C VAL N 160 33.75 -5.77 36.96
N ARG N 161 34.18 -6.95 36.58
CA ARG N 161 33.32 -8.13 36.42
C ARG N 161 32.21 -8.28 37.47
N ALA N 162 32.51 -7.94 38.72
CA ALA N 162 31.52 -8.07 39.78
C ALA N 162 30.30 -7.17 39.65
N GLU N 163 30.51 -5.95 39.16
CA GLU N 163 29.41 -5.02 38.95
C GLU N 163 28.39 -5.64 37.96
N ILE N 164 28.88 -6.36 36.97
CA ILE N 164 27.93 -6.97 36.06
C ILE N 164 27.10 -8.02 36.73
N TYR N 165 27.75 -8.91 37.46
CA TYR N 165 27.03 -9.97 38.19
C TYR N 165 26.10 -9.40 39.25
N GLU N 166 26.59 -8.40 39.96
CA GLU N 166 25.79 -7.79 40.98
C GLU N 166 24.51 -7.23 40.38
N ALA N 167 24.61 -6.38 39.36
CA ALA N 167 23.42 -5.77 38.73
C ALA N 167 22.46 -6.83 38.24
N PHE N 168 22.97 -7.92 37.69
CA PHE N 168 22.03 -8.91 37.24
C PHE N 168 21.26 -9.56 38.36
N GLU N 169 21.92 -9.81 39.47
CA GLU N 169 21.24 -10.41 40.59
C GLU N 169 20.21 -9.45 41.15
N ASN N 170 20.52 -8.16 41.15
CA ASN N 170 19.53 -7.17 41.60
C ASN N 170 18.31 -7.15 40.68
N ILE N 171 18.51 -7.28 39.36
CA ILE N 171 17.40 -7.19 38.42
C ILE N 171 16.55 -8.45 38.24
N TYR N 172 17.20 -9.62 38.38
CA TYR N 172 16.51 -10.89 38.18
C TYR N 172 15.19 -11.01 38.95
N PRO N 173 15.19 -10.70 40.25
CA PRO N 173 13.97 -10.77 41.07
C PRO N 173 12.86 -9.90 40.46
N ILE N 174 13.20 -8.63 40.18
CA ILE N 174 12.28 -7.68 39.56
C ILE N 174 11.76 -8.24 38.24
N LEU N 175 12.65 -8.77 37.41
CA LEU N 175 12.21 -9.32 36.14
C LEU N 175 11.24 -10.47 36.32
N LYS N 176 11.54 -11.36 37.24
CA LYS N 176 10.69 -12.53 37.49
C LYS N 176 9.29 -12.05 37.82
N GLY N 177 9.23 -10.96 38.56
CA GLY N 177 7.96 -10.38 38.93
C GLY N 177 7.12 -9.91 37.76
N PHE N 178 7.73 -9.85 36.58
CA PHE N 178 7.00 -9.39 35.40
C PHE N 178 7.01 -10.37 34.27
N ARG N 179 7.20 -11.64 34.58
CA ARG N 179 7.18 -12.67 33.57
C ARG N 179 5.81 -12.77 32.88
N LYS N 180 5.78 -13.05 31.57
CA LYS N 180 4.51 -13.21 30.87
C LYS N 180 4.20 -14.68 31.03
N SER O 1 -11.38 -27.98 -27.38
CA SER O 1 -11.39 -29.47 -27.20
C SER O 1 -12.69 -30.05 -27.71
N ASP O 2 -13.75 -29.25 -27.63
CA ASP O 2 -15.06 -29.71 -28.07
C ASP O 2 -15.06 -29.98 -29.56
N ARG O 3 -14.12 -29.34 -30.27
CA ARG O 3 -13.94 -29.54 -31.71
C ARG O 3 -13.42 -30.99 -31.88
N ALA O 4 -13.67 -31.81 -30.86
CA ALA O 4 -13.28 -33.22 -30.84
C ALA O 4 -14.45 -33.98 -31.49
N MET O 5 -15.46 -33.19 -31.88
CA MET O 5 -16.63 -33.71 -32.55
C MET O 5 -16.16 -34.13 -33.92
N MET O 6 -15.19 -33.36 -34.40
CA MET O 6 -14.58 -33.61 -35.70
C MET O 6 -14.16 -35.06 -35.73
N ASN O 7 -13.43 -35.44 -34.67
CA ASN O 7 -12.93 -36.82 -34.51
C ASN O 7 -14.08 -37.80 -34.47
N ALA O 8 -15.09 -37.48 -33.67
CA ALA O 8 -16.24 -38.35 -33.54
C ALA O 8 -16.95 -38.51 -34.88
N PHE O 9 -17.10 -37.41 -35.59
CA PHE O 9 -17.79 -37.49 -36.88
C PHE O 9 -16.98 -38.36 -37.83
N LYS O 10 -15.66 -38.27 -37.73
CA LYS O 10 -14.79 -39.08 -38.58
C LYS O 10 -15.00 -40.53 -38.21
N GLU O 11 -14.93 -40.81 -36.92
CA GLU O 11 -15.09 -42.18 -36.45
C GLU O 11 -16.46 -42.71 -36.88
N ILE O 12 -17.48 -41.85 -36.76
CA ILE O 12 -18.84 -42.23 -37.13
C ILE O 12 -18.89 -42.59 -38.60
N THR O 13 -18.30 -41.74 -39.43
CA THR O 13 -18.27 -42.01 -40.85
C THR O 13 -17.52 -43.31 -41.15
N THR O 14 -16.39 -43.52 -40.48
CA THR O 14 -15.63 -44.74 -40.72
C THR O 14 -16.52 -45.94 -40.46
N MET O 15 -17.08 -46.02 -39.25
CA MET O 15 -17.93 -47.16 -38.93
C MET O 15 -19.04 -47.28 -39.96
N ALA O 16 -19.76 -46.19 -40.18
CA ALA O 16 -20.85 -46.16 -41.14
C ALA O 16 -20.47 -46.83 -42.44
N ASP O 17 -19.36 -46.36 -43.02
CA ASP O 17 -18.89 -46.90 -44.28
C ASP O 17 -18.60 -48.39 -44.29
N ARG O 18 -18.08 -48.91 -43.20
CA ARG O 18 -17.79 -50.33 -43.19
C ARG O 18 -19.01 -51.20 -43.42
N ILE O 19 -20.19 -50.61 -43.31
CA ILE O 19 -21.43 -51.36 -43.53
C ILE O 19 -22.32 -50.64 -44.53
N ASN O 20 -21.76 -49.66 -45.25
CA ASN O 20 -22.50 -48.90 -46.27
C ASN O 20 -23.81 -48.29 -45.77
N LEU O 21 -23.76 -47.42 -44.80
CA LEU O 21 -25.02 -46.87 -44.33
C LEU O 21 -25.31 -45.61 -45.09
N PRO O 22 -26.58 -45.43 -45.48
CA PRO O 22 -26.99 -44.23 -46.22
C PRO O 22 -26.72 -42.98 -45.42
N ARG O 23 -26.53 -41.89 -46.16
CA ARG O 23 -26.21 -40.59 -45.58
C ARG O 23 -27.15 -40.09 -44.46
N ASN O 24 -28.46 -40.34 -44.60
CA ASN O 24 -29.45 -39.89 -43.59
C ASN O 24 -29.07 -40.43 -42.22
N ILE O 25 -28.67 -41.71 -42.20
CA ILE O 25 -28.27 -42.35 -40.96
C ILE O 25 -27.03 -41.69 -40.38
N VAL O 26 -26.01 -41.49 -41.23
CA VAL O 26 -24.78 -40.82 -40.79
C VAL O 26 -25.11 -39.44 -40.18
N ASP O 27 -25.97 -38.68 -40.88
CA ASP O 27 -26.37 -37.35 -40.42
C ASP O 27 -27.08 -37.43 -39.06
N ARG O 28 -28.01 -38.36 -38.95
CA ARG O 28 -28.75 -38.55 -37.70
C ARG O 28 -27.78 -38.82 -36.55
N THR O 29 -26.87 -39.77 -36.78
CA THR O 29 -25.90 -40.11 -35.77
C THR O 29 -25.09 -38.88 -35.33
N ASN O 30 -24.60 -38.10 -36.31
CA ASN O 30 -23.82 -36.89 -35.98
C ASN O 30 -24.61 -35.97 -35.05
N ASN O 31 -25.89 -35.77 -35.40
CA ASN O 31 -26.75 -34.90 -34.61
C ASN O 31 -27.01 -35.42 -33.21
N LEU O 32 -27.27 -36.73 -33.12
CA LEU O 32 -27.46 -37.36 -31.84
C LEU O 32 -26.20 -37.17 -31.02
N PHE O 33 -25.04 -37.45 -31.63
CA PHE O 33 -23.78 -37.29 -30.92
C PHE O 33 -23.57 -35.84 -30.44
N LYS O 34 -23.68 -34.88 -31.36
CA LYS O 34 -23.52 -33.47 -30.98
C LYS O 34 -24.44 -33.08 -29.82
N GLN O 35 -25.68 -33.53 -29.87
CA GLN O 35 -26.62 -33.23 -28.80
C GLN O 35 -26.15 -33.76 -27.46
N VAL O 36 -25.88 -35.06 -27.41
CA VAL O 36 -25.45 -35.67 -26.15
C VAL O 36 -24.14 -35.06 -25.69
N TYR O 37 -23.24 -34.78 -26.64
CA TYR O 37 -21.95 -34.23 -26.26
C TYR O 37 -22.05 -32.87 -25.63
N GLU O 38 -22.69 -31.96 -26.33
CA GLU O 38 -22.81 -30.61 -25.80
C GLU O 38 -23.59 -30.61 -24.49
N GLN O 39 -24.49 -31.58 -24.33
CA GLN O 39 -25.27 -31.65 -23.12
C GLN O 39 -24.45 -32.05 -21.91
N LYS O 40 -23.32 -32.71 -22.15
CA LYS O 40 -22.48 -33.19 -21.04
C LYS O 40 -23.32 -34.13 -20.17
N SER O 41 -24.13 -34.99 -20.79
CA SER O 41 -24.97 -35.86 -20.00
C SER O 41 -24.32 -37.19 -19.60
N LEU O 42 -23.44 -37.71 -20.45
CA LEU O 42 -22.79 -38.95 -20.10
C LEU O 42 -21.32 -38.70 -19.75
N LYS O 43 -21.06 -38.24 -18.54
CA LYS O 43 -19.69 -37.97 -18.12
C LYS O 43 -18.90 -39.29 -17.89
N GLY O 44 -17.57 -39.19 -17.95
CA GLY O 44 -16.70 -40.32 -17.72
C GLY O 44 -16.66 -41.43 -18.74
N ARG O 45 -17.33 -41.27 -19.86
CA ARG O 45 -17.33 -42.35 -20.84
C ARG O 45 -16.45 -42.01 -22.06
N ALA O 46 -16.24 -42.96 -22.95
CA ALA O 46 -15.43 -42.71 -24.14
C ALA O 46 -16.30 -42.25 -25.34
N ASN O 47 -15.87 -41.18 -25.99
CA ASN O 47 -16.60 -40.63 -27.11
C ASN O 47 -16.93 -41.65 -28.17
N ASP O 48 -16.07 -42.62 -28.38
CA ASP O 48 -16.43 -43.57 -29.44
C ASP O 48 -17.51 -44.53 -28.99
N ALA O 49 -17.60 -44.68 -27.67
CA ALA O 49 -18.61 -45.55 -27.11
C ALA O 49 -19.94 -44.81 -27.41
N ILE O 50 -20.00 -43.54 -27.02
CA ILE O 50 -21.21 -42.74 -27.25
C ILE O 50 -21.53 -42.71 -28.73
N ALA O 51 -20.50 -42.54 -29.54
CA ALA O 51 -20.70 -42.49 -30.98
C ALA O 51 -21.35 -43.77 -31.47
N SER O 52 -20.80 -44.90 -31.05
CA SER O 52 -21.35 -46.19 -31.48
C SER O 52 -22.79 -46.39 -31.00
N ALA O 53 -23.10 -45.88 -29.81
CA ALA O 53 -24.47 -46.04 -29.31
C ALA O 53 -25.36 -45.18 -30.24
N CYS O 54 -24.96 -43.91 -30.45
CA CYS O 54 -25.72 -43.03 -31.32
C CYS O 54 -25.94 -43.70 -32.69
N LEU O 55 -24.92 -44.35 -33.24
CA LEU O 55 -25.11 -44.96 -34.53
C LEU O 55 -26.18 -46.02 -34.44
N TYR O 56 -26.16 -46.79 -33.36
CA TYR O 56 -27.11 -47.86 -33.13
C TYR O 56 -28.53 -47.28 -33.09
N ILE O 57 -28.69 -46.20 -32.34
CA ILE O 57 -29.97 -45.52 -32.19
C ILE O 57 -30.49 -44.97 -33.53
N ALA O 58 -29.60 -44.27 -34.23
CA ALA O 58 -29.91 -43.69 -35.53
C ALA O 58 -30.48 -44.73 -36.49
N CYS O 59 -29.89 -45.93 -36.56
CA CYS O 59 -30.41 -46.92 -37.50
C CYS O 59 -31.80 -47.33 -37.11
N ARG O 60 -32.06 -47.35 -35.81
CA ARG O 60 -33.37 -47.72 -35.30
C ARG O 60 -34.40 -46.65 -35.64
N GLN O 61 -34.05 -45.39 -35.38
CA GLN O 61 -34.94 -44.27 -35.66
C GLN O 61 -35.17 -44.09 -37.15
N GLU O 62 -34.17 -44.42 -37.97
CA GLU O 62 -34.29 -44.32 -39.40
C GLU O 62 -35.10 -45.47 -39.96
N GLY O 63 -35.60 -46.32 -39.07
CA GLY O 63 -36.39 -47.45 -39.54
C GLY O 63 -35.68 -48.67 -40.10
N VAL O 64 -34.36 -48.72 -40.00
CA VAL O 64 -33.61 -49.87 -40.50
C VAL O 64 -32.64 -50.32 -39.41
N PRO O 65 -33.16 -51.00 -38.38
CA PRO O 65 -32.39 -51.48 -37.23
C PRO O 65 -31.24 -52.42 -37.51
N ARG O 66 -30.13 -52.19 -36.83
CA ARG O 66 -28.97 -53.06 -36.91
C ARG O 66 -28.85 -53.67 -35.52
N THR O 67 -28.44 -54.93 -35.43
CA THR O 67 -28.32 -55.57 -34.13
C THR O 67 -27.14 -54.96 -33.43
N PHE O 68 -27.09 -55.11 -32.11
CA PHE O 68 -25.96 -54.56 -31.36
C PHE O 68 -24.70 -55.24 -31.90
N LYS O 69 -24.81 -56.53 -32.20
CA LYS O 69 -23.63 -57.23 -32.68
C LYS O 69 -23.12 -56.59 -33.97
N GLU O 70 -24.02 -56.26 -34.87
CA GLU O 70 -23.60 -55.61 -36.13
C GLU O 70 -22.88 -54.29 -35.87
N ILE O 71 -23.43 -53.46 -35.01
CA ILE O 71 -22.76 -52.20 -34.74
C ILE O 71 -21.46 -52.50 -34.03
N CYS O 72 -21.45 -53.57 -33.26
CA CYS O 72 -20.23 -53.96 -32.51
C CYS O 72 -19.10 -54.31 -33.45
N ALA O 73 -19.48 -55.09 -34.46
CA ALA O 73 -18.56 -55.55 -35.49
C ALA O 73 -17.75 -54.41 -36.10
N VAL O 74 -18.42 -53.33 -36.46
CA VAL O 74 -17.76 -52.19 -37.07
C VAL O 74 -17.24 -51.22 -36.03
N SER O 75 -17.31 -51.59 -34.76
CA SER O 75 -16.85 -50.69 -33.70
C SER O 75 -15.76 -51.21 -32.80
N ARG O 76 -15.00 -50.29 -32.21
CA ARG O 76 -13.95 -50.69 -31.30
C ARG O 76 -14.49 -50.97 -29.89
N ILE O 77 -15.78 -50.71 -29.67
CA ILE O 77 -16.38 -50.90 -28.36
C ILE O 77 -17.21 -52.18 -28.26
N SER O 78 -17.38 -52.67 -27.03
CA SER O 78 -18.12 -53.89 -26.78
C SER O 78 -19.64 -53.71 -26.74
N LYS O 79 -20.35 -54.77 -27.09
CA LYS O 79 -21.80 -54.73 -27.07
C LYS O 79 -22.27 -54.26 -25.71
N LYS O 80 -21.59 -54.73 -24.67
CA LYS O 80 -21.98 -54.37 -23.32
C LYS O 80 -21.91 -52.86 -23.08
N GLU O 81 -20.84 -52.22 -23.54
CA GLU O 81 -20.67 -50.77 -23.30
C GLU O 81 -21.61 -49.99 -24.23
N ILE O 82 -21.78 -50.46 -25.46
CA ILE O 82 -22.66 -49.81 -26.40
C ILE O 82 -24.06 -49.82 -25.75
N GLY O 83 -24.50 -51.00 -25.31
CA GLY O 83 -25.78 -51.12 -24.63
C GLY O 83 -25.91 -50.19 -23.38
N ARG O 84 -24.88 -50.07 -22.54
CA ARG O 84 -25.09 -49.19 -21.41
C ARG O 84 -25.26 -47.77 -21.91
N CYS O 85 -24.43 -47.38 -22.89
CA CYS O 85 -24.49 -46.04 -23.45
C CYS O 85 -25.85 -45.76 -24.06
N PHE O 86 -26.34 -46.77 -24.78
CA PHE O 86 -27.64 -46.70 -25.45
C PHE O 86 -28.73 -46.30 -24.45
N LYS O 87 -28.85 -47.02 -23.36
CA LYS O 87 -29.86 -46.69 -22.36
C LYS O 87 -29.63 -45.29 -21.81
N LEU O 88 -28.40 -44.97 -21.43
CA LEU O 88 -28.12 -43.67 -20.84
C LEU O 88 -28.50 -42.51 -21.78
N ILE O 89 -28.30 -42.70 -23.08
CA ILE O 89 -28.57 -41.64 -24.03
C ILE O 89 -30.06 -41.41 -24.23
N LEU O 90 -30.84 -42.48 -24.35
CA LEU O 90 -32.29 -42.31 -24.53
C LEU O 90 -32.79 -41.49 -23.35
N LYS O 91 -32.30 -41.80 -22.15
CA LYS O 91 -32.74 -41.08 -20.99
C LYS O 91 -32.34 -39.62 -21.03
N ALA O 92 -31.08 -39.34 -21.34
CA ALA O 92 -30.59 -37.96 -21.38
C ALA O 92 -31.30 -37.12 -22.41
N LEU O 93 -31.59 -37.70 -23.56
CA LEU O 93 -32.26 -37.00 -24.63
C LEU O 93 -33.79 -37.12 -24.59
N GLU O 94 -34.33 -37.65 -23.49
CA GLU O 94 -35.79 -37.77 -23.37
C GLU O 94 -36.37 -38.41 -24.64
N THR O 95 -35.71 -39.44 -25.18
CA THR O 95 -36.21 -40.09 -26.41
C THR O 95 -36.46 -41.54 -26.17
N SER O 96 -36.92 -42.20 -27.23
CA SER O 96 -37.24 -43.61 -27.19
C SER O 96 -37.09 -44.16 -28.61
N VAL O 97 -37.26 -45.47 -28.75
CA VAL O 97 -37.20 -46.16 -30.02
C VAL O 97 -38.30 -47.23 -30.00
N ASP O 98 -38.97 -47.43 -31.11
CA ASP O 98 -40.05 -48.41 -31.16
C ASP O 98 -39.43 -49.80 -31.04
N LEU O 99 -40.14 -50.71 -30.37
CA LEU O 99 -39.66 -52.08 -30.18
C LEU O 99 -39.32 -52.73 -31.52
N ILE O 100 -38.23 -53.50 -31.56
CA ILE O 100 -37.85 -54.18 -32.79
C ILE O 100 -38.74 -55.37 -33.05
N THR O 101 -38.96 -55.66 -34.32
CA THR O 101 -39.84 -56.75 -34.70
C THR O 101 -39.13 -57.68 -35.65
N THR O 102 -39.71 -58.85 -35.87
CA THR O 102 -39.12 -59.80 -36.79
C THR O 102 -38.99 -59.19 -38.19
N GLY O 103 -40.00 -58.44 -38.59
CA GLY O 103 -39.98 -57.82 -39.91
C GLY O 103 -38.82 -56.88 -40.13
N ASP O 104 -38.34 -56.25 -39.07
CA ASP O 104 -37.21 -55.32 -39.17
C ASP O 104 -35.93 -55.90 -39.73
N PHE O 105 -35.83 -57.21 -39.84
CA PHE O 105 -34.58 -57.84 -40.31
C PHE O 105 -34.76 -58.74 -41.50
N MET O 106 -36.00 -59.15 -41.75
CA MET O 106 -36.27 -60.06 -42.85
C MET O 106 -35.65 -59.59 -44.19
N SER O 107 -35.79 -58.31 -44.51
CA SER O 107 -35.23 -57.81 -45.77
C SER O 107 -33.73 -58.02 -45.87
N ARG O 108 -32.97 -57.28 -45.05
CA ARG O 108 -31.50 -57.38 -45.08
C ARG O 108 -30.97 -58.80 -44.89
N PHE O 109 -31.52 -59.55 -43.93
CA PHE O 109 -31.04 -60.91 -43.70
C PHE O 109 -31.18 -61.74 -44.96
N CYS O 110 -32.40 -61.85 -45.48
CA CYS O 110 -32.61 -62.62 -46.70
C CYS O 110 -31.73 -62.19 -47.86
N SER O 111 -31.43 -60.90 -47.93
CA SER O 111 -30.60 -60.38 -49.01
C SER O 111 -29.22 -60.97 -48.83
N ASN O 112 -28.64 -60.76 -47.66
CA ASN O 112 -27.30 -61.27 -47.36
C ASN O 112 -27.23 -62.79 -47.55
N LEU O 113 -28.37 -63.47 -47.52
CA LEU O 113 -28.42 -64.91 -47.71
C LEU O 113 -28.74 -65.22 -49.17
N CYS O 114 -28.83 -64.16 -49.99
CA CYS O 114 -29.14 -64.30 -51.41
C CYS O 114 -30.36 -65.18 -51.62
N LEU O 115 -31.42 -64.87 -50.89
CA LEU O 115 -32.63 -65.64 -51.01
C LEU O 115 -33.66 -64.92 -51.88
N PRO O 116 -34.32 -65.68 -52.78
CA PRO O 116 -35.35 -65.13 -53.68
C PRO O 116 -36.53 -64.51 -52.92
N LYS O 117 -36.92 -63.31 -53.35
CA LYS O 117 -38.00 -62.58 -52.71
C LYS O 117 -39.17 -63.44 -52.29
N GLN O 118 -39.41 -64.53 -53.01
CA GLN O 118 -40.54 -65.38 -52.68
C GLN O 118 -40.40 -66.00 -51.29
N VAL O 119 -39.17 -66.42 -50.95
CA VAL O 119 -38.89 -67.02 -49.66
C VAL O 119 -38.91 -65.92 -48.58
N GLN O 120 -38.24 -64.80 -48.88
CA GLN O 120 -38.21 -63.69 -47.94
C GLN O 120 -39.62 -63.37 -47.47
N MET O 121 -40.57 -63.41 -48.40
CA MET O 121 -41.94 -63.12 -48.04
C MET O 121 -42.51 -64.22 -47.18
N ALA O 122 -42.14 -65.46 -47.52
CA ALA O 122 -42.61 -66.63 -46.76
C ALA O 122 -42.13 -66.49 -45.32
N ALA O 123 -40.82 -66.31 -45.18
CA ALA O 123 -40.23 -66.13 -43.87
C ALA O 123 -40.99 -65.08 -43.10
N THR O 124 -41.01 -63.88 -43.67
CA THR O 124 -41.70 -62.74 -43.07
C THR O 124 -43.09 -63.11 -42.56
N HIS O 125 -43.83 -63.85 -43.37
CA HIS O 125 -45.17 -64.26 -42.99
C HIS O 125 -45.08 -65.24 -41.80
N ILE O 126 -44.26 -66.27 -41.94
CA ILE O 126 -44.11 -67.27 -40.88
C ILE O 126 -43.80 -66.59 -39.56
N ALA O 127 -42.84 -65.68 -39.58
CA ALA O 127 -42.46 -64.97 -38.37
C ALA O 127 -43.64 -64.26 -37.72
N ARG O 128 -44.26 -63.36 -38.48
CA ARG O 128 -45.42 -62.58 -38.03
C ARG O 128 -46.53 -63.45 -37.47
N LYS O 129 -46.90 -64.48 -38.24
CA LYS O 129 -47.94 -65.39 -37.81
C LYS O 129 -47.53 -66.01 -36.46
N ALA O 130 -46.32 -66.55 -36.44
CA ALA O 130 -45.73 -67.18 -35.27
C ALA O 130 -45.93 -66.36 -34.00
N VAL O 131 -45.54 -65.09 -34.06
CA VAL O 131 -45.69 -64.21 -32.90
C VAL O 131 -47.17 -63.91 -32.62
N GLU O 132 -47.97 -63.80 -33.68
CA GLU O 132 -49.40 -63.54 -33.55
C GLU O 132 -50.03 -64.65 -32.76
N LEU O 133 -49.60 -65.87 -33.03
CA LEU O 133 -50.17 -67.00 -32.32
C LEU O 133 -49.47 -67.25 -30.97
N ASP O 134 -48.59 -66.33 -30.60
CA ASP O 134 -47.81 -66.42 -29.35
C ASP O 134 -47.09 -67.77 -29.20
N LEU O 135 -46.33 -68.18 -30.22
CA LEU O 135 -45.61 -69.46 -30.17
C LEU O 135 -44.19 -69.30 -29.62
N VAL O 136 -43.65 -68.10 -29.67
CA VAL O 136 -42.30 -67.88 -29.20
C VAL O 136 -42.21 -66.77 -28.19
N PRO O 137 -42.96 -66.90 -27.10
CA PRO O 137 -42.96 -65.89 -26.04
C PRO O 137 -41.60 -65.74 -25.42
N GLY O 138 -41.17 -64.49 -25.20
CA GLY O 138 -39.90 -64.22 -24.55
C GLY O 138 -38.64 -64.29 -25.41
N ARG O 139 -38.73 -64.92 -26.58
CA ARG O 139 -37.60 -65.05 -27.48
C ARG O 139 -37.28 -63.71 -28.14
N SER O 140 -36.03 -63.50 -28.53
CA SER O 140 -35.65 -62.26 -29.20
C SER O 140 -36.18 -62.27 -30.63
N PRO O 141 -36.72 -61.13 -31.09
CA PRO O 141 -37.26 -61.06 -32.46
C PRO O 141 -36.26 -61.54 -33.50
N ILE O 142 -34.98 -61.27 -33.26
CA ILE O 142 -33.95 -61.68 -34.22
C ILE O 142 -33.80 -63.20 -34.26
N SER O 143 -33.96 -63.85 -33.11
CA SER O 143 -33.90 -65.30 -33.05
C SER O 143 -35.08 -65.85 -33.84
N VAL O 144 -36.28 -65.32 -33.57
CA VAL O 144 -37.48 -65.82 -34.27
C VAL O 144 -37.34 -65.62 -35.79
N ALA O 145 -36.81 -64.45 -36.15
CA ALA O 145 -36.61 -64.15 -37.57
C ALA O 145 -35.75 -65.26 -38.16
N ALA O 146 -34.61 -65.51 -37.53
CA ALA O 146 -33.66 -66.53 -37.98
C ALA O 146 -34.33 -67.89 -38.16
N ALA O 147 -35.18 -68.25 -37.21
CA ALA O 147 -35.87 -69.54 -37.30
C ALA O 147 -36.83 -69.55 -38.49
N ALA O 148 -37.56 -68.46 -38.64
CA ALA O 148 -38.53 -68.32 -39.74
C ALA O 148 -37.81 -68.48 -41.10
N ILE O 149 -36.72 -67.73 -41.29
CA ILE O 149 -35.96 -67.82 -42.52
C ILE O 149 -35.51 -69.27 -42.75
N TYR O 150 -34.98 -69.91 -41.72
CA TYR O 150 -34.55 -71.32 -41.83
C TYR O 150 -35.72 -72.17 -42.31
N MET O 151 -36.86 -72.07 -41.62
CA MET O 151 -38.00 -72.87 -42.02
C MET O 151 -38.37 -72.62 -43.48
N ALA O 152 -38.51 -71.35 -43.83
CA ALA O 152 -38.86 -70.95 -45.19
C ALA O 152 -37.87 -71.54 -46.16
N SER O 153 -36.60 -71.17 -45.99
CA SER O 153 -35.55 -71.65 -46.86
C SER O 153 -35.53 -73.17 -47.06
N GLN O 154 -35.81 -73.92 -46.01
CA GLN O 154 -35.80 -75.37 -46.10
C GLN O 154 -37.01 -75.90 -46.83
N ALA O 155 -37.99 -75.03 -47.03
CA ALA O 155 -39.22 -75.39 -47.75
C ALA O 155 -39.07 -75.00 -49.23
N SER O 156 -37.97 -74.34 -49.54
CA SER O 156 -37.66 -73.87 -50.89
C SER O 156 -36.49 -74.62 -51.48
N ALA O 157 -36.20 -74.30 -52.74
CA ALA O 157 -35.07 -74.91 -53.43
C ALA O 157 -33.78 -74.23 -52.95
N GLU O 158 -33.91 -72.98 -52.54
CA GLU O 158 -32.76 -72.21 -52.09
C GLU O 158 -32.59 -72.36 -50.57
N LYS O 159 -32.50 -73.60 -50.13
CA LYS O 159 -32.36 -73.90 -48.72
C LYS O 159 -31.06 -73.35 -48.13
N ARG O 160 -31.11 -73.01 -46.84
CA ARG O 160 -29.95 -72.49 -46.14
C ARG O 160 -29.70 -73.30 -44.86
N THR O 161 -28.46 -73.26 -44.40
CA THR O 161 -28.05 -73.99 -43.24
C THR O 161 -28.15 -73.15 -41.98
N GLN O 162 -28.51 -73.78 -40.87
CA GLN O 162 -28.61 -73.10 -39.58
C GLN O 162 -27.38 -72.23 -39.41
N LYS O 163 -26.22 -72.81 -39.69
CA LYS O 163 -24.97 -72.04 -39.52
C LYS O 163 -24.93 -70.80 -40.40
N GLU O 164 -25.33 -70.95 -41.67
CA GLU O 164 -25.33 -69.82 -42.61
C GLU O 164 -26.19 -68.69 -42.09
N ILE O 165 -27.44 -69.02 -41.78
CA ILE O 165 -28.38 -68.05 -41.28
C ILE O 165 -27.81 -67.45 -40.00
N GLY O 166 -27.38 -68.31 -39.09
CA GLY O 166 -26.84 -67.84 -37.84
C GLY O 166 -25.74 -66.81 -38.03
N ASP O 167 -24.83 -67.06 -38.96
CA ASP O 167 -23.70 -66.12 -39.21
C ASP O 167 -24.23 -64.77 -39.65
N ILE O 168 -25.22 -64.79 -40.54
CA ILE O 168 -25.79 -63.54 -41.04
C ILE O 168 -26.64 -62.84 -39.98
N ALA O 169 -27.47 -63.62 -39.27
CA ALA O 169 -28.35 -63.08 -38.25
C ALA O 169 -27.59 -62.70 -36.99
N GLY O 170 -26.44 -63.33 -36.78
CA GLY O 170 -25.68 -63.05 -35.58
C GLY O 170 -26.27 -63.83 -34.40
N VAL O 171 -26.81 -65.01 -34.61
CA VAL O 171 -27.33 -65.80 -33.53
C VAL O 171 -26.73 -67.20 -33.65
N ALA O 172 -26.59 -67.92 -32.54
CA ALA O 172 -26.05 -69.27 -32.53
C ALA O 172 -27.09 -70.21 -33.07
N ASP O 173 -26.68 -71.22 -33.80
CA ASP O 173 -27.67 -72.14 -34.35
C ASP O 173 -28.51 -72.87 -33.34
N VAL O 174 -28.05 -72.98 -32.10
CA VAL O 174 -28.88 -73.69 -31.15
C VAL O 174 -30.00 -72.74 -30.82
N THR O 175 -29.69 -71.45 -30.84
CA THR O 175 -30.71 -70.43 -30.59
C THR O 175 -31.77 -70.58 -31.67
N ILE O 176 -31.34 -70.79 -32.92
CA ILE O 176 -32.27 -71.00 -34.01
C ILE O 176 -33.05 -72.27 -33.83
N ARG O 177 -32.39 -73.35 -33.44
CA ARG O 177 -33.11 -74.61 -33.26
C ARG O 177 -34.19 -74.50 -32.21
N GLN O 178 -33.94 -73.70 -31.19
CA GLN O 178 -34.89 -73.50 -30.09
C GLN O 178 -36.19 -72.86 -30.56
N SER O 179 -36.09 -71.75 -31.27
CA SER O 179 -37.30 -71.09 -31.75
C SER O 179 -37.93 -71.93 -32.83
N TYR O 180 -37.10 -72.55 -33.66
CA TYR O 180 -37.59 -73.41 -34.73
C TYR O 180 -38.46 -74.50 -34.15
N ARG O 181 -37.99 -75.09 -33.05
CA ARG O 181 -38.72 -76.19 -32.43
C ARG O 181 -40.09 -75.77 -31.94
N LEU O 182 -40.22 -74.48 -31.58
CA LEU O 182 -41.49 -73.99 -31.08
C LEU O 182 -42.48 -73.65 -32.19
N ILE O 183 -41.99 -73.26 -33.37
CA ILE O 183 -42.90 -72.96 -34.48
C ILE O 183 -43.19 -74.22 -35.35
N TYR O 184 -42.27 -75.17 -35.36
CA TYR O 184 -42.44 -76.39 -36.15
C TYR O 184 -43.80 -77.06 -36.02
N PRO O 185 -44.33 -77.18 -34.80
CA PRO O 185 -45.64 -77.81 -34.58
C PRO O 185 -46.80 -77.19 -35.35
N ARG O 186 -46.66 -75.95 -35.80
CA ARG O 186 -47.74 -75.32 -36.54
C ARG O 186 -47.32 -74.91 -37.93
N ALA O 187 -46.24 -75.52 -38.42
CA ALA O 187 -45.71 -75.23 -39.75
C ALA O 187 -46.79 -75.05 -40.84
N PRO O 188 -47.74 -76.01 -40.95
CA PRO O 188 -48.78 -75.82 -41.98
C PRO O 188 -49.58 -74.51 -41.85
N ASP O 189 -49.96 -74.12 -40.64
CA ASP O 189 -50.70 -72.87 -40.43
C ASP O 189 -49.80 -71.64 -40.62
N LEU O 190 -48.49 -71.83 -40.64
CA LEU O 190 -47.59 -70.69 -40.74
C LEU O 190 -47.23 -70.19 -42.10
N PHE O 191 -47.11 -71.08 -43.07
CA PHE O 191 -46.75 -70.66 -44.43
C PHE O 191 -47.89 -69.88 -45.09
N PRO O 192 -47.55 -69.08 -46.12
CA PRO O 192 -48.54 -68.28 -46.87
C PRO O 192 -49.39 -69.30 -47.65
N THR O 193 -50.71 -69.14 -47.58
CA THR O 193 -51.70 -70.00 -48.23
C THR O 193 -51.32 -70.50 -49.63
N ASP O 194 -50.77 -69.61 -50.45
CA ASP O 194 -50.37 -69.99 -51.79
C ASP O 194 -48.86 -70.14 -51.86
N PHE O 195 -48.34 -71.22 -51.27
CA PHE O 195 -46.90 -71.44 -51.25
C PHE O 195 -46.44 -72.67 -52.03
N LYS O 196 -45.40 -72.47 -52.84
CA LYS O 196 -44.85 -73.54 -53.66
C LYS O 196 -43.78 -74.34 -52.91
N PHE O 197 -44.24 -75.35 -52.17
CA PHE O 197 -43.37 -76.21 -51.38
C PHE O 197 -42.37 -77.06 -52.13
N ASP O 198 -41.12 -76.60 -52.23
CA ASP O 198 -40.09 -77.40 -52.89
C ASP O 198 -40.09 -78.70 -52.06
N THR O 199 -40.08 -78.53 -50.74
CA THR O 199 -40.12 -79.68 -49.82
C THR O 199 -41.46 -79.59 -49.10
N PRO O 200 -42.21 -80.70 -49.09
CA PRO O 200 -43.49 -80.61 -48.39
C PRO O 200 -43.35 -80.26 -46.91
N VAL O 201 -44.36 -79.57 -46.37
CA VAL O 201 -44.37 -79.13 -44.96
C VAL O 201 -43.90 -80.26 -43.99
N ASP O 202 -44.28 -81.49 -44.31
CA ASP O 202 -43.91 -82.65 -43.50
C ASP O 202 -42.44 -82.99 -43.50
N LYS O 203 -41.90 -83.29 -44.68
CA LYS O 203 -40.49 -83.68 -44.77
C LYS O 203 -39.53 -82.57 -44.35
N LEU O 204 -40.09 -81.53 -43.74
CA LEU O 204 -39.31 -80.39 -43.22
C LEU O 204 -38.45 -80.88 -42.03
N PRO O 205 -37.22 -80.35 -41.90
CA PRO O 205 -36.30 -80.71 -40.81
C PRO O 205 -37.04 -80.95 -39.50
N GLN O 206 -36.83 -82.10 -38.89
CA GLN O 206 -37.52 -82.40 -37.65
C GLN O 206 -36.61 -82.34 -36.44
N LEU O 207 -36.00 -81.17 -36.23
CA LEU O 207 -35.11 -80.94 -35.11
C LEU O 207 -35.73 -81.32 -33.77
N GLY P 1 -55.93 -54.67 -2.92
CA GLY P 1 -54.88 -55.66 -2.61
C GLY P 1 -54.60 -56.65 -3.74
N SER P 2 -53.33 -56.95 -3.95
CA SER P 2 -52.90 -57.89 -4.99
C SER P 2 -53.23 -59.27 -4.47
N GLY P 3 -53.08 -59.42 -3.16
CA GLY P 3 -53.34 -60.70 -2.53
C GLY P 3 -52.14 -61.60 -2.72
N ILE P 4 -51.01 -61.03 -3.15
CA ILE P 4 -49.79 -61.79 -3.37
C ILE P 4 -48.70 -61.16 -2.56
N VAL P 5 -47.94 -61.97 -1.83
CA VAL P 5 -46.86 -61.37 -1.06
C VAL P 5 -45.49 -61.80 -1.59
N PRO P 6 -44.69 -60.82 -2.04
CA PRO P 6 -43.37 -61.13 -2.56
C PRO P 6 -42.46 -61.73 -1.49
N GLN P 7 -41.78 -62.83 -1.83
CA GLN P 7 -40.89 -63.51 -0.90
C GLN P 7 -39.45 -62.97 -0.97
N LEU P 8 -38.92 -62.65 0.21
CA LEU P 8 -37.56 -62.15 0.36
C LEU P 8 -36.63 -63.26 -0.10
N GLN P 9 -35.64 -62.92 -0.91
CA GLN P 9 -34.71 -63.92 -1.42
C GLN P 9 -33.28 -63.67 -1.03
N ASN P 10 -32.95 -62.39 -0.84
CA ASN P 10 -31.62 -62.03 -0.45
C ASN P 10 -31.53 -60.73 0.28
N ILE P 11 -30.66 -60.70 1.27
CA ILE P 11 -30.43 -59.54 2.11
C ILE P 11 -28.94 -59.32 2.16
N VAL P 12 -28.53 -58.05 1.98
CA VAL P 12 -27.14 -57.68 2.03
C VAL P 12 -27.02 -56.66 3.15
N SER P 13 -26.16 -56.96 4.12
CA SER P 13 -25.96 -56.04 5.23
C SER P 13 -24.47 -55.85 5.52
N THR P 14 -24.18 -54.77 6.23
CA THR P 14 -22.84 -54.42 6.62
C THR P 14 -22.78 -54.21 8.12
N VAL P 15 -21.61 -54.45 8.70
CA VAL P 15 -21.39 -54.27 10.13
C VAL P 15 -19.90 -54.03 10.30
N ASN P 16 -19.52 -53.18 11.25
CA ASN P 16 -18.12 -52.88 11.49
C ASN P 16 -17.56 -53.51 12.77
N LEU P 17 -16.56 -54.38 12.63
CA LEU P 17 -15.92 -55.05 13.76
C LEU P 17 -15.15 -54.08 14.66
N GLY P 18 -14.92 -52.87 14.17
CA GLY P 18 -14.22 -51.87 14.96
C GLY P 18 -12.70 -51.98 14.99
N CYS P 19 -12.17 -53.20 14.99
CA CYS P 19 -10.73 -53.40 15.04
C CYS P 19 -10.17 -53.81 13.69
N LYS P 20 -8.95 -53.37 13.40
CA LYS P 20 -8.29 -53.74 12.15
C LYS P 20 -8.05 -55.26 12.18
N LEU P 21 -7.95 -55.90 11.02
CA LEU P 21 -7.70 -57.33 11.02
C LEU P 21 -6.52 -57.81 10.18
N ASP P 22 -6.26 -59.12 10.30
CA ASP P 22 -5.16 -59.87 9.69
C ASP P 22 -5.80 -60.94 8.79
N LEU P 23 -6.21 -60.62 7.58
CA LEU P 23 -6.86 -61.62 6.74
C LEU P 23 -6.07 -62.92 6.60
N LYS P 24 -4.74 -62.81 6.51
CA LYS P 24 -3.88 -63.97 6.38
C LYS P 24 -4.15 -64.97 7.50
N THR P 25 -3.98 -64.50 8.73
CA THR P 25 -4.23 -65.31 9.92
C THR P 25 -5.62 -65.93 9.87
N ILE P 26 -6.64 -65.07 9.81
CA ILE P 26 -8.02 -65.51 9.76
C ILE P 26 -8.26 -66.57 8.70
N ALA P 27 -7.74 -66.35 7.51
CA ALA P 27 -7.91 -67.33 6.43
C ALA P 27 -7.34 -68.67 6.87
N LEU P 28 -6.12 -68.63 7.42
CA LEU P 28 -5.39 -69.81 7.89
C LEU P 28 -6.12 -70.57 8.99
N ARG P 29 -6.38 -69.88 10.10
CA ARG P 29 -7.05 -70.47 11.26
C ARG P 29 -8.49 -70.87 10.95
N ALA P 30 -9.27 -69.92 10.46
CA ALA P 30 -10.68 -70.16 10.14
C ALA P 30 -10.83 -71.30 9.16
N ARG P 31 -11.78 -72.18 9.46
CA ARG P 31 -12.02 -73.35 8.62
C ARG P 31 -12.65 -72.99 7.27
N ASN P 32 -13.89 -72.52 7.33
CA ASN P 32 -14.69 -72.14 6.18
C ASN P 32 -14.27 -70.81 5.54
N ALA P 33 -13.01 -70.42 5.73
CA ALA P 33 -12.52 -69.18 5.15
C ALA P 33 -11.84 -69.48 3.80
N GLU P 34 -11.37 -68.43 3.14
CA GLU P 34 -10.70 -68.50 1.83
C GLU P 34 -10.14 -67.10 1.63
N TYR P 35 -8.90 -67.02 1.17
CA TYR P 35 -8.26 -65.73 0.98
C TYR P 35 -7.25 -65.70 -0.15
N ASN P 36 -7.57 -65.01 -1.23
CA ASN P 36 -6.66 -64.93 -2.36
C ASN P 36 -6.54 -63.45 -2.77
N PRO P 37 -5.76 -62.67 -2.01
CA PRO P 37 -5.58 -61.24 -2.30
C PRO P 37 -5.31 -60.90 -3.75
N LYS P 38 -4.68 -61.81 -4.48
CA LYS P 38 -4.39 -61.59 -5.87
C LYS P 38 -5.73 -61.53 -6.61
N ARG P 39 -6.66 -62.36 -6.16
CA ARG P 39 -7.99 -62.45 -6.74
C ARG P 39 -8.98 -61.41 -6.16
N PHE P 40 -9.03 -61.29 -4.84
CA PHE P 40 -9.94 -60.33 -4.20
C PHE P 40 -9.39 -59.92 -2.84
N ALA P 41 -9.51 -58.64 -2.54
CA ALA P 41 -8.95 -58.07 -1.30
C ALA P 41 -9.55 -58.43 0.05
N ALA P 42 -10.49 -59.37 0.08
CA ALA P 42 -11.09 -59.72 1.36
C ALA P 42 -11.27 -61.20 1.60
N VAL P 43 -11.47 -61.58 2.84
CA VAL P 43 -11.66 -63.00 3.17
C VAL P 43 -13.12 -63.36 2.92
N ILE P 44 -13.34 -64.51 2.27
CA ILE P 44 -14.68 -64.99 1.98
C ILE P 44 -14.95 -66.13 2.99
N MET P 45 -15.94 -65.95 3.84
CA MET P 45 -16.29 -66.94 4.85
C MET P 45 -17.72 -67.39 4.69
N ARG P 46 -18.02 -68.63 5.05
CA ARG P 46 -19.39 -69.13 4.91
C ARG P 46 -19.90 -70.04 6.03
N ILE P 47 -20.97 -69.64 6.69
CA ILE P 47 -21.55 -70.49 7.71
C ILE P 47 -22.74 -71.12 7.01
N ARG P 48 -23.22 -72.29 7.43
CA ARG P 48 -24.34 -72.81 6.69
C ARG P 48 -25.69 -72.69 7.34
N GLU P 49 -25.74 -72.03 8.50
CA GLU P 49 -27.00 -71.78 9.20
C GLU P 49 -26.81 -70.54 10.09
N PRO P 50 -27.31 -69.36 9.66
CA PRO P 50 -28.04 -69.02 8.43
C PRO P 50 -27.17 -69.21 7.16
N ARG P 51 -27.65 -69.99 6.19
CA ARG P 51 -26.87 -70.17 4.95
C ARG P 51 -26.48 -68.79 4.41
N THR P 52 -25.19 -68.48 4.55
CA THR P 52 -24.72 -67.17 4.16
C THR P 52 -23.26 -67.22 3.72
N THR P 53 -22.74 -66.08 3.29
CA THR P 53 -21.32 -66.00 2.97
C THR P 53 -21.00 -64.56 3.29
N ALA P 54 -19.83 -64.36 3.89
CA ALA P 54 -19.41 -63.02 4.27
C ALA P 54 -18.11 -62.58 3.63
N LEU P 55 -17.98 -61.26 3.52
CA LEU P 55 -16.83 -60.62 2.93
C LEU P 55 -16.17 -59.81 4.05
N ILE P 56 -15.03 -60.30 4.56
CA ILE P 56 -14.34 -59.57 5.65
C ILE P 56 -13.11 -58.84 5.16
N PHE P 57 -13.08 -57.55 5.43
CA PHE P 57 -11.99 -56.68 5.02
C PHE P 57 -11.03 -56.36 6.17
N SER P 58 -9.75 -56.22 5.83
CA SER P 58 -8.73 -55.91 6.83
C SER P 58 -9.09 -54.64 7.62
N SER P 59 -9.95 -53.81 7.04
CA SER P 59 -10.34 -52.58 7.71
C SER P 59 -11.18 -52.87 8.95
N GLY P 60 -11.77 -54.06 9.01
CA GLY P 60 -12.61 -54.41 10.13
C GLY P 60 -14.09 -54.47 9.74
N LYS P 61 -14.43 -53.88 8.60
CA LYS P 61 -15.81 -53.89 8.12
C LYS P 61 -16.04 -55.18 7.31
N MET P 62 -17.28 -55.65 7.33
CA MET P 62 -17.62 -56.85 6.58
C MET P 62 -19.01 -56.74 5.95
N VAL P 63 -19.24 -57.58 4.94
CA VAL P 63 -20.50 -57.58 4.23
C VAL P 63 -21.13 -58.94 4.38
N CYS P 64 -22.40 -58.98 4.71
CA CYS P 64 -23.09 -60.24 4.91
C CYS P 64 -24.09 -60.41 3.78
N THR P 65 -24.07 -61.55 3.12
CA THR P 65 -24.96 -61.75 2.00
C THR P 65 -25.62 -63.14 2.00
N GLY P 66 -26.81 -63.25 1.40
CA GLY P 66 -27.48 -64.55 1.36
C GLY P 66 -28.67 -64.79 2.27
N ALA P 67 -28.78 -64.04 3.36
CA ALA P 67 -29.89 -64.24 4.29
C ALA P 67 -31.24 -63.96 3.63
N LYS P 68 -32.26 -64.68 4.10
CA LYS P 68 -33.61 -64.53 3.59
C LYS P 68 -34.46 -63.63 4.47
N SER P 69 -33.84 -62.98 5.45
CA SER P 69 -34.58 -62.07 6.32
C SER P 69 -33.63 -61.19 7.10
N GLU P 70 -34.11 -60.04 7.55
CA GLU P 70 -33.27 -59.11 8.29
C GLU P 70 -32.70 -59.72 9.57
N GLU P 71 -33.54 -60.43 10.34
CA GLU P 71 -33.07 -61.03 11.59
C GLU P 71 -32.03 -62.07 11.27
N GLN P 72 -32.34 -62.89 10.27
CA GLN P 72 -31.42 -63.92 9.84
C GLN P 72 -30.06 -63.31 9.38
N SER P 73 -30.13 -62.16 8.70
CA SER P 73 -28.92 -61.51 8.22
C SER P 73 -28.10 -61.06 9.43
N ARG P 74 -28.75 -60.40 10.39
CA ARG P 74 -28.07 -59.93 11.60
C ARG P 74 -27.52 -61.10 12.39
N LEU P 75 -28.29 -62.16 12.46
CA LEU P 75 -27.89 -63.34 13.19
C LEU P 75 -26.58 -63.85 12.62
N ALA P 76 -26.58 -64.12 11.32
CA ALA P 76 -25.37 -64.60 10.64
C ALA P 76 -24.25 -63.59 10.85
N ALA P 77 -24.55 -62.32 10.65
CA ALA P 77 -23.56 -61.26 10.83
C ALA P 77 -22.81 -61.39 12.15
N ARG P 78 -23.52 -61.74 13.21
CA ARG P 78 -22.86 -61.83 14.49
C ARG P 78 -22.11 -63.13 14.65
N LYS P 79 -22.64 -64.19 14.08
CA LYS P 79 -21.95 -65.45 14.13
C LYS P 79 -20.54 -65.21 13.50
N TYR P 80 -20.47 -64.48 12.37
CA TYR P 80 -19.18 -64.19 11.73
C TYR P 80 -18.33 -63.37 12.69
N ALA P 81 -18.94 -62.34 13.28
CA ALA P 81 -18.25 -61.47 14.20
C ALA P 81 -17.63 -62.31 15.32
N ARG P 82 -18.34 -63.35 15.70
CA ARG P 82 -17.86 -64.23 16.75
C ARG P 82 -16.56 -64.93 16.32
N VAL P 83 -16.61 -65.79 15.29
CA VAL P 83 -15.39 -66.49 14.85
C VAL P 83 -14.19 -65.53 14.80
N VAL P 84 -14.41 -64.30 14.34
CA VAL P 84 -13.31 -63.36 14.32
C VAL P 84 -12.82 -63.13 15.73
N GLN P 85 -13.73 -62.78 16.62
CA GLN P 85 -13.40 -62.52 18.03
C GLN P 85 -12.69 -63.71 18.62
N LYS P 86 -13.26 -64.90 18.45
CA LYS P 86 -12.70 -66.14 18.96
C LYS P 86 -11.30 -66.43 18.42
N LEU P 87 -10.91 -65.76 17.34
CA LEU P 87 -9.58 -65.95 16.77
C LEU P 87 -8.68 -64.91 17.38
N GLY P 88 -9.19 -64.26 18.42
CA GLY P 88 -8.40 -63.26 19.12
C GLY P 88 -8.36 -61.86 18.56
N PHE P 89 -9.53 -61.28 18.30
CA PHE P 89 -9.57 -59.91 17.80
C PHE P 89 -10.59 -59.10 18.60
N PRO P 90 -10.24 -57.86 18.92
CA PRO P 90 -11.09 -56.93 19.70
C PRO P 90 -12.37 -56.65 18.92
N ALA P 91 -12.94 -57.70 18.34
CA ALA P 91 -14.16 -57.60 17.53
C ALA P 91 -15.40 -57.04 18.24
N LYS P 92 -15.94 -55.96 17.68
CA LYS P 92 -17.15 -55.31 18.18
C LYS P 92 -18.27 -55.62 17.17
N PHE P 93 -19.34 -54.83 17.20
CA PHE P 93 -20.45 -55.04 16.27
C PHE P 93 -21.16 -53.72 16.09
N LEU P 94 -20.42 -52.75 15.60
CA LEU P 94 -20.91 -51.40 15.39
C LEU P 94 -21.69 -51.20 14.09
N ASP P 95 -22.66 -50.29 14.17
CA ASP P 95 -23.50 -49.89 13.05
C ASP P 95 -23.96 -50.95 12.08
N PHE P 96 -24.52 -52.05 12.56
CA PHE P 96 -25.01 -53.07 11.64
C PHE P 96 -26.14 -52.43 10.85
N LYS P 97 -26.18 -52.67 9.54
CA LYS P 97 -27.21 -52.09 8.71
C LYS P 97 -27.60 -52.90 7.48
N ILE P 98 -28.90 -52.92 7.19
CA ILE P 98 -29.38 -53.61 6.01
C ILE P 98 -29.11 -52.63 4.85
N GLN P 99 -28.40 -53.10 3.82
CA GLN P 99 -28.07 -52.24 2.70
C GLN P 99 -28.97 -52.46 1.50
N ASN P 100 -29.40 -53.70 1.32
CA ASN P 100 -30.24 -53.99 0.20
C ASN P 100 -30.98 -55.28 0.43
N MET P 101 -32.19 -55.37 -0.10
CA MET P 101 -32.98 -56.60 0.01
C MET P 101 -33.70 -56.84 -1.31
N VAL P 102 -33.85 -58.11 -1.63
CA VAL P 102 -34.45 -58.55 -2.88
C VAL P 102 -35.68 -59.41 -2.63
N GLY P 103 -36.74 -59.19 -3.42
CA GLY P 103 -37.93 -59.99 -3.26
C GLY P 103 -38.35 -60.49 -4.60
N SER P 104 -39.16 -61.53 -4.61
CA SER P 104 -39.64 -62.05 -5.88
C SER P 104 -41.02 -62.71 -5.64
N CYS P 105 -41.80 -62.85 -6.71
CA CYS P 105 -43.11 -63.47 -6.65
C CYS P 105 -43.64 -63.71 -8.03
N ASP P 106 -44.82 -64.33 -8.06
CA ASP P 106 -45.48 -64.68 -9.31
C ASP P 106 -46.89 -64.14 -9.35
N VAL P 107 -47.21 -63.26 -10.31
CA VAL P 107 -48.55 -62.72 -10.40
C VAL P 107 -49.49 -63.75 -10.99
N LYS P 108 -48.94 -64.87 -11.39
CA LYS P 108 -49.72 -65.98 -11.90
C LYS P 108 -50.39 -65.89 -13.28
N PHE P 109 -50.00 -64.94 -14.10
CA PHE P 109 -50.55 -64.86 -15.46
C PHE P 109 -49.49 -64.22 -16.38
N PRO P 110 -49.47 -64.63 -17.65
CA PRO P 110 -48.48 -64.08 -18.58
C PRO P 110 -48.67 -62.59 -18.81
N ILE P 111 -47.57 -61.87 -18.99
CA ILE P 111 -47.62 -60.43 -19.19
C ILE P 111 -47.19 -59.98 -20.58
N ARG P 112 -47.89 -58.99 -21.13
CA ARG P 112 -47.55 -58.45 -22.45
C ARG P 112 -46.61 -57.28 -22.25
N LEU P 113 -45.33 -57.59 -22.17
CA LEU P 113 -44.33 -56.57 -21.98
C LEU P 113 -44.38 -55.52 -23.08
N GLU P 114 -44.71 -55.94 -24.30
CA GLU P 114 -44.77 -55.04 -25.44
C GLU P 114 -45.71 -53.90 -25.09
N GLY P 115 -46.85 -54.24 -24.50
CA GLY P 115 -47.81 -53.23 -24.12
C GLY P 115 -47.34 -52.40 -22.96
N LEU P 116 -46.82 -53.05 -21.94
CA LEU P 116 -46.33 -52.31 -20.78
C LEU P 116 -45.29 -51.26 -21.16
N VAL P 117 -44.39 -51.60 -22.06
CA VAL P 117 -43.33 -50.66 -22.43
C VAL P 117 -43.88 -49.48 -23.19
N LEU P 118 -44.98 -49.73 -23.92
CA LEU P 118 -45.65 -48.72 -24.72
C LEU P 118 -46.23 -47.62 -23.85
N THR P 119 -47.00 -48.00 -22.84
CA THR P 119 -47.60 -46.99 -22.01
C THR P 119 -46.72 -46.53 -20.85
N HIS P 120 -45.65 -47.27 -20.55
CA HIS P 120 -44.78 -46.87 -19.45
C HIS P 120 -43.31 -46.59 -19.82
N GLN P 121 -43.05 -46.22 -21.08
CA GLN P 121 -41.70 -45.95 -21.55
C GLN P 121 -40.88 -45.16 -20.53
N GLN P 122 -41.51 -44.16 -19.94
CA GLN P 122 -40.83 -43.32 -18.98
C GLN P 122 -40.13 -44.06 -17.83
N PHE P 123 -40.58 -45.27 -17.49
CA PHE P 123 -39.97 -46.01 -16.40
C PHE P 123 -39.41 -47.34 -16.84
N SER P 124 -39.73 -47.73 -18.06
CA SER P 124 -39.35 -48.99 -18.62
C SER P 124 -38.18 -49.00 -19.61
N SER P 125 -37.63 -50.19 -19.77
CA SER P 125 -36.56 -50.49 -20.70
C SER P 125 -36.74 -51.95 -20.96
N TYR P 126 -37.03 -52.28 -22.20
CA TYR P 126 -37.26 -53.64 -22.58
C TYR P 126 -36.64 -53.88 -23.95
N GLU P 127 -35.40 -54.32 -23.93
CA GLU P 127 -34.65 -54.61 -25.14
C GLU P 127 -34.23 -56.07 -25.15
N PRO P 128 -34.95 -56.90 -25.90
CA PRO P 128 -34.63 -58.33 -25.97
C PRO P 128 -33.18 -58.70 -26.29
N GLU P 129 -32.46 -57.85 -27.00
CA GLU P 129 -31.07 -58.12 -27.33
C GLU P 129 -30.20 -57.94 -26.11
N LEU P 130 -30.69 -57.21 -25.12
CA LEU P 130 -29.90 -56.94 -23.94
C LEU P 130 -30.29 -57.78 -22.72
N PHE P 131 -31.57 -58.15 -22.56
CA PHE P 131 -32.01 -58.91 -21.39
C PHE P 131 -33.45 -59.31 -21.66
N PRO P 132 -33.81 -60.56 -21.39
CA PRO P 132 -35.19 -60.98 -21.68
C PRO P 132 -36.31 -60.36 -20.82
N GLY P 133 -35.95 -59.67 -19.76
CA GLY P 133 -36.95 -59.09 -18.90
C GLY P 133 -37.05 -57.59 -19.03
N LEU P 134 -38.23 -57.02 -18.74
CA LEU P 134 -38.41 -55.59 -18.84
C LEU P 134 -37.95 -55.02 -17.51
N ILE P 135 -37.15 -53.96 -17.58
CA ILE P 135 -36.60 -53.33 -16.38
C ILE P 135 -37.42 -52.11 -16.01
N TYR P 136 -38.05 -52.14 -14.84
CA TYR P 136 -38.91 -51.06 -14.37
C TYR P 136 -38.32 -50.28 -13.23
N ARG P 137 -38.05 -49.01 -13.45
CA ARG P 137 -37.46 -48.21 -12.41
C ARG P 137 -38.52 -47.31 -11.78
N MET P 138 -39.17 -47.86 -10.74
CA MET P 138 -40.20 -47.14 -10.02
C MET P 138 -39.57 -45.98 -9.23
N ILE P 139 -40.26 -44.84 -9.20
CA ILE P 139 -39.74 -43.66 -8.52
C ILE P 139 -40.16 -43.58 -7.07
N LYS P 140 -41.39 -43.99 -6.81
CA LYS P 140 -41.95 -43.93 -5.47
C LYS P 140 -42.66 -45.24 -5.23
N PRO P 141 -42.06 -46.18 -4.46
CA PRO P 141 -40.76 -46.17 -3.78
C PRO P 141 -39.63 -46.38 -4.80
N ARG P 142 -38.42 -45.95 -4.45
CA ARG P 142 -37.29 -46.12 -5.35
C ARG P 142 -36.81 -47.56 -5.40
N ILE P 143 -37.49 -48.39 -6.16
CA ILE P 143 -37.03 -49.74 -6.27
C ILE P 143 -37.15 -50.14 -7.73
N VAL P 144 -36.31 -51.10 -8.13
CA VAL P 144 -36.27 -51.58 -9.50
C VAL P 144 -36.90 -52.93 -9.59
N LEU P 145 -37.75 -53.12 -10.59
CA LEU P 145 -38.41 -54.38 -10.80
C LEU P 145 -37.97 -54.97 -12.14
N LEU P 146 -37.94 -56.30 -12.20
CA LEU P 146 -37.57 -56.99 -13.40
C LEU P 146 -38.83 -57.81 -13.65
N ILE P 147 -39.49 -57.53 -14.78
CA ILE P 147 -40.73 -58.21 -15.13
C ILE P 147 -40.57 -59.09 -16.36
N PHE P 148 -40.99 -60.35 -16.25
CA PHE P 148 -40.88 -61.31 -17.32
C PHE P 148 -42.22 -61.78 -17.88
N VAL P 149 -42.24 -62.13 -19.15
CA VAL P 149 -43.48 -62.54 -19.82
C VAL P 149 -44.19 -63.67 -19.08
N SER P 150 -43.43 -64.42 -18.29
CA SER P 150 -43.98 -65.55 -17.57
C SER P 150 -44.87 -65.10 -16.42
N GLY P 151 -44.71 -63.87 -15.97
CA GLY P 151 -45.52 -63.41 -14.85
C GLY P 151 -44.68 -63.34 -13.58
N LYS P 152 -43.43 -63.81 -13.64
CA LYS P 152 -42.55 -63.76 -12.49
C LYS P 152 -42.07 -62.34 -12.38
N VAL P 153 -41.80 -61.90 -11.17
CA VAL P 153 -41.36 -60.53 -10.92
C VAL P 153 -40.32 -60.49 -9.83
N VAL P 154 -39.24 -59.73 -10.07
CA VAL P 154 -38.17 -59.58 -9.07
C VAL P 154 -38.14 -58.14 -8.63
N LEU P 155 -37.91 -57.85 -7.36
CA LEU P 155 -37.83 -56.45 -6.95
C LEU P 155 -36.58 -56.27 -6.07
N THR P 156 -35.83 -55.19 -6.30
CA THR P 156 -34.63 -54.90 -5.47
C THR P 156 -34.39 -53.42 -5.26
N GLY P 157 -33.41 -53.13 -4.41
CA GLY P 157 -33.05 -51.76 -4.12
C GLY P 157 -33.72 -51.30 -2.85
N ALA P 158 -34.34 -52.23 -2.14
CA ALA P 158 -35.05 -51.87 -0.92
C ALA P 158 -34.17 -51.79 0.31
N LYS P 159 -34.43 -50.80 1.14
CA LYS P 159 -33.72 -50.58 2.41
C LYS P 159 -34.56 -51.24 3.49
N VAL P 160 -35.86 -51.26 3.28
CA VAL P 160 -36.79 -51.89 4.23
C VAL P 160 -37.87 -52.72 3.56
N ARG P 161 -38.18 -53.83 4.20
CA ARG P 161 -39.21 -54.77 3.82
C ARG P 161 -40.42 -54.10 3.16
N ALA P 162 -40.88 -53.01 3.76
CA ALA P 162 -42.04 -52.27 3.28
C ALA P 162 -41.94 -51.79 1.82
N GLU P 163 -40.76 -51.26 1.45
CA GLU P 163 -40.57 -50.78 0.09
C GLU P 163 -40.82 -51.87 -0.93
N ILE P 164 -40.47 -53.10 -0.61
CA ILE P 164 -40.73 -54.16 -1.57
C ILE P 164 -42.22 -54.40 -1.71
N TYR P 165 -42.93 -54.49 -0.59
CA TYR P 165 -44.37 -54.73 -0.62
C TYR P 165 -45.10 -53.58 -1.31
N GLU P 166 -44.72 -52.36 -0.96
CA GLU P 166 -45.32 -51.19 -1.56
C GLU P 166 -45.17 -51.20 -3.07
N ALA P 167 -43.94 -51.35 -3.55
CA ALA P 167 -43.68 -51.34 -4.98
C ALA P 167 -44.46 -52.43 -5.69
N PHE P 168 -44.63 -53.58 -5.05
CA PHE P 168 -45.39 -54.63 -5.72
C PHE P 168 -46.86 -54.26 -5.88
N GLU P 169 -47.41 -53.62 -4.85
CA GLU P 169 -48.81 -53.23 -4.91
C GLU P 169 -48.99 -52.18 -6.00
N ASN P 170 -48.02 -51.28 -6.14
CA ASN P 170 -48.13 -50.26 -7.19
C ASN P 170 -48.06 -50.89 -8.58
N ILE P 171 -47.26 -51.95 -8.72
CA ILE P 171 -47.12 -52.55 -10.03
C ILE P 171 -48.20 -53.54 -10.45
N TYR P 172 -48.74 -54.27 -9.48
CA TYR P 172 -49.74 -55.29 -9.81
C TYR P 172 -50.89 -54.79 -10.68
N PRO P 173 -51.52 -53.67 -10.29
CA PRO P 173 -52.62 -53.13 -11.10
C PRO P 173 -52.15 -53.00 -12.54
N ILE P 174 -51.04 -52.27 -12.72
CA ILE P 174 -50.44 -52.05 -14.03
C ILE P 174 -50.28 -53.35 -14.80
N LEU P 175 -49.70 -54.33 -14.14
CA LEU P 175 -49.47 -55.63 -14.74
C LEU P 175 -50.76 -56.30 -15.18
N LYS P 176 -51.77 -56.24 -14.32
CA LYS P 176 -53.05 -56.88 -14.65
C LYS P 176 -53.57 -56.29 -15.95
N GLY P 177 -53.37 -55.00 -16.06
CA GLY P 177 -53.80 -54.31 -17.26
C GLY P 177 -53.13 -54.84 -18.52
N PHE P 178 -52.10 -55.66 -18.38
CA PHE P 178 -51.45 -56.18 -19.57
C PHE P 178 -51.38 -57.68 -19.62
N ARG P 179 -52.26 -58.36 -18.91
CA ARG P 179 -52.23 -59.81 -18.95
C ARG P 179 -52.53 -60.31 -20.38
N LYS P 180 -51.96 -61.46 -20.73
CA LYS P 180 -52.13 -62.07 -22.05
C LYS P 180 -53.44 -62.81 -22.18
N SER Q 1 63.83 65.54 33.97
CA SER Q 1 63.00 64.28 34.05
C SER Q 1 62.53 63.91 32.66
N ASP Q 2 62.62 64.89 31.75
CA ASP Q 2 62.21 64.71 30.36
C ASP Q 2 63.06 63.63 29.69
N ARG Q 3 64.32 63.49 30.10
CA ARG Q 3 65.13 62.45 29.49
C ARG Q 3 64.68 61.10 30.06
N ALA Q 4 63.37 61.04 30.31
CA ALA Q 4 62.67 59.85 30.80
C ALA Q 4 62.25 59.19 29.49
N MET Q 5 62.59 59.88 28.40
CA MET Q 5 62.33 59.39 27.05
C MET Q 5 63.22 58.19 26.83
N MET Q 6 64.40 58.27 27.40
CA MET Q 6 65.33 57.17 27.29
C MET Q 6 64.68 55.90 27.81
N ASN Q 7 63.98 56.01 28.95
CA ASN Q 7 63.31 54.86 29.53
C ASN Q 7 62.20 54.38 28.58
N ALA Q 8 61.48 55.34 27.99
CA ALA Q 8 60.39 55.00 27.07
C ALA Q 8 60.97 54.29 25.85
N PHE Q 9 62.07 54.82 25.31
CA PHE Q 9 62.72 54.23 24.15
C PHE Q 9 63.17 52.81 24.46
N LYS Q 10 63.66 52.64 25.68
CA LYS Q 10 64.11 51.35 26.11
C LYS Q 10 62.91 50.41 26.11
N GLU Q 11 61.83 50.85 26.78
CA GLU Q 11 60.62 50.04 26.86
C GLU Q 11 60.09 49.75 25.47
N ILE Q 12 60.09 50.77 24.61
CA ILE Q 12 59.59 50.58 23.25
C ILE Q 12 60.43 49.51 22.57
N THR Q 13 61.74 49.63 22.68
CA THR Q 13 62.63 48.66 22.06
C THR Q 13 62.30 47.26 22.59
N THR Q 14 62.20 47.13 23.91
CA THR Q 14 61.91 45.84 24.52
C THR Q 14 60.67 45.23 23.89
N MET Q 15 59.56 45.98 23.95
CA MET Q 15 58.31 45.52 23.37
C MET Q 15 58.52 45.12 21.91
N ALA Q 16 59.09 46.03 21.13
CA ALA Q 16 59.34 45.79 19.71
C ALA Q 16 60.04 44.46 19.46
N ASP Q 17 61.12 44.23 20.19
CA ASP Q 17 61.90 43.01 20.03
C ASP Q 17 61.10 41.74 20.34
N ARG Q 18 60.18 41.79 21.29
CA ARG Q 18 59.39 40.59 21.62
C ARG Q 18 58.62 40.05 20.42
N ILE Q 19 58.43 40.89 19.40
CA ILE Q 19 57.75 40.42 18.20
C ILE Q 19 58.55 40.74 16.96
N ASN Q 20 59.83 41.01 17.17
CA ASN Q 20 60.78 41.31 16.09
C ASN Q 20 60.25 42.31 15.08
N LEU Q 21 60.12 43.54 15.50
CA LEU Q 21 59.62 44.56 14.61
C LEU Q 21 60.80 45.29 13.94
N PRO Q 22 60.69 45.53 12.62
CA PRO Q 22 61.72 46.24 11.83
C PRO Q 22 62.08 47.59 12.47
N ARG Q 23 63.31 48.05 12.23
CA ARG Q 23 63.76 49.28 12.83
C ARG Q 23 62.94 50.51 12.43
N ASN Q 24 62.36 50.54 11.23
CA ASN Q 24 61.58 51.73 10.83
C ASN Q 24 60.44 51.90 11.79
N ILE Q 25 59.85 50.76 12.18
CA ILE Q 25 58.73 50.71 13.13
C ILE Q 25 59.15 51.35 14.44
N VAL Q 26 60.22 50.81 15.01
CA VAL Q 26 60.70 51.32 16.27
C VAL Q 26 61.05 52.80 16.20
N ASP Q 27 61.68 53.24 15.12
CA ASP Q 27 62.02 54.66 15.02
C ASP Q 27 60.74 55.52 14.96
N ARG Q 28 59.78 55.11 14.15
CA ARG Q 28 58.51 55.82 14.03
C ARG Q 28 57.86 55.94 15.43
N THR Q 29 57.83 54.82 16.16
CA THR Q 29 57.27 54.79 17.49
C THR Q 29 57.97 55.81 18.40
N ASN Q 30 59.31 55.83 18.39
CA ASN Q 30 60.04 56.76 19.25
C ASN Q 30 59.69 58.19 18.87
N ASN Q 31 59.53 58.45 17.58
CA ASN Q 31 59.19 59.80 17.16
C ASN Q 31 57.81 60.20 17.63
N LEU Q 32 56.86 59.28 17.44
CA LEU Q 32 55.48 59.49 17.88
C LEU Q 32 55.51 59.82 19.36
N PHE Q 33 56.20 58.98 20.13
CA PHE Q 33 56.27 59.23 21.58
C PHE Q 33 56.88 60.56 21.96
N LYS Q 34 58.03 60.88 21.38
CA LYS Q 34 58.66 62.17 21.72
C LYS Q 34 57.69 63.31 21.41
N GLN Q 35 57.04 63.26 20.26
CA GLN Q 35 56.10 64.30 19.90
C GLN Q 35 55.03 64.46 20.95
N VAL Q 36 54.32 63.38 21.20
CA VAL Q 36 53.24 63.38 22.19
C VAL Q 36 53.74 63.84 23.55
N TYR Q 37 54.87 63.28 23.96
CA TYR Q 37 55.47 63.60 25.25
C TYR Q 37 55.81 65.09 25.40
N GLU Q 38 56.58 65.63 24.45
CA GLU Q 38 56.96 67.03 24.50
C GLU Q 38 55.75 67.96 24.46
N GLN Q 39 54.71 67.52 23.76
CA GLN Q 39 53.50 68.32 23.64
C GLN Q 39 52.72 68.36 24.93
N LYS Q 40 52.96 67.39 25.80
CA LYS Q 40 52.26 67.29 27.08
C LYS Q 40 50.75 67.31 26.81
N SER Q 41 50.35 66.50 25.83
CA SER Q 41 48.95 66.41 25.39
C SER Q 41 48.11 65.41 26.20
N LEU Q 42 48.74 64.33 26.65
CA LEU Q 42 48.00 63.35 27.43
C LEU Q 42 48.41 63.39 28.87
N LYS Q 43 47.96 64.40 29.60
CA LYS Q 43 48.33 64.46 31.02
C LYS Q 43 47.70 63.33 31.85
N GLY Q 44 48.31 63.03 33.00
CA GLY Q 44 47.78 62.02 33.90
C GLY Q 44 47.88 60.54 33.56
N ARG Q 45 48.44 60.21 32.40
CA ARG Q 45 48.57 58.79 32.04
C ARG Q 45 49.99 58.24 32.24
N ALA Q 46 50.13 56.93 32.06
CA ALA Q 46 51.42 56.29 32.22
C ALA Q 46 52.19 56.29 30.90
N ASN Q 47 53.46 56.67 30.97
CA ASN Q 47 54.32 56.70 29.79
C ASN Q 47 54.29 55.37 29.03
N ASP Q 48 54.27 54.25 29.74
CA ASP Q 48 54.23 52.99 29.03
C ASP Q 48 52.95 52.77 28.23
N ALA Q 49 51.86 53.35 28.70
CA ALA Q 49 50.61 53.20 27.99
C ALA Q 49 50.72 54.02 26.70
N ILE Q 50 51.21 55.24 26.82
CA ILE Q 50 51.38 56.10 25.67
C ILE Q 50 52.36 55.44 24.70
N ALA Q 51 53.44 54.87 25.22
CA ALA Q 51 54.41 54.19 24.38
C ALA Q 51 53.69 53.08 23.60
N SER Q 52 53.01 52.20 24.33
CA SER Q 52 52.29 51.08 23.74
C SER Q 52 51.32 51.53 22.65
N ALA Q 53 50.64 52.65 22.88
CA ALA Q 53 49.69 53.15 21.90
C ALA Q 53 50.51 53.61 20.69
N CYS Q 54 51.62 54.31 20.97
CA CYS Q 54 52.49 54.78 19.90
C CYS Q 54 52.94 53.60 19.02
N LEU Q 55 53.34 52.52 19.67
CA LEU Q 55 53.77 51.36 18.92
C LEU Q 55 52.66 50.88 18.02
N TYR Q 56 51.44 50.80 18.57
CA TYR Q 56 50.29 50.33 17.82
C TYR Q 56 50.08 51.19 16.58
N ILE Q 57 50.18 52.50 16.77
CA ILE Q 57 49.99 53.45 15.69
C ILE Q 57 51.05 53.31 14.61
N ALA Q 58 52.30 53.24 15.04
CA ALA Q 58 53.45 53.10 14.15
C ALA Q 58 53.32 51.90 13.22
N CYS Q 59 52.87 50.77 13.74
CA CYS Q 59 52.71 49.57 12.91
C CYS Q 59 51.66 49.79 11.84
N ARG Q 60 50.64 50.57 12.16
CA ARG Q 60 49.61 50.80 11.17
C ARG Q 60 50.05 51.84 10.16
N GLN Q 61 50.80 52.83 10.64
CA GLN Q 61 51.37 53.88 9.81
C GLN Q 61 52.37 53.26 8.82
N GLU Q 62 53.20 52.31 9.29
CA GLU Q 62 54.19 51.71 8.42
C GLU Q 62 53.60 50.61 7.54
N GLY Q 63 52.27 50.53 7.50
CA GLY Q 63 51.63 49.54 6.64
C GLY Q 63 51.56 48.08 7.06
N VAL Q 64 51.93 47.77 8.29
CA VAL Q 64 51.87 46.37 8.71
C VAL Q 64 51.22 46.34 10.09
N PRO Q 65 49.89 46.55 10.12
CA PRO Q 65 49.07 46.58 11.35
C PRO Q 65 49.14 45.36 12.26
N ARG Q 66 49.28 45.62 13.57
CA ARG Q 66 49.27 44.57 14.59
C ARG Q 66 47.92 44.80 15.30
N THR Q 67 47.28 43.74 15.78
CA THR Q 67 45.98 43.92 16.45
C THR Q 67 46.31 44.50 17.81
N PHE Q 68 45.30 45.08 18.46
CA PHE Q 68 45.54 45.62 19.80
C PHE Q 68 45.97 44.45 20.69
N LYS Q 69 45.40 43.28 20.44
CA LYS Q 69 45.74 42.13 21.25
C LYS Q 69 47.20 41.85 21.16
N GLU Q 70 47.72 41.90 19.93
CA GLU Q 70 49.13 41.64 19.74
C GLU Q 70 49.99 42.63 20.51
N ILE Q 71 49.69 43.92 20.38
CA ILE Q 71 50.47 44.91 21.09
C ILE Q 71 50.31 44.72 22.60
N CYS Q 72 49.15 44.25 23.01
CA CYS Q 72 48.88 44.01 24.44
C CYS Q 72 49.76 42.92 24.99
N ALA Q 73 49.89 41.87 24.19
CA ALA Q 73 50.67 40.71 24.56
C ALA Q 73 52.09 41.11 24.96
N VAL Q 74 52.74 41.92 24.13
CA VAL Q 74 54.09 42.34 24.44
C VAL Q 74 54.15 43.57 25.34
N SER Q 75 53.00 43.98 25.88
CA SER Q 75 52.95 45.18 26.75
C SER Q 75 52.41 44.98 28.15
N ARG Q 76 52.85 45.84 29.07
CA ARG Q 76 52.38 45.75 30.45
C ARG Q 76 50.99 46.38 30.58
N ILE Q 77 50.53 47.07 29.54
CA ILE Q 77 49.22 47.70 29.59
C ILE Q 77 48.07 46.91 28.94
N SER Q 78 46.85 47.21 29.39
CA SER Q 78 45.66 46.51 28.86
C SER Q 78 45.15 47.11 27.55
N LYS Q 79 44.43 46.28 26.79
CA LYS Q 79 43.87 46.68 25.53
C LYS Q 79 43.03 47.93 25.72
N LYS Q 80 42.29 47.96 26.81
CA LYS Q 80 41.44 49.08 27.09
C LYS Q 80 42.19 50.37 27.20
N GLU Q 81 43.26 50.37 27.96
CA GLU Q 81 44.02 51.61 28.13
C GLU Q 81 44.77 51.97 26.83
N ILE Q 82 45.30 50.97 26.14
CA ILE Q 82 46.02 51.25 24.91
C ILE Q 82 45.07 51.94 23.96
N GLY Q 83 43.87 51.37 23.80
CA GLY Q 83 42.84 51.94 22.94
C GLY Q 83 42.48 53.36 23.35
N ARG Q 84 42.33 53.65 24.64
CA ARG Q 84 41.98 55.03 25.00
C ARG Q 84 43.14 55.96 24.57
N CYS Q 85 44.37 55.56 24.88
CA CYS Q 85 45.53 56.38 24.55
C CYS Q 85 45.62 56.58 23.06
N PHE Q 86 45.38 55.49 22.31
CA PHE Q 86 45.40 55.51 20.84
C PHE Q 86 44.50 56.64 20.30
N LYS Q 87 43.22 56.66 20.69
CA LYS Q 87 42.35 57.70 20.19
C LYS Q 87 42.85 59.09 20.63
N LEU Q 88 43.27 59.22 21.90
CA LEU Q 88 43.73 60.49 22.44
C LEU Q 88 44.94 61.06 21.67
N ILE Q 89 45.87 60.18 21.30
CA ILE Q 89 47.06 60.55 20.56
C ILE Q 89 46.72 61.04 19.15
N LEU Q 90 45.89 60.31 18.43
CA LEU Q 90 45.53 60.72 17.09
C LEU Q 90 45.01 62.14 17.14
N LYS Q 91 44.13 62.41 18.11
CA LYS Q 91 43.57 63.74 18.28
C LYS Q 91 44.63 64.80 18.53
N ALA Q 92 45.49 64.54 19.50
CA ALA Q 92 46.52 65.51 19.86
C ALA Q 92 47.49 65.80 18.72
N LEU Q 93 47.86 64.76 17.95
CA LEU Q 93 48.79 64.92 16.85
C LEU Q 93 48.10 65.26 15.53
N GLU Q 94 46.80 65.56 15.58
CA GLU Q 94 46.08 65.92 14.35
C GLU Q 94 46.37 64.90 13.27
N THR Q 95 46.37 63.62 13.62
CA THR Q 95 46.65 62.61 12.62
C THR Q 95 45.55 61.52 12.56
N SER Q 96 45.71 60.58 11.63
CA SER Q 96 44.76 59.50 11.52
C SER Q 96 45.45 58.31 10.91
N VAL Q 97 44.73 57.21 10.76
CA VAL Q 97 45.31 56.03 10.15
C VAL Q 97 44.24 55.44 9.24
N ASP Q 98 44.69 54.84 8.15
CA ASP Q 98 43.77 54.26 7.20
C ASP Q 98 43.06 53.08 7.82
N LEU Q 99 41.78 52.96 7.52
CA LEU Q 99 40.99 51.87 8.03
C LEU Q 99 41.71 50.56 7.71
N ILE Q 100 41.64 49.62 8.64
CA ILE Q 100 42.28 48.32 8.46
C ILE Q 100 41.44 47.47 7.52
N THR Q 101 42.10 46.62 6.75
CA THR Q 101 41.41 45.73 5.82
C THR Q 101 41.82 44.27 6.02
N THR Q 102 41.02 43.39 5.45
CA THR Q 102 41.27 41.97 5.53
C THR Q 102 42.71 41.70 5.04
N GLY Q 103 43.07 42.33 3.91
CA GLY Q 103 44.39 42.13 3.34
C GLY Q 103 45.55 42.45 4.26
N ASP Q 104 45.36 43.43 5.14
CA ASP Q 104 46.45 43.80 6.05
C ASP Q 104 46.94 42.71 6.98
N PHE Q 105 46.30 41.54 7.03
CA PHE Q 105 46.73 40.49 7.95
C PHE Q 105 46.95 39.16 7.26
N MET Q 106 46.42 39.04 6.05
CA MET Q 106 46.51 37.80 5.32
C MET Q 106 47.93 37.24 5.25
N SER Q 107 48.89 38.09 4.92
CA SER Q 107 50.28 37.66 4.84
C SER Q 107 50.80 37.05 6.17
N ARG Q 108 50.96 37.87 7.21
CA ARG Q 108 51.48 37.39 8.50
C ARG Q 108 50.68 36.22 9.09
N PHE Q 109 49.35 36.30 9.05
CA PHE Q 109 48.56 35.21 9.61
C PHE Q 109 48.93 33.89 8.90
N CYS Q 110 48.73 33.86 7.58
CA CYS Q 110 49.03 32.65 6.80
C CYS Q 110 50.45 32.13 7.04
N SER Q 111 51.38 33.05 7.27
CA SER Q 111 52.75 32.69 7.53
C SER Q 111 52.79 31.95 8.86
N ASN Q 112 52.30 32.60 9.91
CA ASN Q 112 52.32 32.00 11.24
C ASN Q 112 51.56 30.66 11.24
N LEU Q 113 50.73 30.44 10.24
CA LEU Q 113 49.99 29.19 10.16
C LEU Q 113 50.71 28.21 9.23
N CYS Q 114 51.87 28.64 8.70
CA CYS Q 114 52.67 27.85 7.77
C CYS Q 114 51.82 27.37 6.58
N LEU Q 115 51.05 28.27 6.00
CA LEU Q 115 50.22 27.88 4.87
C LEU Q 115 50.86 28.27 3.56
N PRO Q 116 50.78 27.38 2.58
CA PRO Q 116 51.33 27.58 1.23
C PRO Q 116 50.78 28.80 0.52
N LYS Q 117 51.67 29.61 -0.05
CA LYS Q 117 51.30 30.83 -0.77
C LYS Q 117 49.99 30.70 -1.57
N GLN Q 118 49.76 29.51 -2.10
CA GLN Q 118 48.56 29.29 -2.89
C GLN Q 118 47.27 29.53 -2.10
N VAL Q 119 47.24 29.00 -0.86
CA VAL Q 119 46.08 29.18 0.04
C VAL Q 119 45.99 30.65 0.45
N GLN Q 120 47.12 31.22 0.89
CA GLN Q 120 47.17 32.62 1.30
C GLN Q 120 46.49 33.51 0.26
N MET Q 121 46.76 33.22 -1.01
CA MET Q 121 46.15 34.00 -2.08
C MET Q 121 44.66 33.73 -2.11
N ALA Q 122 44.32 32.45 -1.95
CA ALA Q 122 42.92 32.02 -1.97
C ALA Q 122 42.15 32.83 -0.93
N ALA Q 123 42.61 32.72 0.31
CA ALA Q 123 42.01 33.41 1.45
C ALA Q 123 41.85 34.91 1.12
N THR Q 124 42.98 35.54 0.80
CA THR Q 124 43.01 36.97 0.46
C THR Q 124 41.88 37.32 -0.49
N HIS Q 125 41.74 36.49 -1.53
CA HIS Q 125 40.72 36.69 -2.55
C HIS Q 125 39.33 36.57 -1.95
N ILE Q 126 39.09 35.44 -1.27
CA ILE Q 126 37.81 35.16 -0.63
C ILE Q 126 37.38 36.36 0.23
N ALA Q 127 38.28 36.81 1.10
CA ALA Q 127 38.01 37.93 1.97
C ALA Q 127 37.56 39.15 1.20
N ARG Q 128 38.44 39.59 0.30
CA ARG Q 128 38.21 40.76 -0.55
C ARG Q 128 36.84 40.70 -1.24
N LYS Q 129 36.58 39.57 -1.88
CA LYS Q 129 35.34 39.35 -2.59
C LYS Q 129 34.17 39.51 -1.61
N ALA Q 130 34.27 38.75 -0.53
CA ALA Q 130 33.26 38.74 0.53
C ALA Q 130 32.82 40.12 0.92
N VAL Q 131 33.80 40.98 1.18
CA VAL Q 131 33.51 42.36 1.57
C VAL Q 131 32.90 43.13 0.44
N GLU Q 132 33.40 42.89 -0.78
CA GLU Q 132 32.90 43.56 -1.98
C GLU Q 132 31.42 43.25 -2.16
N LEU Q 133 31.06 41.99 -1.91
CA LEU Q 133 29.69 41.52 -2.01
C LEU Q 133 28.85 41.95 -0.82
N ASP Q 134 29.50 42.61 0.16
CA ASP Q 134 28.84 43.06 1.40
C ASP Q 134 28.15 41.88 2.14
N LEU Q 135 28.87 40.76 2.30
CA LEU Q 135 28.35 39.57 2.99
C LEU Q 135 28.60 39.62 4.52
N VAL Q 136 29.59 40.41 4.96
CA VAL Q 136 29.93 40.46 6.37
C VAL Q 136 29.88 41.88 6.94
N PRO Q 137 28.77 42.58 6.70
CA PRO Q 137 28.61 43.95 7.20
C PRO Q 137 28.78 44.09 8.71
N GLY Q 138 29.58 45.05 9.14
CA GLY Q 138 29.75 45.25 10.56
C GLY Q 138 30.75 44.34 11.27
N ARG Q 139 31.19 43.26 10.63
CA ARG Q 139 32.18 42.39 11.30
C ARG Q 139 33.56 43.04 11.25
N SER Q 140 34.44 42.69 12.20
CA SER Q 140 35.77 43.27 12.15
C SER Q 140 36.55 42.57 11.04
N PRO Q 141 37.36 43.34 10.30
CA PRO Q 141 38.16 42.79 9.22
C PRO Q 141 39.01 41.61 9.66
N ILE Q 142 39.44 41.61 10.91
CA ILE Q 142 40.30 40.53 11.39
C ILE Q 142 39.45 39.24 11.48
N SER Q 143 38.19 39.41 11.85
CA SER Q 143 37.29 38.29 11.97
C SER Q 143 37.09 37.70 10.58
N VAL Q 144 36.75 38.58 9.63
CA VAL Q 144 36.50 38.11 8.26
C VAL Q 144 37.77 37.44 7.69
N ALA Q 145 38.91 38.05 7.95
CA ALA Q 145 40.17 37.47 7.50
C ALA Q 145 40.30 36.04 8.01
N ALA Q 146 40.05 35.85 9.31
CA ALA Q 146 40.12 34.54 9.93
C ALA Q 146 39.18 33.54 9.27
N ALA Q 147 37.97 33.98 8.95
CA ALA Q 147 37.01 33.07 8.33
C ALA Q 147 37.46 32.68 6.93
N ALA Q 148 38.00 33.66 6.20
CA ALA Q 148 38.45 33.39 4.83
C ALA Q 148 39.59 32.38 4.87
N ILE Q 149 40.57 32.61 5.75
CA ILE Q 149 41.68 31.66 5.85
C ILE Q 149 41.14 30.27 6.14
N TYR Q 150 40.25 30.17 7.12
CA TYR Q 150 39.63 28.90 7.49
C TYR Q 150 39.02 28.27 6.24
N MET Q 151 38.13 28.99 5.55
CA MET Q 151 37.49 28.43 4.36
C MET Q 151 38.54 27.96 3.33
N ALA Q 152 39.51 28.81 3.05
CA ALA Q 152 40.55 28.49 2.10
C ALA Q 152 41.29 27.21 2.53
N SER Q 153 41.86 27.28 3.73
CA SER Q 153 42.60 26.17 4.29
C SER Q 153 41.83 24.84 4.25
N GLN Q 154 40.54 24.89 4.52
CA GLN Q 154 39.72 23.69 4.53
C GLN Q 154 39.47 23.16 3.11
N ALA Q 155 39.74 24.00 2.11
CA ALA Q 155 39.54 23.62 0.71
C ALA Q 155 40.87 23.12 0.15
N SER Q 156 41.90 23.17 0.98
CA SER Q 156 43.23 22.74 0.59
C SER Q 156 43.72 21.55 1.41
N ALA Q 157 44.89 21.01 1.05
CA ALA Q 157 45.44 19.87 1.77
C ALA Q 157 45.97 20.34 3.12
N GLU Q 158 46.43 21.59 3.16
CA GLU Q 158 46.98 22.16 4.39
C GLU Q 158 45.88 22.81 5.23
N LYS Q 159 44.85 22.02 5.55
CA LYS Q 159 43.71 22.47 6.35
C LYS Q 159 44.12 22.92 7.75
N ARG Q 160 43.38 23.88 8.29
CA ARG Q 160 43.66 24.39 9.61
C ARG Q 160 42.38 24.36 10.43
N THR Q 161 42.54 24.29 11.74
CA THR Q 161 41.40 24.24 12.63
C THR Q 161 41.02 25.62 13.15
N GLN Q 162 39.72 25.84 13.33
CA GLN Q 162 39.24 27.12 13.81
C GLN Q 162 40.08 27.57 14.99
N LYS Q 163 40.42 26.65 15.87
CA LYS Q 163 41.20 27.03 17.04
C LYS Q 163 42.59 27.51 16.67
N GLU Q 164 43.22 26.81 15.71
CA GLU Q 164 44.56 27.18 15.25
C GLU Q 164 44.53 28.60 14.71
N ILE Q 165 43.66 28.81 13.73
CA ILE Q 165 43.51 30.14 13.15
C ILE Q 165 43.14 31.17 14.22
N GLY Q 166 42.17 30.82 15.06
CA GLY Q 166 41.79 31.73 16.11
C GLY Q 166 42.94 32.16 17.00
N ASP Q 167 43.79 31.23 17.37
CA ASP Q 167 44.92 31.58 18.24
C ASP Q 167 45.90 32.51 17.55
N ILE Q 168 46.13 32.29 16.26
CA ILE Q 168 47.03 33.16 15.49
C ILE Q 168 46.40 34.52 15.18
N ALA Q 169 45.14 34.51 14.74
CA ALA Q 169 44.44 35.76 14.43
C ALA Q 169 44.01 36.54 15.67
N GLY Q 170 43.93 35.87 16.82
CA GLY Q 170 43.52 36.53 18.05
C GLY Q 170 42.02 36.68 18.13
N VAL Q 171 41.27 35.74 17.56
CA VAL Q 171 39.83 35.84 17.65
C VAL Q 171 39.27 34.50 18.11
N ALA Q 172 38.16 34.51 18.80
CA ALA Q 172 37.56 33.28 19.26
C ALA Q 172 36.95 32.54 18.10
N ASP Q 173 37.01 31.23 18.17
CA ASP Q 173 36.48 30.36 17.12
C ASP Q 173 34.99 30.57 16.81
N VAL Q 174 34.24 31.05 17.79
CA VAL Q 174 32.82 31.26 17.56
C VAL Q 174 32.74 32.48 16.63
N THR Q 175 33.62 33.44 16.89
CA THR Q 175 33.67 34.63 16.06
C THR Q 175 33.98 34.18 14.64
N ILE Q 176 34.89 33.22 14.48
CA ILE Q 176 35.19 32.75 13.13
C ILE Q 176 33.98 32.04 12.52
N ARG Q 177 33.30 31.24 13.31
CA ARG Q 177 32.12 30.49 12.84
C ARG Q 177 31.08 31.45 12.31
N GLN Q 178 30.90 32.57 13.00
CA GLN Q 178 29.90 33.56 12.62
C GLN Q 178 30.15 34.14 11.24
N SER Q 179 31.36 34.64 11.00
CA SER Q 179 31.68 35.20 9.71
C SER Q 179 31.66 34.12 8.65
N TYR Q 180 32.17 32.93 9.01
CA TYR Q 180 32.21 31.85 8.05
C TYR Q 180 30.81 31.45 7.61
N ARG Q 181 29.87 31.48 8.56
CA ARG Q 181 28.49 31.13 8.23
C ARG Q 181 27.93 32.11 7.22
N LEU Q 182 28.39 33.35 7.26
CA LEU Q 182 27.89 34.38 6.34
C LEU Q 182 28.48 34.32 4.94
N ILE Q 183 29.72 33.86 4.83
CA ILE Q 183 30.32 33.76 3.53
C ILE Q 183 30.12 32.39 2.86
N TYR Q 184 29.86 31.36 3.67
CA TYR Q 184 29.66 30.00 3.16
C TYR Q 184 28.61 29.89 2.04
N PRO Q 185 27.45 30.57 2.16
CA PRO Q 185 26.44 30.48 1.09
C PRO Q 185 26.93 30.91 -0.29
N ARG Q 186 28.04 31.62 -0.37
CA ARG Q 186 28.51 32.00 -1.69
C ARG Q 186 29.90 31.47 -1.96
N ALA Q 187 30.28 30.43 -1.24
CA ALA Q 187 31.60 29.80 -1.38
C ALA Q 187 32.08 29.67 -2.83
N PRO Q 188 31.23 29.11 -3.72
CA PRO Q 188 31.65 28.97 -5.12
C PRO Q 188 32.09 30.29 -5.79
N ASP Q 189 31.31 31.37 -5.60
CA ASP Q 189 31.65 32.67 -6.19
C ASP Q 189 32.85 33.34 -5.50
N LEU Q 190 33.23 32.84 -4.33
CA LEU Q 190 34.33 33.46 -3.60
C LEU Q 190 35.74 33.00 -3.91
N PHE Q 191 35.92 31.72 -4.25
CA PHE Q 191 37.26 31.26 -4.55
C PHE Q 191 37.77 31.83 -5.87
N PRO Q 192 39.10 31.83 -6.07
CA PRO Q 192 39.67 32.34 -7.32
C PRO Q 192 39.32 31.31 -8.39
N THR Q 193 38.86 31.80 -9.55
CA THR Q 193 38.45 30.96 -10.69
C THR Q 193 39.30 29.72 -10.98
N ASP Q 194 40.63 29.85 -10.91
CA ASP Q 194 41.49 28.71 -11.17
C ASP Q 194 42.01 28.13 -9.87
N PHE Q 195 41.12 27.49 -9.12
CA PHE Q 195 41.51 26.91 -7.83
C PHE Q 195 41.49 25.40 -7.77
N LYS Q 196 42.57 24.86 -7.25
CA LYS Q 196 42.74 23.42 -7.10
C LYS Q 196 42.14 22.91 -5.77
N PHE Q 197 40.85 22.59 -5.84
CA PHE Q 197 40.09 22.12 -4.69
C PHE Q 197 40.47 20.78 -4.07
N ASP Q 198 41.29 20.79 -3.02
CA ASP Q 198 41.62 19.53 -2.34
C ASP Q 198 40.26 18.92 -1.99
N THR Q 199 39.43 19.72 -1.32
CA THR Q 199 38.08 19.31 -0.94
C THR Q 199 37.13 20.12 -1.82
N PRO Q 200 36.13 19.47 -2.44
CA PRO Q 200 35.20 20.24 -3.29
C PRO Q 200 34.51 21.34 -2.49
N VAL Q 201 34.16 22.42 -3.18
CA VAL Q 201 33.50 23.52 -2.50
C VAL Q 201 32.28 23.04 -1.68
N ASP Q 202 31.60 21.99 -2.14
CA ASP Q 202 30.42 21.46 -1.41
C ASP Q 202 30.80 20.80 -0.10
N LYS Q 203 31.60 19.73 -0.18
CA LYS Q 203 32.02 18.98 1.01
C LYS Q 203 32.71 19.86 2.08
N LEU Q 204 32.74 21.18 1.86
CA LEU Q 204 33.35 22.10 2.82
C LEU Q 204 32.53 22.14 4.11
N PRO Q 205 33.21 22.30 5.27
CA PRO Q 205 32.58 22.37 6.58
C PRO Q 205 31.22 23.09 6.52
N GLN Q 206 30.18 22.44 6.99
CA GLN Q 206 28.86 23.03 6.95
C GLN Q 206 28.38 23.53 8.33
N LEU Q 207 29.17 24.40 8.96
CA LEU Q 207 28.86 24.95 10.28
C LEU Q 207 27.47 25.59 10.32
N GLY R 1 14.19 68.44 5.69
CA GLY R 1 13.79 67.57 6.83
C GLY R 1 14.06 66.10 6.58
N SER R 2 14.52 65.40 7.63
CA SER R 2 14.80 63.96 7.52
C SER R 2 13.45 63.25 7.57
N GLY R 3 12.51 63.85 8.30
CA GLY R 3 11.19 63.25 8.43
C GLY R 3 11.24 62.13 9.44
N ILE R 4 12.31 62.12 10.25
CA ILE R 4 12.48 61.10 11.29
C ILE R 4 12.69 61.79 12.62
N VAL R 5 11.92 61.40 13.64
CA VAL R 5 12.12 62.03 14.95
C VAL R 5 12.78 61.05 15.92
N PRO R 6 14.01 61.37 16.39
CA PRO R 6 14.66 60.44 17.32
C PRO R 6 13.91 60.32 18.66
N GLN R 7 13.70 59.08 19.11
CA GLN R 7 13.01 58.79 20.37
C GLN R 7 13.92 58.93 21.60
N LEU R 8 13.47 59.72 22.57
CA LEU R 8 14.20 59.87 23.81
C LEU R 8 14.22 58.52 24.54
N GLN R 9 15.39 58.07 25.01
CA GLN R 9 15.43 56.79 25.70
C GLN R 9 15.87 56.83 27.15
N ASN R 10 16.61 57.88 27.52
CA ASN R 10 17.05 57.99 28.90
C ASN R 10 17.40 59.43 29.25
N ILE R 11 17.02 59.83 30.46
CA ILE R 11 17.32 61.15 30.93
C ILE R 11 17.95 61.03 32.31
N VAL R 12 18.92 61.90 32.58
CA VAL R 12 19.59 61.91 33.84
C VAL R 12 19.47 63.31 34.37
N SER R 13 18.87 63.39 35.56
CA SER R 13 18.63 64.66 36.23
C SER R 13 19.17 64.62 37.66
N THR R 14 19.45 65.82 38.17
CA THR R 14 19.96 65.99 39.52
C THR R 14 19.01 66.97 40.23
N VAL R 15 18.95 66.86 41.56
CA VAL R 15 18.13 67.74 42.38
C VAL R 15 18.69 67.62 43.80
N ASN R 16 18.73 68.74 44.50
CA ASN R 16 19.25 68.77 45.89
C ASN R 16 18.14 68.83 46.97
N LEU R 17 18.09 67.82 47.83
CA LEU R 17 17.08 67.80 48.87
C LEU R 17 17.33 68.84 49.97
N GLY R 18 18.48 69.52 49.92
CA GLY R 18 18.77 70.57 50.89
C GLY R 18 19.24 70.16 52.28
N CYS R 19 18.72 69.05 52.81
CA CYS R 19 19.13 68.59 54.15
C CYS R 19 20.04 67.39 54.05
N LYS R 20 20.96 67.24 54.99
CA LYS R 20 21.85 66.08 54.99
C LYS R 20 21.01 64.85 55.34
N LEU R 21 21.46 63.66 54.94
CA LEU R 21 20.70 62.46 55.23
C LEU R 21 21.49 61.33 55.86
N ASP R 22 20.76 60.28 56.22
CA ASP R 22 21.36 59.09 56.82
C ASP R 22 20.93 57.87 55.99
N LEU R 23 21.82 57.49 55.08
CA LEU R 23 21.61 56.37 54.15
C LEU R 23 21.16 55.11 54.85
N LYS R 24 21.81 54.82 55.96
CA LYS R 24 21.49 53.61 56.73
C LYS R 24 19.99 53.53 57.06
N THR R 25 19.48 54.60 57.70
CA THR R 25 18.07 54.64 58.08
C THR R 25 17.18 54.49 56.85
N ILE R 26 17.41 55.36 55.86
CA ILE R 26 16.64 55.34 54.62
C ILE R 26 16.64 53.95 53.98
N ALA R 27 17.82 53.33 53.93
CA ALA R 27 17.98 51.99 53.38
C ALA R 27 17.04 51.03 54.10
N LEU R 28 17.14 51.09 55.43
CA LEU R 28 16.34 50.26 56.33
C LEU R 28 14.82 50.43 56.18
N ARG R 29 14.35 51.64 56.45
CA ARG R 29 12.94 51.99 56.37
C ARG R 29 12.37 51.82 54.97
N ALA R 30 12.98 52.50 54.00
CA ALA R 30 12.53 52.45 52.61
C ALA R 30 12.49 51.02 52.04
N ARG R 31 11.38 50.68 51.38
CA ARG R 31 11.18 49.36 50.78
C ARG R 31 12.18 49.07 49.64
N ASN R 32 11.95 49.75 48.51
CA ASN R 32 12.74 49.58 47.30
C ASN R 32 14.10 50.27 47.38
N ALA R 33 14.66 50.34 48.58
CA ALA R 33 15.97 50.94 48.76
C ALA R 33 17.01 49.81 48.68
N GLU R 34 18.27 50.18 48.86
CA GLU R 34 19.37 49.23 48.79
C GLU R 34 20.59 50.05 49.17
N TYR R 35 21.43 49.53 50.06
CA TYR R 35 22.59 50.28 50.49
C TYR R 35 23.78 49.48 50.96
N ASN R 36 24.86 49.44 50.19
CA ASN R 36 26.07 48.77 50.67
C ASN R 36 27.26 49.68 50.39
N PRO R 37 27.53 50.54 51.38
CA PRO R 37 28.63 51.51 51.33
C PRO R 37 29.95 50.87 50.91
N LYS R 38 30.12 49.58 51.18
CA LYS R 38 31.38 48.99 50.76
C LYS R 38 31.41 48.92 49.22
N ARG R 39 30.25 48.68 48.61
CA ARG R 39 30.11 48.63 47.14
C ARG R 39 30.00 50.04 46.53
N PHE R 40 29.06 50.85 47.05
CA PHE R 40 28.86 52.20 46.54
C PHE R 40 28.36 53.12 47.65
N ALA R 41 28.90 54.34 47.66
CA ALA R 41 28.58 55.34 48.68
C ALA R 41 27.16 55.96 48.70
N ALA R 42 26.22 55.43 47.94
CA ALA R 42 24.91 56.02 47.92
C ALA R 42 23.79 54.99 47.99
N VAL R 43 22.58 55.48 48.30
CA VAL R 43 21.40 54.61 48.37
C VAL R 43 20.80 54.49 46.95
N ILE R 44 20.49 53.27 46.56
CA ILE R 44 19.91 53.02 45.25
C ILE R 44 18.44 52.72 45.48
N MET R 45 17.57 53.58 44.94
CA MET R 45 16.13 53.43 45.10
C MET R 45 15.45 53.30 43.74
N ARG R 46 14.31 52.61 43.72
CA ARG R 46 13.59 52.40 42.46
C ARG R 46 12.07 52.45 42.51
N ILE R 47 11.49 53.37 41.75
CA ILE R 47 10.03 53.46 41.68
C ILE R 47 9.68 52.84 40.34
N ARG R 48 8.49 52.25 40.23
CA ARG R 48 8.11 51.60 38.98
C ARG R 48 7.34 52.49 38.00
N GLU R 49 6.97 53.69 38.44
CA GLU R 49 6.26 54.61 37.57
C GLU R 49 6.37 56.04 38.13
N PRO R 50 7.17 56.89 37.45
CA PRO R 50 7.92 56.58 36.22
C PRO R 50 9.06 55.55 36.45
N ARG R 51 9.10 54.49 35.63
CA ARG R 51 10.13 53.45 35.75
C ARG R 51 11.52 54.10 35.80
N THR R 52 12.10 54.18 37.01
CA THR R 52 13.42 54.79 37.14
C THR R 52 14.18 54.20 38.32
N THR R 53 15.36 54.76 38.55
CA THR R 53 16.22 54.33 39.64
C THR R 53 16.91 55.61 40.06
N ALA R 54 17.09 55.78 41.36
CA ALA R 54 17.72 57.00 41.83
C ALA R 54 18.93 56.72 42.71
N LEU R 55 19.86 57.68 42.70
CA LEU R 55 21.08 57.61 43.48
C LEU R 55 21.03 58.70 44.57
N ILE R 56 20.82 58.28 45.82
CA ILE R 56 20.72 59.23 46.92
C ILE R 56 21.95 59.28 47.80
N PHE R 57 22.53 60.46 47.87
CA PHE R 57 23.75 60.70 48.64
C PHE R 57 23.49 61.39 49.98
N SER R 58 24.28 61.01 50.99
CA SER R 58 24.15 61.57 52.33
C SER R 58 24.26 63.09 52.30
N SER R 59 24.81 63.62 51.23
CA SER R 59 24.95 65.07 51.12
C SER R 59 23.59 65.73 50.94
N GLY R 60 22.62 64.94 50.49
CA GLY R 60 21.29 65.48 50.26
C GLY R 60 20.99 65.57 48.76
N LYS R 61 22.03 65.51 47.94
CA LYS R 61 21.88 65.58 46.48
C LYS R 61 21.56 64.18 45.96
N MET R 62 20.76 64.09 44.89
CA MET R 62 20.42 62.80 44.30
C MET R 62 20.43 62.87 42.78
N VAL R 63 20.55 61.71 42.14
CA VAL R 63 20.56 61.65 40.69
C VAL R 63 19.42 60.76 40.29
N CYS R 64 18.66 61.22 39.30
CA CYS R 64 17.51 60.47 38.78
C CYS R 64 17.86 59.97 37.38
N THR R 65 17.64 58.68 37.14
CA THR R 65 17.97 58.09 35.86
C THR R 65 16.89 57.13 35.36
N GLY R 66 16.78 57.00 34.03
CA GLY R 66 15.80 56.09 33.45
C GLY R 66 14.57 56.69 32.77
N ALA R 67 14.23 57.92 33.13
CA ALA R 67 13.05 58.60 32.56
C ALA R 67 13.16 58.78 31.04
N LYS R 68 12.01 58.70 30.36
CA LYS R 68 12.00 58.86 28.91
C LYS R 68 11.58 60.27 28.48
N SER R 69 11.50 61.18 29.45
CA SER R 69 11.09 62.56 29.18
C SER R 69 11.46 63.45 30.34
N GLU R 70 11.66 64.73 30.04
CA GLU R 70 12.05 65.70 31.07
C GLU R 70 10.98 65.80 32.16
N GLU R 71 9.71 65.76 31.75
CA GLU R 71 8.60 65.87 32.71
C GLU R 71 8.61 64.62 33.59
N GLN R 72 8.78 63.47 32.95
CA GLN R 72 8.84 62.18 33.62
C GLN R 72 9.97 62.13 34.61
N SER R 73 11.12 62.67 34.20
CA SER R 73 12.30 62.69 35.04
C SER R 73 12.00 63.49 36.31
N ARG R 74 11.47 64.70 36.10
CA ARG R 74 11.10 65.60 37.19
C ARG R 74 10.05 64.97 38.10
N LEU R 75 9.10 64.30 37.47
CA LEU R 75 8.02 63.65 38.19
C LEU R 75 8.64 62.69 39.20
N ALA R 76 9.37 61.73 38.65
CA ALA R 76 10.05 60.70 39.42
C ALA R 76 10.92 61.35 40.49
N ALA R 77 11.69 62.35 40.07
CA ALA R 77 12.57 63.06 41.00
C ALA R 77 11.81 63.51 42.27
N ARG R 78 10.59 64.01 42.05
CA ARG R 78 9.74 64.51 43.12
C ARG R 78 9.28 63.32 44.00
N LYS R 79 8.82 62.25 43.36
CA LYS R 79 8.38 61.07 44.11
C LYS R 79 9.48 60.62 45.06
N TYR R 80 10.70 60.57 44.55
CA TYR R 80 11.84 60.15 45.37
C TYR R 80 12.01 61.09 46.55
N ALA R 81 11.94 62.40 46.27
CA ALA R 81 12.09 63.41 47.31
C ALA R 81 11.02 63.21 48.37
N ARG R 82 9.83 62.76 47.94
CA ARG R 82 8.76 62.56 48.90
C ARG R 82 9.11 61.44 49.88
N VAL R 83 9.30 60.22 49.39
CA VAL R 83 9.62 59.13 50.31
C VAL R 83 10.67 59.59 51.33
N VAL R 84 11.63 60.38 50.86
CA VAL R 84 12.69 60.90 51.74
C VAL R 84 12.00 61.69 52.86
N GLN R 85 11.23 62.69 52.44
CA GLN R 85 10.51 63.57 53.35
C GLN R 85 9.64 62.74 54.30
N LYS R 86 8.84 61.83 53.72
CA LYS R 86 7.94 60.99 54.52
C LYS R 86 8.69 60.08 55.54
N LEU R 87 10.02 59.98 55.41
CA LEU R 87 10.79 59.18 56.35
C LEU R 87 11.32 60.14 57.40
N GLY R 88 10.78 61.36 57.38
CA GLY R 88 11.17 62.36 58.35
C GLY R 88 12.43 63.14 58.05
N PHE R 89 12.51 63.76 56.89
CA PHE R 89 13.69 64.54 56.56
C PHE R 89 13.25 65.90 55.99
N PRO R 90 13.93 66.99 56.41
CA PRO R 90 13.64 68.36 55.96
C PRO R 90 13.86 68.47 54.44
N ALA R 91 13.40 67.45 53.73
CA ALA R 91 13.57 67.38 52.28
C ALA R 91 12.95 68.52 51.48
N LYS R 92 13.77 69.18 50.67
CA LYS R 92 13.32 70.26 49.80
C LYS R 92 13.43 69.75 48.36
N PHE R 93 13.53 70.64 47.38
CA PHE R 93 13.61 70.20 45.99
C PHE R 93 14.29 71.32 45.20
N LEU R 94 15.50 71.69 45.63
CA LEU R 94 16.26 72.76 45.02
C LEU R 94 16.99 72.38 43.73
N ASP R 95 17.17 73.38 42.88
CA ASP R 95 17.88 73.26 41.60
C ASP R 95 17.76 71.98 40.81
N PHE R 96 16.53 71.54 40.56
CA PHE R 96 16.35 70.35 39.75
C PHE R 96 16.89 70.69 38.37
N LYS R 97 17.65 69.78 37.76
CA LYS R 97 18.20 70.05 36.43
C LYS R 97 18.47 68.83 35.59
N ILE R 98 18.17 68.96 34.31
CA ILE R 98 18.41 67.90 33.34
C ILE R 98 19.93 67.95 33.07
N GLN R 99 20.61 66.84 33.27
CA GLN R 99 22.05 66.79 33.08
C GLN R 99 22.46 66.16 31.76
N ASN R 100 21.66 65.20 31.31
CA ASN R 100 21.96 64.54 30.07
C ASN R 100 20.76 63.78 29.58
N MET R 101 20.57 63.76 28.25
CA MET R 101 19.48 62.99 27.67
C MET R 101 19.99 62.21 26.46
N VAL R 102 19.39 61.03 26.27
CA VAL R 102 19.78 60.12 25.22
C VAL R 102 18.64 59.84 24.25
N GLY R 103 18.95 59.89 22.95
CA GLY R 103 17.93 59.61 21.97
C GLY R 103 18.45 58.60 20.97
N SER R 104 17.52 57.91 20.29
CA SER R 104 17.94 56.96 19.27
C SER R 104 16.87 56.89 18.18
N CYS R 105 17.27 56.35 17.02
CA CYS R 105 16.35 56.20 15.92
C CYS R 105 17.02 55.41 14.82
N ASP R 106 16.26 55.15 13.75
CA ASP R 106 16.72 54.36 12.61
C ASP R 106 16.53 55.11 11.30
N VAL R 107 17.63 55.38 10.59
CA VAL R 107 17.54 56.11 9.33
C VAL R 107 16.97 55.20 8.24
N LYS R 108 16.73 53.96 8.62
CA LYS R 108 16.16 52.94 7.73
C LYS R 108 16.97 52.47 6.51
N PHE R 109 18.28 52.68 6.51
CA PHE R 109 19.11 52.21 5.39
C PHE R 109 20.51 51.89 5.92
N PRO R 110 21.15 50.86 5.38
CA PRO R 110 22.50 50.50 5.84
C PRO R 110 23.51 51.60 5.53
N ILE R 111 24.47 51.80 6.44
CA ILE R 111 25.46 52.85 6.27
C ILE R 111 26.88 52.35 6.05
N ARG R 112 27.59 53.03 5.16
CA ARG R 112 28.98 52.70 4.81
C ARG R 112 29.93 53.45 5.75
N LEU R 113 30.11 52.92 6.95
CA LEU R 113 30.98 53.58 7.92
C LEU R 113 32.38 53.82 7.39
N GLU R 114 32.87 52.88 6.57
CA GLU R 114 34.22 53.03 6.01
C GLU R 114 34.33 54.36 5.27
N GLY R 115 33.28 54.70 4.54
CA GLY R 115 33.28 55.95 3.81
C GLY R 115 33.11 57.17 4.71
N LEU R 116 32.18 57.08 5.67
CA LEU R 116 31.98 58.22 6.54
C LEU R 116 33.24 58.57 7.31
N VAL R 117 33.98 57.57 7.74
CA VAL R 117 35.17 57.86 8.52
C VAL R 117 36.25 58.51 7.65
N LEU R 118 36.25 58.16 6.36
CA LEU R 118 37.21 58.68 5.39
C LEU R 118 37.05 60.19 5.22
N THR R 119 35.81 60.62 4.99
CA THR R 119 35.48 62.01 4.78
C THR R 119 35.36 62.80 6.05
N HIS R 120 35.06 62.12 7.15
CA HIS R 120 34.89 62.86 8.42
C HIS R 120 35.83 62.53 9.57
N GLN R 121 37.04 62.05 9.25
CA GLN R 121 38.05 61.70 10.24
C GLN R 121 38.08 62.69 11.41
N GLN R 122 38.02 63.97 11.09
CA GLN R 122 38.05 65.02 12.11
C GLN R 122 37.05 64.84 13.27
N PHE R 123 35.92 64.21 13.01
CA PHE R 123 34.90 64.02 14.04
C PHE R 123 34.65 62.55 14.35
N SER R 124 35.22 61.70 13.53
CA SER R 124 34.98 60.27 13.65
C SER R 124 36.06 59.46 14.28
N SER R 125 35.64 58.29 14.72
CA SER R 125 36.50 57.28 15.30
C SER R 125 35.73 56.01 15.05
N TYR R 126 36.34 55.15 14.24
CA TYR R 126 35.73 53.87 13.93
C TYR R 126 36.81 52.79 13.90
N GLU R 127 36.98 52.10 15.04
CA GLU R 127 37.93 51.03 15.12
C GLU R 127 37.17 49.80 15.55
N PRO R 128 36.93 48.88 14.61
CA PRO R 128 36.21 47.64 14.88
C PRO R 128 36.77 46.78 15.99
N GLU R 129 38.07 46.88 16.28
CA GLU R 129 38.60 46.10 17.40
C GLU R 129 38.15 46.74 18.76
N LEU R 130 37.78 48.00 18.76
CA LEU R 130 37.38 48.69 19.96
C LEU R 130 35.88 48.78 20.18
N PHE R 131 35.10 48.91 19.12
CA PHE R 131 33.63 49.02 19.27
C PHE R 131 33.05 48.93 17.86
N PRO R 132 31.96 48.16 17.68
CA PRO R 132 31.33 47.98 16.37
C PRO R 132 30.70 49.20 15.71
N GLY R 133 30.51 50.28 16.48
CA GLY R 133 29.91 51.49 15.95
C GLY R 133 30.90 52.65 15.77
N LEU R 134 30.64 53.52 14.78
CA LEU R 134 31.48 54.69 14.53
C LEU R 134 31.03 55.74 15.55
N ILE R 135 32.01 56.35 16.24
CA ILE R 135 31.73 57.38 17.25
C ILE R 135 31.89 58.77 16.64
N TYR R 136 30.78 59.52 16.59
CA TYR R 136 30.78 60.86 15.99
C TYR R 136 30.68 61.99 16.99
N ARG R 137 31.71 62.82 17.08
CA ARG R 137 31.68 63.89 18.04
C ARG R 137 31.39 65.21 17.33
N MET R 138 30.10 65.55 17.29
CA MET R 138 29.64 66.77 16.65
C MET R 138 30.03 67.96 17.51
N ILE R 139 30.50 69.04 16.87
CA ILE R 139 30.92 70.23 17.58
C ILE R 139 29.75 71.18 17.90
N LYS R 140 28.87 71.31 16.92
CA LYS R 140 27.72 72.18 17.06
C LYS R 140 26.53 71.45 16.46
N PRO R 141 25.58 70.98 17.31
CA PRO R 141 25.54 71.02 18.79
C PRO R 141 26.54 70.00 19.40
N ARG R 142 26.99 70.26 20.64
CA ARG R 142 27.94 69.38 21.32
C ARG R 142 27.24 68.08 21.71
N ILE R 143 27.12 67.19 20.74
CA ILE R 143 26.47 65.93 20.99
C ILE R 143 27.33 64.81 20.38
N VAL R 144 27.32 63.64 21.00
CA VAL R 144 28.08 62.53 20.45
C VAL R 144 27.09 61.50 19.98
N LEU R 145 27.30 61.02 18.75
CA LEU R 145 26.44 60.03 18.14
C LEU R 145 27.21 58.72 17.93
N LEU R 146 26.46 57.63 17.93
CA LEU R 146 27.04 56.32 17.74
C LEU R 146 26.25 55.85 16.53
N ILE R 147 26.99 55.60 15.44
CA ILE R 147 26.40 55.17 14.20
C ILE R 147 26.80 53.74 13.83
N PHE R 148 25.79 52.92 13.51
CA PHE R 148 26.01 51.51 13.16
C PHE R 148 25.68 51.18 11.70
N VAL R 149 26.36 50.18 11.14
CA VAL R 149 26.15 49.82 9.75
C VAL R 149 24.69 49.52 9.49
N SER R 150 23.98 49.18 10.56
CA SER R 150 22.55 48.83 10.45
C SER R 150 21.69 50.03 10.10
N GLY R 151 22.20 51.22 10.36
CA GLY R 151 21.41 52.40 10.10
C GLY R 151 20.81 52.91 11.39
N LYS R 152 21.06 52.19 12.49
CA LYS R 152 20.56 52.62 13.79
C LYS R 152 21.53 53.68 14.29
N VAL R 153 21.02 54.66 15.04
CA VAL R 153 21.88 55.70 15.56
C VAL R 153 21.42 56.11 16.95
N VAL R 154 22.40 56.39 17.81
CA VAL R 154 22.12 56.81 19.19
C VAL R 154 22.76 58.18 19.35
N LEU R 155 22.11 59.05 20.10
CA LEU R 155 22.64 60.38 20.35
C LEU R 155 22.61 60.66 21.85
N THR R 156 23.69 61.25 22.37
CA THR R 156 23.76 61.54 23.79
C THR R 156 24.59 62.81 24.08
N GLY R 157 24.48 63.30 25.31
CA GLY R 157 25.22 64.48 25.70
C GLY R 157 24.36 65.72 25.68
N ALA R 158 23.07 65.54 25.39
CA ALA R 158 22.13 66.66 25.31
C ALA R 158 21.63 67.14 26.65
N LYS R 159 21.54 68.47 26.76
CA LYS R 159 21.05 69.11 27.98
C LYS R 159 19.56 69.38 27.74
N VAL R 160 19.22 69.58 26.46
CA VAL R 160 17.84 69.88 26.07
C VAL R 160 17.47 69.16 24.80
N ARG R 161 16.24 68.66 24.81
CA ARG R 161 15.65 67.92 23.71
C ARG R 161 16.05 68.46 22.33
N ALA R 162 16.09 69.78 22.19
CA ALA R 162 16.41 70.40 20.90
C ALA R 162 17.78 69.95 20.33
N GLU R 163 18.78 69.85 21.20
CA GLU R 163 20.09 69.44 20.73
C GLU R 163 20.08 68.06 20.11
N ILE R 164 19.23 67.17 20.62
CA ILE R 164 19.17 65.84 20.05
C ILE R 164 18.63 65.96 18.63
N TYR R 165 17.51 66.66 18.48
CA TYR R 165 16.88 66.84 17.16
C TYR R 165 17.80 67.58 16.18
N GLU R 166 18.49 68.58 16.70
CA GLU R 166 19.38 69.34 15.87
C GLU R 166 20.47 68.45 15.32
N ALA R 167 21.17 67.78 16.23
CA ALA R 167 22.26 66.88 15.87
C ALA R 167 21.83 65.88 14.82
N PHE R 168 20.62 65.35 14.99
CA PHE R 168 20.12 64.38 14.03
C PHE R 168 19.96 64.93 12.62
N GLU R 169 19.39 66.13 12.54
CA GLU R 169 19.18 66.75 11.25
C GLU R 169 20.54 67.02 10.59
N ASN R 170 21.50 67.46 11.39
CA ASN R 170 22.84 67.73 10.89
C ASN R 170 23.51 66.47 10.29
N ILE R 171 23.30 65.33 10.94
CA ILE R 171 23.92 64.06 10.54
C ILE R 171 23.22 63.31 9.42
N TYR R 172 21.89 63.42 9.38
CA TYR R 172 21.11 62.72 8.39
C TYR R 172 21.61 62.85 6.95
N PRO R 173 21.79 64.09 6.47
CA PRO R 173 22.28 64.31 5.10
C PRO R 173 23.60 63.57 4.89
N ILE R 174 24.54 63.75 5.82
CA ILE R 174 25.86 63.09 5.74
C ILE R 174 25.70 61.58 5.64
N LEU R 175 24.84 61.03 6.50
CA LEU R 175 24.59 59.60 6.48
C LEU R 175 24.01 59.13 5.16
N LYS R 176 23.03 59.86 4.63
CA LYS R 176 22.40 59.46 3.36
C LYS R 176 23.47 59.42 2.27
N GLY R 177 24.42 60.35 2.35
CA GLY R 177 25.51 60.37 1.41
C GLY R 177 26.33 59.08 1.43
N PHE R 178 26.18 58.26 2.47
CA PHE R 178 26.94 57.03 2.51
C PHE R 178 26.09 55.79 2.64
N ARG R 179 24.88 55.85 2.14
CA ARG R 179 24.00 54.69 2.20
C ARG R 179 24.58 53.57 1.32
N LYS R 180 24.39 52.33 1.75
CA LYS R 180 24.91 51.15 1.04
C LYS R 180 24.14 50.83 -0.26
N SER S 1 -30.70 58.75 19.98
CA SER S 1 -31.24 58.13 18.74
C SER S 1 -31.21 56.62 18.83
N ASP S 2 -30.33 56.10 19.67
CA ASP S 2 -30.24 54.67 19.78
C ASP S 2 -31.45 54.12 20.52
N ARG S 3 -32.20 55.01 21.18
CA ARG S 3 -33.42 54.58 21.85
C ARG S 3 -34.45 54.43 20.72
N ALA S 4 -33.94 54.10 19.53
CA ALA S 4 -34.75 53.83 18.32
C ALA S 4 -34.97 52.31 18.40
N MET S 5 -34.45 51.72 19.47
CA MET S 5 -34.63 50.31 19.72
C MET S 5 -36.09 50.14 20.10
N MET S 6 -36.62 51.19 20.70
CA MET S 6 -38.02 51.26 21.11
C MET S 6 -38.85 50.97 19.90
N ASN S 7 -38.52 51.67 18.82
CA ASN S 7 -39.25 51.49 17.57
C ASN S 7 -39.07 50.07 17.08
N ALA S 8 -37.82 49.60 17.09
CA ALA S 8 -37.55 48.22 16.65
C ALA S 8 -38.33 47.19 17.48
N PHE S 9 -38.39 47.40 18.78
CA PHE S 9 -39.12 46.51 19.67
C PHE S 9 -40.59 46.52 19.35
N LYS S 10 -41.10 47.69 19.02
CA LYS S 10 -42.50 47.88 18.66
C LYS S 10 -42.75 47.06 17.39
N GLU S 11 -41.91 47.33 16.39
CA GLU S 11 -42.00 46.66 15.11
C GLU S 11 -41.89 45.15 15.30
N ILE S 12 -40.94 44.72 16.14
CA ILE S 12 -40.78 43.29 16.37
C ILE S 12 -42.05 42.72 16.97
N THR S 13 -42.61 43.40 17.97
CA THR S 13 -43.82 42.87 18.55
C THR S 13 -44.98 42.92 17.53
N THR S 14 -45.06 43.95 16.70
CA THR S 14 -46.15 43.96 15.72
C THR S 14 -46.04 42.67 14.87
N MET S 15 -44.89 42.49 14.22
CA MET S 15 -44.66 41.31 13.36
C MET S 15 -44.99 40.02 14.12
N ALA S 16 -44.39 39.86 15.31
CA ALA S 16 -44.64 38.70 16.15
C ALA S 16 -46.12 38.38 16.35
N ASP S 17 -46.91 39.40 16.70
CA ASP S 17 -48.31 39.23 16.93
C ASP S 17 -49.10 38.76 15.72
N ARG S 18 -48.74 39.26 14.53
CA ARG S 18 -49.44 38.85 13.34
C ARG S 18 -49.40 37.36 13.10
N ILE S 19 -48.51 36.68 13.80
CA ILE S 19 -48.33 35.26 13.57
C ILE S 19 -48.34 34.49 14.89
N ASN S 20 -48.82 35.17 15.94
CA ASN S 20 -48.93 34.55 17.25
C ASN S 20 -47.67 33.88 17.75
N LEU S 21 -46.63 34.65 18.06
CA LEU S 21 -45.44 34.01 18.53
C LEU S 21 -45.36 34.20 20.03
N PRO S 22 -44.99 33.12 20.73
CA PRO S 22 -44.84 33.10 22.21
C PRO S 22 -43.87 34.20 22.67
N ARG S 23 -44.00 34.63 23.92
CA ARG S 23 -43.14 35.65 24.50
C ARG S 23 -41.66 35.38 24.44
N ASN S 24 -41.27 34.12 24.65
CA ASN S 24 -39.83 33.88 24.65
C ASN S 24 -39.20 34.20 23.31
N ILE S 25 -39.92 33.95 22.22
CA ILE S 25 -39.38 34.30 20.90
C ILE S 25 -39.27 35.82 20.74
N VAL S 26 -40.30 36.56 21.16
CA VAL S 26 -40.23 38.02 21.08
C VAL S 26 -39.04 38.52 21.89
N ASP S 27 -38.89 37.98 23.08
CA ASP S 27 -37.77 38.34 23.96
C ASP S 27 -36.43 38.03 23.32
N ARG S 28 -36.30 36.82 22.79
CA ARG S 28 -35.05 36.45 22.11
C ARG S 28 -34.75 37.47 21.01
N THR S 29 -35.73 37.70 20.15
CA THR S 29 -35.58 38.63 19.06
C THR S 29 -35.09 40.01 19.53
N ASN S 30 -35.73 40.57 20.56
CA ASN S 30 -35.29 41.88 21.07
C ASN S 30 -33.86 41.84 21.54
N ASN S 31 -33.47 40.76 22.20
CA ASN S 31 -32.11 40.60 22.69
C ASN S 31 -31.09 40.54 21.53
N LEU S 32 -31.45 39.76 20.50
CA LEU S 32 -30.66 39.59 19.30
C LEU S 32 -30.50 40.95 18.64
N PHE S 33 -31.63 41.66 18.49
CA PHE S 33 -31.59 42.98 17.88
C PHE S 33 -30.69 43.93 18.63
N LYS S 34 -30.92 44.04 19.95
CA LYS S 34 -30.11 44.95 20.76
C LYS S 34 -28.62 44.65 20.60
N GLN S 35 -28.25 43.39 20.66
CA GLN S 35 -26.84 43.04 20.50
C GLN S 35 -26.28 43.50 19.17
N VAL S 36 -26.92 43.15 18.06
CA VAL S 36 -26.36 43.57 16.76
C VAL S 36 -26.40 45.07 16.61
N TYR S 37 -27.44 45.71 17.13
CA TYR S 37 -27.54 47.16 17.04
C TYR S 37 -26.42 47.88 17.78
N GLU S 38 -26.24 47.56 19.06
CA GLU S 38 -25.22 48.19 19.86
C GLU S 38 -23.83 47.90 19.30
N GLN S 39 -23.70 46.74 18.68
CA GLN S 39 -22.44 46.29 18.09
C GLN S 39 -22.07 47.12 16.85
N LYS S 40 -23.08 47.63 16.17
CA LYS S 40 -22.88 48.42 14.97
C LYS S 40 -22.13 47.59 13.97
N SER S 41 -22.56 46.34 13.84
CA SER S 41 -21.91 45.40 12.92
C SER S 41 -22.51 45.41 11.50
N LEU S 42 -23.79 45.73 11.37
CA LEU S 42 -24.43 45.79 10.08
C LEU S 42 -24.70 47.25 9.66
N LYS S 43 -23.64 47.95 9.27
CA LYS S 43 -23.77 49.33 8.84
C LYS S 43 -24.55 49.46 7.54
N GLY S 44 -25.20 50.61 7.33
CA GLY S 44 -25.94 50.87 6.10
C GLY S 44 -27.23 50.16 5.77
N ARG S 45 -27.77 49.33 6.65
CA ARG S 45 -29.03 48.63 6.39
C ARG S 45 -30.18 49.29 7.13
N ALA S 46 -31.38 48.74 6.94
CA ALA S 46 -32.58 49.26 7.59
C ALA S 46 -32.88 48.46 8.85
N ASN S 47 -33.15 49.17 9.95
CA ASN S 47 -33.46 48.50 11.22
C ASN S 47 -34.55 47.46 11.11
N ASP S 48 -35.56 47.70 10.30
CA ASP S 48 -36.62 46.71 10.20
C ASP S 48 -36.14 45.43 9.51
N ALA S 49 -35.13 45.59 8.66
CA ALA S 49 -34.59 44.42 7.97
C ALA S 49 -33.87 43.59 9.03
N ILE S 50 -32.98 44.26 9.78
CA ILE S 50 -32.27 43.56 10.81
C ILE S 50 -33.21 42.92 11.84
N ALA S 51 -34.26 43.65 12.21
CA ALA S 51 -35.20 43.11 13.15
C ALA S 51 -35.83 41.87 12.56
N SER S 52 -36.30 41.95 11.32
CA SER S 52 -36.94 40.79 10.70
C SER S 52 -36.01 39.59 10.63
N ALA S 53 -34.73 39.84 10.39
CA ALA S 53 -33.76 38.75 10.32
C ALA S 53 -33.66 38.17 11.79
N CYS S 54 -33.50 39.06 12.78
CA CYS S 54 -33.44 38.62 14.16
C CYS S 54 -34.65 37.73 14.50
N LEU S 55 -35.85 38.16 14.10
CA LEU S 55 -37.04 37.38 14.40
C LEU S 55 -36.91 35.99 13.77
N TYR S 56 -36.42 35.94 12.53
CA TYR S 56 -36.26 34.65 11.83
C TYR S 56 -35.30 33.73 12.60
N ILE S 57 -34.18 34.30 13.06
CA ILE S 57 -33.18 33.56 13.82
C ILE S 57 -33.77 33.06 15.16
N ALA S 58 -34.44 33.96 15.87
CA ALA S 58 -35.07 33.63 17.14
C ALA S 58 -35.95 32.40 17.05
N CYS S 59 -36.79 32.32 16.02
CA CYS S 59 -37.69 31.18 15.91
C CYS S 59 -36.90 29.91 15.74
N ARG S 60 -35.78 30.01 15.05
CA ARG S 60 -34.95 28.82 14.81
C ARG S 60 -34.20 28.40 16.07
N GLN S 61 -33.68 29.37 16.82
CA GLN S 61 -33.01 29.01 18.03
C GLN S 61 -34.01 28.50 19.08
N GLU S 62 -35.24 29.04 19.07
CA GLU S 62 -36.27 28.64 20.00
C GLU S 62 -36.79 27.26 19.67
N GLY S 63 -36.25 26.67 18.61
CA GLY S 63 -36.67 25.35 18.17
C GLY S 63 -37.99 25.22 17.40
N VAL S 64 -38.52 26.34 16.97
CA VAL S 64 -39.81 26.36 16.27
C VAL S 64 -39.62 27.26 15.01
N PRO S 65 -38.86 26.76 14.02
CA PRO S 65 -38.52 27.44 12.76
C PRO S 65 -39.68 27.96 11.92
N ARG S 66 -39.55 29.19 11.42
CA ARG S 66 -40.53 29.75 10.49
C ARG S 66 -39.78 29.85 9.17
N THR S 67 -40.47 29.71 8.04
CA THR S 67 -39.78 29.79 6.75
C THR S 67 -39.50 31.25 6.50
N PHE S 68 -38.54 31.56 5.65
CA PHE S 68 -38.27 32.96 5.39
C PHE S 68 -39.55 33.57 4.82
N LYS S 69 -40.28 32.79 4.03
CA LYS S 69 -41.53 33.28 3.43
C LYS S 69 -42.47 33.73 4.55
N GLU S 70 -42.63 32.90 5.57
CA GLU S 70 -43.51 33.25 6.67
C GLU S 70 -43.07 34.55 7.36
N ILE S 71 -41.78 34.68 7.61
CA ILE S 71 -41.34 35.90 8.26
C ILE S 71 -41.52 37.08 7.31
N CYS S 72 -41.36 36.86 6.00
CA CYS S 72 -41.55 37.93 5.02
C CYS S 72 -42.99 38.38 4.99
N ALA S 73 -43.88 37.41 5.12
CA ALA S 73 -45.30 37.64 5.12
C ALA S 73 -45.67 38.74 6.11
N VAL S 74 -45.24 38.61 7.36
CA VAL S 74 -45.59 39.63 8.34
C VAL S 74 -44.58 40.77 8.39
N SER S 75 -43.69 40.85 7.39
CA SER S 75 -42.68 41.91 7.40
C SER S 75 -42.70 42.83 6.18
N ARG S 76 -42.21 44.05 6.36
CA ARG S 76 -42.17 45.00 5.27
C ARG S 76 -40.97 44.73 4.34
N ILE S 77 -40.06 43.85 4.77
CA ILE S 77 -38.86 43.52 4.02
C ILE S 77 -38.97 42.26 3.15
N SER S 78 -38.18 42.22 2.08
CA SER S 78 -38.20 41.08 1.17
C SER S 78 -37.34 39.92 1.66
N LYS S 79 -37.70 38.72 1.23
CA LYS S 79 -36.96 37.52 1.63
C LYS S 79 -35.49 37.69 1.29
N LYS S 80 -35.21 38.33 0.18
CA LYS S 80 -33.83 38.50 -0.21
C LYS S 80 -33.05 39.29 0.82
N GLU S 81 -33.66 40.38 1.29
CA GLU S 81 -32.96 41.25 2.24
C GLU S 81 -32.85 40.59 3.62
N ILE S 82 -33.91 39.90 4.03
CA ILE S 82 -33.88 39.24 5.31
C ILE S 82 -32.72 38.21 5.27
N GLY S 83 -32.71 37.37 4.25
CA GLY S 83 -31.65 36.39 4.10
C GLY S 83 -30.28 37.04 4.12
N ARG S 84 -30.09 38.17 3.47
CA ARG S 84 -28.79 38.77 3.49
C ARG S 84 -28.46 39.13 4.95
N CYS S 85 -29.39 39.77 5.62
CA CYS S 85 -29.16 40.18 7.01
C CYS S 85 -28.91 38.96 7.90
N PHE S 86 -29.70 37.92 7.67
CA PHE S 86 -29.60 36.68 8.44
C PHE S 86 -28.14 36.20 8.49
N LYS S 87 -27.52 36.07 7.32
CA LYS S 87 -26.14 35.61 7.24
C LYS S 87 -25.18 36.59 7.87
N LEU S 88 -25.35 37.88 7.63
CA LEU S 88 -24.44 38.87 8.23
C LEU S 88 -24.50 38.86 9.74
N ILE S 89 -25.69 38.61 10.29
CA ILE S 89 -25.89 38.61 11.74
C ILE S 89 -25.22 37.43 12.43
N LEU S 90 -25.40 36.22 11.89
CA LEU S 90 -24.79 35.06 12.51
C LEU S 90 -23.29 35.30 12.56
N LYS S 91 -22.72 35.84 11.50
CA LYS S 91 -21.29 36.10 11.49
C LYS S 91 -20.85 37.17 12.52
N ALA S 92 -21.60 38.26 12.60
CA ALA S 92 -21.28 39.33 13.53
C ALA S 92 -21.38 38.86 14.97
N LEU S 93 -22.39 38.04 15.27
CA LEU S 93 -22.58 37.54 16.62
C LEU S 93 -21.89 36.19 16.88
N GLU S 94 -21.02 35.76 15.96
CA GLU S 94 -20.31 34.49 16.07
C GLU S 94 -21.25 33.39 16.55
N THR S 95 -22.42 33.30 15.97
CA THR S 95 -23.37 32.28 16.35
C THR S 95 -23.77 31.46 15.12
N SER S 96 -24.59 30.45 15.34
CA SER S 96 -25.04 29.60 14.25
C SER S 96 -26.39 29.01 14.63
N VAL S 97 -26.98 28.22 13.75
CA VAL S 97 -28.26 27.61 14.06
C VAL S 97 -28.28 26.24 13.39
N ASP S 98 -28.93 25.29 14.06
CA ASP S 98 -28.97 23.93 13.53
C ASP S 98 -29.73 23.86 12.22
N LEU S 99 -29.26 23.03 11.29
CA LEU S 99 -29.92 22.84 10.01
C LEU S 99 -31.39 22.49 10.26
N ILE S 100 -32.30 23.02 9.44
CA ILE S 100 -33.71 22.71 9.61
C ILE S 100 -34.00 21.33 9.05
N THR S 101 -35.01 20.66 9.61
CA THR S 101 -35.37 19.31 9.18
C THR S 101 -36.83 19.24 8.86
N THR S 102 -37.23 18.14 8.21
CA THR S 102 -38.62 17.98 7.87
C THR S 102 -39.48 17.99 9.13
N GLY S 103 -38.98 17.35 10.19
CA GLY S 103 -39.70 17.29 11.44
C GLY S 103 -40.01 18.66 12.04
N ASP S 104 -39.16 19.64 11.79
CA ASP S 104 -39.38 20.97 12.33
C ASP S 104 -40.67 21.67 11.92
N PHE S 105 -41.42 21.11 10.97
CA PHE S 105 -42.66 21.77 10.51
C PHE S 105 -43.86 20.88 10.57
N MET S 106 -43.61 19.59 10.70
CA MET S 106 -44.69 18.60 10.71
C MET S 106 -45.83 18.96 11.65
N SER S 107 -45.48 19.32 12.88
CA SER S 107 -46.47 19.68 13.88
C SER S 107 -47.35 20.84 13.43
N ARG S 108 -46.76 22.02 13.37
CA ARG S 108 -47.49 23.22 12.97
C ARG S 108 -48.26 23.06 11.66
N PHE S 109 -47.60 22.57 10.61
CA PHE S 109 -48.28 22.44 9.34
C PHE S 109 -49.54 21.57 9.47
N CYS S 110 -49.36 20.34 9.95
CA CYS S 110 -50.51 19.44 10.09
C CYS S 110 -51.64 20.05 10.94
N SER S 111 -51.27 20.85 11.96
CA SER S 111 -52.31 21.48 12.78
C SER S 111 -53.07 22.46 11.91
N ASN S 112 -52.36 23.38 11.26
CA ASN S 112 -53.00 24.37 10.39
C ASN S 112 -53.86 23.69 9.33
N LEU S 113 -53.59 22.42 9.06
CA LEU S 113 -54.36 21.64 8.08
C LEU S 113 -55.45 20.85 8.79
N CYS S 114 -55.50 20.98 10.11
CA CYS S 114 -56.47 20.29 10.96
C CYS S 114 -56.45 18.81 10.67
N LEU S 115 -55.25 18.26 10.65
CA LEU S 115 -55.11 16.86 10.37
C LEU S 115 -54.95 16.04 11.65
N PRO S 116 -55.71 14.93 11.75
CA PRO S 116 -55.60 14.08 12.95
C PRO S 116 -54.19 13.54 13.21
N LYS S 117 -53.81 13.64 14.48
CA LYS S 117 -52.50 13.19 14.97
C LYS S 117 -51.95 11.94 14.26
N GLN S 118 -52.85 11.03 13.92
CA GLN S 118 -52.46 9.78 13.27
C GLN S 118 -51.70 10.05 11.96
N VAL S 119 -52.27 10.93 11.15
CA VAL S 119 -51.64 11.27 9.89
C VAL S 119 -50.33 12.08 10.11
N GLN S 120 -50.39 13.05 11.02
CA GLN S 120 -49.23 13.86 11.31
C GLN S 120 -48.04 12.95 11.52
N MET S 121 -48.27 11.88 12.29
CA MET S 121 -47.21 10.95 12.57
C MET S 121 -46.82 10.26 11.29
N ALA S 122 -47.81 9.84 10.52
CA ALA S 122 -47.53 9.16 9.25
C ALA S 122 -46.57 10.04 8.44
N ALA S 123 -47.03 11.25 8.12
CA ALA S 123 -46.25 12.20 7.35
C ALA S 123 -44.82 12.29 7.90
N THR S 124 -44.73 12.62 9.19
CA THR S 124 -43.44 12.77 9.89
C THR S 124 -42.52 11.56 9.62
N HIS S 125 -43.11 10.36 9.66
CA HIS S 125 -42.38 9.13 9.43
C HIS S 125 -41.91 9.05 7.97
N ILE S 126 -42.87 9.23 7.07
CA ILE S 126 -42.61 9.21 5.63
C ILE S 126 -41.43 10.16 5.30
N ALA S 127 -41.54 11.40 5.76
CA ALA S 127 -40.51 12.40 5.51
C ALA S 127 -39.13 11.89 5.96
N ARG S 128 -39.02 11.55 7.25
CA ARG S 128 -37.79 11.09 7.88
C ARG S 128 -37.20 9.88 7.12
N LYS S 129 -38.07 8.91 6.81
CA LYS S 129 -37.66 7.71 6.06
C LYS S 129 -37.05 8.14 4.73
N ALA S 130 -37.87 8.89 3.98
CA ALA S 130 -37.51 9.42 2.66
C ALA S 130 -36.10 10.00 2.62
N VAL S 131 -35.80 10.85 3.61
CA VAL S 131 -34.50 11.49 3.72
C VAL S 131 -33.41 10.46 4.04
N GLU S 132 -33.73 9.52 4.93
CA GLU S 132 -32.79 8.48 5.34
C GLU S 132 -32.38 7.66 4.16
N LEU S 133 -33.35 7.42 3.29
CA LEU S 133 -33.18 6.64 2.07
C LEU S 133 -32.52 7.46 0.95
N ASP S 134 -32.33 8.75 1.21
CA ASP S 134 -31.74 9.69 0.26
C ASP S 134 -32.55 9.75 -1.03
N LEU S 135 -33.87 9.83 -0.91
CA LEU S 135 -34.75 9.91 -2.07
C LEU S 135 -35.00 11.35 -2.59
N VAL S 136 -34.72 12.35 -1.74
CA VAL S 136 -34.94 13.71 -2.11
C VAL S 136 -33.73 14.60 -1.93
N PRO S 137 -32.58 14.14 -2.40
CA PRO S 137 -31.36 14.95 -2.27
C PRO S 137 -31.47 16.36 -2.89
N GLY S 138 -30.98 17.35 -2.15
CA GLY S 138 -30.99 18.72 -2.62
C GLY S 138 -32.30 19.47 -2.46
N ARG S 139 -33.43 18.78 -2.23
CA ARG S 139 -34.70 19.52 -2.08
C ARG S 139 -34.78 20.16 -0.69
N SER S 140 -35.53 21.27 -0.58
CA SER S 140 -35.69 21.94 0.72
C SER S 140 -36.54 21.07 1.65
N PRO S 141 -36.13 20.97 2.93
CA PRO S 141 -36.87 20.17 3.91
C PRO S 141 -38.36 20.55 3.92
N ILE S 142 -38.68 21.82 3.71
CA ILE S 142 -40.07 22.20 3.72
C ILE S 142 -40.82 21.55 2.57
N SER S 143 -40.13 21.47 1.44
CA SER S 143 -40.72 20.87 0.24
C SER S 143 -41.00 19.42 0.55
N VAL S 144 -39.99 18.72 1.08
CA VAL S 144 -40.15 17.29 1.39
C VAL S 144 -41.32 17.13 2.38
N ALA S 145 -41.33 17.98 3.41
CA ALA S 145 -42.37 17.95 4.42
C ALA S 145 -43.72 18.02 3.75
N ALA S 146 -43.90 19.03 2.89
CA ALA S 146 -45.18 19.20 2.20
C ALA S 146 -45.59 17.99 1.37
N ALA S 147 -44.62 17.34 0.71
CA ALA S 147 -44.94 16.16 -0.10
C ALA S 147 -45.35 15.02 0.79
N ALA S 148 -44.65 14.87 1.91
CA ALA S 148 -44.92 13.80 2.88
C ALA S 148 -46.35 13.93 3.41
N ILE S 149 -46.68 15.14 3.86
CA ILE S 149 -48.02 15.43 4.37
C ILE S 149 -49.05 15.05 3.30
N TYR S 150 -48.82 15.48 2.07
CA TYR S 150 -49.73 15.18 0.98
C TYR S 150 -49.92 13.67 0.87
N MET S 151 -48.81 12.95 0.71
CA MET S 151 -48.90 11.50 0.57
C MET S 151 -49.71 10.92 1.71
N ALA S 152 -49.31 11.24 2.95
CA ALA S 152 -50.00 10.73 4.12
C ALA S 152 -51.48 11.06 4.04
N SER S 153 -51.79 12.35 3.93
CA SER S 153 -53.18 12.80 3.88
C SER S 153 -54.03 12.06 2.85
N GLN S 154 -53.42 11.79 1.69
CA GLN S 154 -54.09 11.10 0.60
C GLN S 154 -54.31 9.61 0.88
N ALA S 155 -53.62 9.10 1.88
CA ALA S 155 -53.77 7.69 2.25
C ALA S 155 -54.73 7.60 3.44
N SER S 156 -55.24 8.76 3.87
CA SER S 156 -56.18 8.82 4.99
C SER S 156 -57.53 9.39 4.55
N ALA S 157 -58.51 9.37 5.46
CA ALA S 157 -59.83 9.90 5.15
C ALA S 157 -59.74 11.43 5.12
N GLU S 158 -58.81 11.97 5.92
CA GLU S 158 -58.62 13.42 5.97
C GLU S 158 -57.68 13.93 4.87
N LYS S 159 -58.00 13.62 3.62
CA LYS S 159 -57.20 14.00 2.48
C LYS S 159 -57.14 15.51 2.27
N ARG S 160 -55.99 16.00 1.81
CA ARG S 160 -55.79 17.43 1.56
C ARG S 160 -55.27 17.61 0.13
N THR S 161 -55.55 18.79 -0.42
CA THR S 161 -55.16 19.09 -1.78
C THR S 161 -53.78 19.73 -1.84
N GLN S 162 -53.05 19.45 -2.92
CA GLN S 162 -51.72 20.02 -3.06
C GLN S 162 -51.79 21.51 -2.77
N LYS S 163 -52.83 22.17 -3.28
CA LYS S 163 -52.90 23.61 -3.06
C LYS S 163 -53.08 24.00 -1.62
N GLU S 164 -53.91 23.23 -0.89
CA GLU S 164 -54.14 23.51 0.52
C GLU S 164 -52.82 23.41 1.28
N ILE S 165 -52.17 22.27 1.12
CA ILE S 165 -50.90 22.03 1.77
C ILE S 165 -49.92 23.13 1.35
N GLY S 166 -49.84 23.38 0.04
CA GLY S 166 -48.93 24.40 -0.44
C GLY S 166 -49.15 25.77 0.20
N ASP S 167 -50.40 26.18 0.38
CA ASP S 167 -50.69 27.48 1.00
C ASP S 167 -50.16 27.53 2.44
N ILE S 168 -50.39 26.45 3.17
CA ILE S 168 -49.94 26.35 4.56
C ILE S 168 -48.42 26.26 4.63
N ALA S 169 -47.85 25.37 3.84
CA ALA S 169 -46.41 25.18 3.83
C ALA S 169 -45.65 26.33 3.17
N GLY S 170 -46.35 27.11 2.35
CA GLY S 170 -45.69 28.21 1.66
C GLY S 170 -44.84 27.72 0.51
N VAL S 171 -45.28 26.66 -0.15
CA VAL S 171 -44.56 26.14 -1.29
C VAL S 171 -45.55 25.98 -2.44
N ALA S 172 -45.08 26.08 -3.68
CA ALA S 172 -45.97 25.95 -4.84
C ALA S 172 -46.26 24.48 -5.05
N ASP S 173 -47.48 24.15 -5.49
CA ASP S 173 -47.83 22.73 -5.70
C ASP S 173 -46.94 21.96 -6.65
N VAL S 174 -46.31 22.65 -7.60
CA VAL S 174 -45.45 21.92 -8.53
C VAL S 174 -44.27 21.47 -7.68
N THR S 175 -43.84 22.34 -6.75
CA THR S 175 -42.72 21.99 -5.89
C THR S 175 -43.14 20.74 -5.12
N ILE S 176 -44.39 20.70 -4.69
CA ILE S 176 -44.87 19.54 -3.98
C ILE S 176 -44.82 18.31 -4.89
N ARG S 177 -45.40 18.44 -6.09
CA ARG S 177 -45.42 17.31 -7.04
C ARG S 177 -44.02 16.77 -7.31
N GLN S 178 -43.03 17.65 -7.40
CA GLN S 178 -41.69 17.17 -7.70
C GLN S 178 -41.13 16.25 -6.62
N SER S 179 -41.21 16.65 -5.36
CA SER S 179 -40.66 15.79 -4.34
C SER S 179 -41.57 14.56 -4.18
N TYR S 180 -42.87 14.77 -4.34
CA TYR S 180 -43.82 13.66 -4.22
C TYR S 180 -43.48 12.59 -5.27
N ARG S 181 -43.10 13.04 -6.46
CA ARG S 181 -42.76 12.13 -7.55
C ARG S 181 -41.59 11.26 -7.16
N LEU S 182 -40.64 11.82 -6.41
CA LEU S 182 -39.44 11.07 -6.02
C LEU S 182 -39.66 10.10 -4.85
N ILE S 183 -40.63 10.37 -4.00
CA ILE S 183 -40.87 9.49 -2.87
C ILE S 183 -41.89 8.41 -3.22
N TYR S 184 -42.78 8.72 -4.18
CA TYR S 184 -43.84 7.80 -4.62
C TYR S 184 -43.38 6.37 -4.92
N PRO S 185 -42.24 6.21 -5.63
CA PRO S 185 -41.70 4.90 -5.99
C PRO S 185 -41.46 3.98 -4.81
N ARG S 186 -41.35 4.54 -3.60
CA ARG S 186 -41.13 3.70 -2.44
C ARG S 186 -42.19 3.88 -1.36
N ALA S 187 -43.36 4.37 -1.77
CA ALA S 187 -44.48 4.60 -0.85
C ALA S 187 -44.68 3.44 0.16
N PRO S 188 -44.72 2.18 -0.32
CA PRO S 188 -44.90 1.07 0.61
C PRO S 188 -43.88 1.06 1.77
N ASP S 189 -42.60 1.25 1.46
CA ASP S 189 -41.55 1.26 2.47
C ASP S 189 -41.57 2.51 3.35
N LEU S 190 -42.26 3.55 2.89
CA LEU S 190 -42.31 4.83 3.60
C LEU S 190 -43.29 4.94 4.75
N PHE S 191 -44.49 4.36 4.62
CA PHE S 191 -45.47 4.46 5.69
C PHE S 191 -45.05 3.66 6.93
N PRO S 192 -45.62 4.03 8.10
CA PRO S 192 -45.25 3.27 9.31
C PRO S 192 -45.96 1.91 9.19
N THR S 193 -45.25 0.85 9.57
CA THR S 193 -45.74 -0.54 9.48
C THR S 193 -47.19 -0.79 9.86
N ASP S 194 -47.66 -0.16 10.92
CA ASP S 194 -49.03 -0.37 11.34
C ASP S 194 -49.91 0.80 10.91
N PHE S 195 -50.10 0.95 9.61
CA PHE S 195 -50.93 2.08 9.17
C PHE S 195 -52.30 1.69 8.56
N LYS S 196 -53.34 2.41 8.99
CA LYS S 196 -54.69 2.17 8.49
C LYS S 196 -54.96 2.92 7.18
N PHE S 197 -54.64 2.25 6.08
CA PHE S 197 -54.81 2.81 4.75
C PHE S 197 -56.23 3.09 4.29
N ASP S 198 -56.69 4.32 4.48
CA ASP S 198 -58.03 4.68 4.02
C ASP S 198 -58.03 4.34 2.51
N THR S 199 -56.97 4.78 1.82
CA THR S 199 -56.80 4.49 0.42
C THR S 199 -55.55 3.61 0.35
N PRO S 200 -55.63 2.49 -0.38
CA PRO S 200 -54.48 1.58 -0.50
C PRO S 200 -53.23 2.28 -1.07
N VAL S 201 -52.05 1.83 -0.63
CA VAL S 201 -50.77 2.39 -1.13
C VAL S 201 -50.80 2.59 -2.64
N ASP S 202 -51.37 1.62 -3.33
CA ASP S 202 -51.46 1.62 -4.78
C ASP S 202 -52.33 2.73 -5.37
N LYS S 203 -53.61 2.70 -5.06
CA LYS S 203 -54.53 3.71 -5.59
C LYS S 203 -54.17 5.16 -5.21
N LEU S 204 -53.00 5.34 -4.58
CA LEU S 204 -52.55 6.69 -4.19
C LEU S 204 -52.24 7.49 -5.45
N PRO S 205 -52.51 8.82 -5.43
CA PRO S 205 -52.29 9.76 -6.56
C PRO S 205 -51.04 9.41 -7.37
N GLN S 206 -51.17 9.19 -8.68
CA GLN S 206 -49.99 8.84 -9.48
C GLN S 206 -49.51 9.97 -10.33
N LEU S 207 -49.21 11.12 -9.73
CA LEU S 207 -48.73 12.27 -10.49
C LEU S 207 -47.51 11.92 -11.34
N GLY T 1 -2.59 14.44 -4.21
CA GLY T 1 -3.27 14.95 -5.44
C GLY T 1 -4.71 14.47 -5.59
N SER T 2 -5.58 15.37 -6.01
CA SER T 2 -7.00 15.04 -6.20
C SER T 2 -7.07 14.24 -7.49
N GLY T 3 -6.19 14.62 -8.41
CA GLY T 3 -6.15 13.97 -9.70
C GLY T 3 -7.29 14.49 -10.58
N ILE T 4 -7.84 15.64 -10.19
CA ILE T 4 -8.94 16.28 -10.94
C ILE T 4 -8.53 17.71 -11.24
N VAL T 5 -8.66 18.13 -12.50
CA VAL T 5 -8.31 19.52 -12.82
C VAL T 5 -9.58 20.32 -13.11
N PRO T 6 -9.83 21.36 -12.30
CA PRO T 6 -11.02 22.18 -12.49
C PRO T 6 -10.95 22.93 -13.82
N GLN T 7 -12.01 22.87 -14.62
CA GLN T 7 -12.05 23.55 -15.92
C GLN T 7 -12.49 25.00 -15.84
N LEU T 8 -11.66 25.88 -16.38
CA LEU T 8 -11.97 27.30 -16.43
C LEU T 8 -13.29 27.49 -17.21
N GLN T 9 -14.23 28.29 -16.70
CA GLN T 9 -15.47 28.48 -17.43
C GLN T 9 -15.75 29.92 -17.83
N ASN T 10 -15.15 30.86 -17.10
CA ASN T 10 -15.39 32.27 -17.36
C ASN T 10 -14.26 33.15 -16.83
N ILE T 11 -13.89 34.14 -17.62
CA ILE T 11 -12.84 35.07 -17.24
C ILE T 11 -13.34 36.46 -17.53
N VAL T 12 -13.07 37.36 -16.58
CA VAL T 12 -13.48 38.74 -16.71
C VAL T 12 -12.23 39.58 -16.63
N SER T 13 -12.01 40.36 -17.69
CA SER T 13 -10.82 41.22 -17.79
C SER T 13 -11.20 42.66 -18.12
N THR T 14 -10.29 43.56 -17.79
CA THR T 14 -10.51 44.98 -18.06
C THR T 14 -9.29 45.47 -18.83
N VAL T 15 -9.49 46.51 -19.63
CA VAL T 15 -8.41 47.14 -20.39
C VAL T 15 -8.89 48.56 -20.73
N ASN T 16 -7.95 49.50 -20.75
CA ASN T 16 -8.27 50.90 -21.02
C ASN T 16 -7.85 51.37 -22.41
N LEU T 17 -8.83 51.76 -23.23
CA LEU T 17 -8.54 52.25 -24.58
C LEU T 17 -7.77 53.58 -24.60
N GLY T 18 -7.71 54.25 -23.45
CA GLY T 18 -6.97 55.51 -23.36
C GLY T 18 -7.68 56.76 -23.86
N CYS T 19 -8.50 56.62 -24.90
CA CYS T 19 -9.22 57.77 -25.47
C CYS T 19 -10.71 57.73 -25.10
N LYS T 20 -11.30 58.88 -24.86
CA LYS T 20 -12.72 58.91 -24.52
C LYS T 20 -13.48 58.46 -25.77
N LEU T 21 -14.70 57.97 -25.61
CA LEU T 21 -15.48 57.52 -26.79
C LEU T 21 -16.89 58.08 -26.87
N ASP T 22 -17.54 57.76 -27.98
CA ASP T 22 -18.91 58.18 -28.21
C ASP T 22 -19.74 56.92 -28.51
N LEU T 23 -20.33 56.37 -27.45
CA LEU T 23 -21.15 55.15 -27.56
C LEU T 23 -22.19 55.20 -28.68
N LYS T 24 -22.83 56.38 -28.84
CA LYS T 24 -23.85 56.62 -29.88
C LYS T 24 -23.31 56.18 -31.25
N THR T 25 -22.18 56.78 -31.64
CA THR T 25 -21.56 56.47 -32.94
C THR T 25 -21.21 54.99 -33.03
N ILE T 26 -20.38 54.51 -32.09
CA ILE T 26 -19.99 53.10 -32.10
C ILE T 26 -21.20 52.19 -32.24
N ALA T 27 -22.23 52.41 -31.41
CA ALA T 27 -23.44 51.58 -31.44
C ALA T 27 -24.00 51.54 -32.87
N LEU T 28 -24.08 52.73 -33.47
CA LEU T 28 -24.61 52.91 -34.83
C LEU T 28 -23.77 52.20 -35.89
N ARG T 29 -22.52 52.60 -36.02
CA ARG T 29 -21.62 52.00 -37.00
C ARG T 29 -21.32 50.52 -36.74
N ALA T 30 -20.90 50.19 -35.52
CA ALA T 30 -20.59 48.80 -35.18
C ALA T 30 -21.80 47.88 -35.39
N ARG T 31 -21.54 46.73 -36.01
CA ARG T 31 -22.57 45.72 -36.32
C ARG T 31 -23.15 45.07 -35.06
N ASN T 32 -22.35 44.21 -34.42
CA ASN T 32 -22.78 43.51 -33.22
C ASN T 32 -22.76 44.36 -31.95
N ALA T 33 -23.04 45.65 -32.11
CA ALA T 33 -23.10 46.56 -30.98
C ALA T 33 -24.55 46.62 -30.51
N GLU T 34 -24.77 47.39 -29.47
CA GLU T 34 -26.10 47.55 -28.87
C GLU T 34 -25.91 48.64 -27.81
N TYR T 35 -26.81 49.63 -27.78
CA TYR T 35 -26.69 50.73 -26.81
C TYR T 35 -28.01 51.35 -26.41
N ASN T 36 -28.40 51.14 -25.16
CA ASN T 36 -29.64 51.69 -24.63
C ASN T 36 -29.30 52.36 -23.31
N PRO T 37 -28.76 53.58 -23.35
CA PRO T 37 -28.37 54.33 -22.15
C PRO T 37 -29.45 54.42 -21.09
N LYS T 38 -30.71 54.31 -21.52
CA LYS T 38 -31.80 54.35 -20.55
C LYS T 38 -31.70 53.07 -19.73
N ARG T 39 -31.37 51.96 -20.40
CA ARG T 39 -31.21 50.67 -19.75
C ARG T 39 -29.83 50.46 -19.07
N PHE T 40 -28.74 50.71 -19.80
CA PHE T 40 -27.39 50.57 -19.26
C PHE T 40 -26.42 51.59 -19.90
N ALA T 41 -25.55 52.15 -19.05
CA ALA T 41 -24.56 53.17 -19.41
C ALA T 41 -23.45 52.84 -20.41
N ALA T 42 -23.44 51.64 -20.96
CA ALA T 42 -22.36 51.34 -21.90
C ALA T 42 -22.81 50.53 -23.09
N VAL T 43 -21.90 50.38 -24.06
CA VAL T 43 -22.22 49.60 -25.26
C VAL T 43 -21.91 48.12 -25.03
N ILE T 44 -22.84 47.28 -25.46
CA ILE T 44 -22.70 45.84 -25.35
C ILE T 44 -22.27 45.34 -26.73
N MET T 45 -21.06 44.79 -26.82
CA MET T 45 -20.58 44.26 -28.10
C MET T 45 -20.25 42.77 -27.98
N ARG T 46 -20.43 42.03 -29.07
CA ARG T 46 -20.14 40.60 -29.03
C ARG T 46 -19.50 39.97 -30.28
N ILE T 47 -18.31 39.41 -30.10
CA ILE T 47 -17.57 38.74 -31.17
C ILE T 47 -17.87 37.25 -30.95
N ARG T 48 -17.88 36.45 -32.01
CA ARG T 48 -18.17 35.03 -31.84
C ARG T 48 -16.92 34.14 -31.69
N GLU T 49 -15.73 34.72 -31.89
CA GLU T 49 -14.49 33.95 -31.78
C GLU T 49 -13.37 34.92 -31.39
N PRO T 50 -12.95 34.93 -30.12
CA PRO T 50 -13.36 34.17 -28.92
C PRO T 50 -14.81 34.52 -28.51
N ARG T 51 -15.69 33.52 -28.41
CA ARG T 51 -17.10 33.77 -28.01
C ARG T 51 -17.07 34.61 -26.73
N THR T 52 -17.39 35.88 -26.90
CA THR T 52 -17.31 36.80 -25.78
C THR T 52 -18.34 37.92 -25.91
N THR T 53 -18.40 38.78 -24.88
CA THR T 53 -19.32 39.91 -24.87
C THR T 53 -18.52 40.96 -24.13
N ALA T 54 -18.59 42.20 -24.60
CA ALA T 54 -17.83 43.28 -23.97
C ALA T 54 -18.68 44.49 -23.57
N LEU T 55 -18.24 45.14 -22.49
CA LEU T 55 -18.93 46.33 -21.97
C LEU T 55 -18.01 47.53 -22.26
N ILE T 56 -18.42 48.37 -23.22
CA ILE T 56 -17.63 49.53 -23.58
C ILE T 56 -18.18 50.82 -23.00
N PHE T 57 -17.36 51.50 -22.21
CA PHE T 57 -17.77 52.74 -21.57
C PHE T 57 -17.19 53.96 -22.27
N SER T 58 -17.97 55.05 -22.31
CA SER T 58 -17.51 56.28 -22.94
C SER T 58 -16.21 56.82 -22.31
N SER T 59 -15.86 56.31 -21.12
CA SER T 59 -14.63 56.75 -20.45
C SER T 59 -13.42 56.21 -21.22
N GLY T 60 -13.65 55.16 -22.03
CA GLY T 60 -12.58 54.54 -22.79
C GLY T 60 -12.21 53.17 -22.22
N LYS T 61 -12.66 52.90 -20.98
CA LYS T 61 -12.39 51.62 -20.33
C LYS T 61 -13.46 50.58 -20.76
N MET T 62 -13.08 49.32 -20.84
CA MET T 62 -14.05 48.27 -21.18
C MET T 62 -13.83 47.00 -20.38
N VAL T 63 -14.86 46.17 -20.35
CA VAL T 63 -14.78 44.90 -19.61
C VAL T 63 -15.03 43.78 -20.63
N CYS T 64 -14.17 42.77 -20.56
CA CYS T 64 -14.29 41.61 -21.43
C CYS T 64 -14.77 40.42 -20.59
N THR T 65 -15.79 39.72 -21.07
CA THR T 65 -16.31 38.58 -20.31
C THR T 65 -16.65 37.40 -21.22
N GLY T 66 -16.64 36.19 -20.64
CA GLY T 66 -16.97 35.00 -21.42
C GLY T 66 -15.81 34.09 -21.79
N ALA T 67 -14.63 34.68 -21.87
CA ALA T 67 -13.42 33.94 -22.21
C ALA T 67 -13.19 32.69 -21.35
N LYS T 68 -12.72 31.61 -21.98
CA LYS T 68 -12.42 30.36 -21.29
C LYS T 68 -10.95 30.26 -20.82
N SER T 69 -10.16 31.31 -21.10
CA SER T 69 -8.73 31.33 -20.68
C SER T 69 -8.16 32.74 -20.78
N GLU T 70 -7.09 32.98 -20.02
CA GLU T 70 -6.46 34.31 -20.00
C GLU T 70 -6.03 34.80 -21.39
N GLU T 71 -5.44 33.90 -22.17
CA GLU T 71 -4.99 34.28 -23.51
C GLU T 71 -6.20 34.63 -24.37
N GLN T 72 -7.21 33.77 -24.33
CA GLN T 72 -8.42 34.00 -25.12
C GLN T 72 -9.11 35.31 -24.71
N SER T 73 -9.08 35.59 -23.42
CA SER T 73 -9.68 36.81 -22.89
C SER T 73 -8.95 38.03 -23.48
N ARG T 74 -7.61 38.01 -23.42
CA ARG T 74 -6.83 39.14 -23.94
C ARG T 74 -6.94 39.23 -25.45
N LEU T 75 -7.07 38.07 -26.08
CA LEU T 75 -7.21 37.99 -27.53
C LEU T 75 -8.47 38.78 -27.93
N ALA T 76 -9.61 38.36 -27.37
CA ALA T 76 -10.90 38.99 -27.61
C ALA T 76 -10.80 40.48 -27.22
N ALA T 77 -10.20 40.76 -26.06
CA ALA T 77 -10.06 42.15 -25.61
C ALA T 77 -9.46 43.02 -26.74
N ARG T 78 -8.43 42.48 -27.39
CA ARG T 78 -7.76 43.19 -28.47
C ARG T 78 -8.68 43.38 -29.68
N LYS T 79 -9.37 42.30 -30.08
CA LYS T 79 -10.28 42.39 -31.21
C LYS T 79 -11.29 43.51 -31.00
N TYR T 80 -11.78 43.64 -29.77
CA TYR T 80 -12.74 44.68 -29.43
C TYR T 80 -12.06 46.04 -29.61
N ALA T 81 -10.87 46.20 -29.01
CA ALA T 81 -10.10 47.45 -29.12
C ALA T 81 -9.95 47.82 -30.61
N ARG T 82 -9.79 46.78 -31.45
CA ARG T 82 -9.64 46.99 -32.88
C ARG T 82 -10.84 47.72 -33.44
N VAL T 83 -11.98 47.03 -33.43
CA VAL T 83 -13.22 47.59 -33.96
C VAL T 83 -13.34 49.05 -33.58
N VAL T 84 -13.01 49.34 -32.32
CA VAL T 84 -13.06 50.71 -31.81
C VAL T 84 -12.14 51.58 -32.67
N GLN T 85 -10.87 51.16 -32.74
CA GLN T 85 -9.84 51.85 -33.52
C GLN T 85 -10.30 52.06 -34.96
N LYS T 86 -10.68 50.96 -35.61
CA LYS T 86 -11.13 51.01 -36.99
C LYS T 86 -12.35 51.90 -37.21
N LEU T 87 -13.01 52.31 -36.14
CA LEU T 87 -14.15 53.21 -36.30
C LEU T 87 -13.63 54.64 -36.08
N GLY T 88 -12.31 54.76 -36.11
CA GLY T 88 -11.69 56.06 -35.97
C GLY T 88 -11.53 56.61 -34.58
N PHE T 89 -10.89 55.85 -33.70
CA PHE T 89 -10.68 56.34 -32.36
C PHE T 89 -9.22 56.05 -31.96
N PRO T 90 -8.60 57.01 -31.25
CA PRO T 90 -7.21 56.97 -30.74
C PRO T 90 -7.03 55.79 -29.78
N ALA T 91 -7.68 54.66 -30.11
CA ALA T 91 -7.66 53.48 -29.27
C ALA T 91 -6.28 52.85 -28.97
N LYS T 92 -5.99 52.72 -27.67
CA LYS T 92 -4.74 52.11 -27.19
C LYS T 92 -5.14 50.76 -26.58
N PHE T 93 -4.31 50.25 -25.67
CA PHE T 93 -4.57 48.97 -25.02
C PHE T 93 -3.78 48.96 -23.70
N LEU T 94 -4.01 49.96 -22.87
CA LEU T 94 -3.28 50.05 -21.61
C LEU T 94 -3.86 49.22 -20.46
N ASP T 95 -2.97 48.87 -19.54
CA ASP T 95 -3.28 48.08 -18.35
C ASP T 95 -4.29 46.94 -18.49
N PHE T 96 -4.11 46.05 -19.46
CA PHE T 96 -5.02 44.91 -19.58
C PHE T 96 -4.86 44.10 -18.29
N LYS T 97 -5.96 43.68 -17.67
CA LYS T 97 -5.86 42.92 -16.43
C LYS T 97 -6.97 41.91 -16.23
N ILE T 98 -6.57 40.72 -15.78
CA ILE T 98 -7.50 39.64 -15.47
C ILE T 98 -8.09 40.05 -14.09
N GLN T 99 -9.41 40.23 -14.02
CA GLN T 99 -10.07 40.64 -12.76
C GLN T 99 -10.68 39.51 -11.94
N ASN T 100 -11.16 38.47 -12.64
CA ASN T 100 -11.76 37.36 -11.94
C ASN T 100 -11.87 36.19 -12.91
N MET T 101 -11.64 34.99 -12.37
CA MET T 101 -11.75 33.79 -13.20
C MET T 101 -12.62 32.79 -12.45
N VAL T 102 -13.41 32.05 -13.21
CA VAL T 102 -14.31 31.09 -12.63
C VAL T 102 -13.97 29.72 -13.15
N GLY T 103 -13.97 28.76 -12.24
CA GLY T 103 -13.66 27.40 -12.63
C GLY T 103 -14.73 26.48 -12.10
N SER T 104 -14.81 25.28 -12.68
CA SER T 104 -15.82 24.33 -12.26
C SER T 104 -15.31 22.91 -12.52
N CYS T 105 -15.84 21.95 -11.78
CA CYS T 105 -15.48 20.57 -11.98
C CYS T 105 -16.37 19.64 -11.17
N ASP T 106 -16.23 18.34 -11.39
CA ASP T 106 -17.04 17.35 -10.70
C ASP T 106 -16.15 16.36 -9.97
N VAL T 107 -16.32 16.24 -8.65
CA VAL T 107 -15.49 15.32 -7.87
C VAL T 107 -15.94 13.90 -8.10
N LYS T 108 -17.03 13.75 -8.85
CA LYS T 108 -17.56 12.45 -9.21
C LYS T 108 -18.26 11.59 -8.18
N PHE T 109 -18.67 12.18 -7.05
CA PHE T 109 -19.42 11.41 -6.03
C PHE T 109 -20.28 12.38 -5.24
N PRO T 110 -21.45 11.90 -4.78
CA PRO T 110 -22.36 12.75 -4.00
C PRO T 110 -21.73 13.22 -2.69
N ILE T 111 -22.04 14.46 -2.32
CA ILE T 111 -21.51 15.08 -1.11
C ILE T 111 -22.58 15.31 -0.05
N ARG T 112 -22.24 15.04 1.21
CA ARG T 112 -23.15 15.22 2.35
C ARG T 112 -22.91 16.60 2.89
N LEU T 113 -23.56 17.59 2.29
CA LEU T 113 -23.39 18.98 2.72
C LEU T 113 -23.69 19.17 4.22
N GLU T 114 -24.71 18.43 4.71
CA GLU T 114 -25.18 18.45 6.10
C GLU T 114 -23.95 18.29 7.01
N GLY T 115 -23.13 17.29 6.67
CA GLY T 115 -21.93 17.02 7.43
C GLY T 115 -20.87 18.10 7.21
N LEU T 116 -20.63 18.46 5.97
CA LEU T 116 -19.62 19.46 5.69
C LEU T 116 -19.87 20.77 6.45
N VAL T 117 -21.14 21.20 6.52
CA VAL T 117 -21.45 22.44 7.21
C VAL T 117 -21.27 22.33 8.73
N LEU T 118 -21.49 21.14 9.28
CA LEU T 118 -21.30 20.92 10.71
C LEU T 118 -19.86 21.10 11.16
N THR T 119 -18.94 20.49 10.43
CA THR T 119 -17.53 20.58 10.78
C THR T 119 -16.86 21.84 10.22
N HIS T 120 -17.47 22.46 9.22
CA HIS T 120 -16.86 23.67 8.67
C HIS T 120 -17.66 24.96 8.78
N GLN T 121 -18.61 25.02 9.72
CA GLN T 121 -19.45 26.21 9.86
C GLN T 121 -18.67 27.51 9.69
N GLN T 122 -17.47 27.53 10.22
CA GLN T 122 -16.60 28.68 10.15
C GLN T 122 -16.44 29.29 8.75
N PHE T 123 -16.54 28.48 7.71
CA PHE T 123 -16.38 29.00 6.34
C PHE T 123 -17.58 28.64 5.48
N SER T 124 -18.52 27.93 6.09
CA SER T 124 -19.69 27.47 5.41
C SER T 124 -20.98 28.24 5.63
N SER T 125 -21.89 28.10 4.66
CA SER T 125 -23.21 28.70 4.72
C SER T 125 -24.04 27.80 3.82
N TYR T 126 -25.02 27.13 4.40
CA TYR T 126 -25.79 26.24 3.62
C TYR T 126 -27.22 26.30 4.16
N GLU T 127 -28.00 27.14 3.51
CA GLU T 127 -29.36 27.41 3.86
C GLU T 127 -30.22 27.07 2.65
N PRO T 128 -30.83 25.87 2.64
CA PRO T 128 -31.67 25.44 1.52
C PRO T 128 -32.81 26.39 1.10
N GLU T 129 -33.26 27.27 1.99
CA GLU T 129 -34.33 28.19 1.57
C GLU T 129 -33.71 29.36 0.78
N LEU T 130 -32.42 29.58 0.91
CA LEU T 130 -31.77 30.64 0.20
C LEU T 130 -31.03 30.22 -1.08
N PHE T 131 -30.46 29.01 -1.12
CA PHE T 131 -29.70 28.53 -2.28
C PHE T 131 -29.39 27.02 -2.10
N PRO T 132 -29.65 26.20 -3.12
CA PRO T 132 -29.40 24.75 -3.01
C PRO T 132 -27.96 24.30 -2.77
N GLY T 133 -26.98 25.18 -2.97
CA GLY T 133 -25.62 24.77 -2.77
C GLY T 133 -24.97 25.39 -1.53
N LEU T 134 -23.99 24.68 -0.95
CA LEU T 134 -23.27 25.18 0.21
C LEU T 134 -22.22 26.19 -0.30
N ILE T 135 -22.16 27.35 0.35
CA ILE T 135 -21.22 28.38 -0.04
C ILE T 135 -20.01 28.36 0.91
N TYR T 136 -18.83 28.06 0.32
CA TYR T 136 -17.61 27.95 1.05
C TYR T 136 -16.65 29.07 0.79
N ARG T 137 -16.33 29.79 1.86
CA ARG T 137 -15.44 30.95 1.76
C ARG T 137 -14.06 30.57 2.31
N MET T 138 -13.21 30.08 1.43
CA MET T 138 -11.86 29.67 1.84
C MET T 138 -11.02 30.93 2.03
N ILE T 139 -10.21 30.95 3.10
CA ILE T 139 -9.41 32.16 3.37
C ILE T 139 -8.05 32.19 2.67
N LYS T 140 -7.45 31.02 2.49
CA LYS T 140 -6.19 30.95 1.77
C LYS T 140 -6.26 29.69 0.93
N PRO T 141 -6.40 29.87 -0.40
CA PRO T 141 -6.48 31.12 -1.16
C PRO T 141 -7.87 31.78 -0.97
N ARG T 142 -7.95 33.10 -1.11
CA ARG T 142 -9.25 33.79 -0.96
C ARG T 142 -10.08 33.48 -2.21
N ILE T 143 -10.74 32.33 -2.17
CA ILE T 143 -11.56 31.86 -3.26
C ILE T 143 -12.91 31.38 -2.63
N VAL T 144 -14.03 31.61 -3.34
CA VAL T 144 -15.34 31.18 -2.85
C VAL T 144 -15.75 30.03 -3.73
N LEU T 145 -16.27 28.98 -3.11
CA LEU T 145 -16.70 27.83 -3.88
C LEU T 145 -18.16 27.56 -3.54
N LEU T 146 -18.85 26.95 -4.50
CA LEU T 146 -20.25 26.59 -4.36
C LEU T 146 -20.19 25.09 -4.57
N ILE T 147 -20.62 24.35 -3.55
CA ILE T 147 -20.59 22.92 -3.59
C ILE T 147 -22.00 22.37 -3.50
N PHE T 148 -22.30 21.45 -4.41
CA PHE T 148 -23.62 20.85 -4.52
C PHE T 148 -23.64 19.36 -4.15
N VAL T 149 -24.78 18.88 -3.66
CA VAL T 149 -24.85 17.47 -3.26
C VAL T 149 -24.50 16.53 -4.43
N SER T 150 -24.62 17.02 -5.65
CA SER T 150 -24.32 16.21 -6.83
C SER T 150 -22.83 15.91 -6.94
N GLY T 151 -21.99 16.73 -6.35
CA GLY T 151 -20.56 16.48 -6.46
C GLY T 151 -19.95 17.54 -7.37
N LYS T 152 -20.78 18.38 -7.98
CA LYS T 152 -20.27 19.44 -8.84
C LYS T 152 -19.78 20.56 -7.93
N VAL T 153 -18.76 21.27 -8.38
CA VAL T 153 -18.19 22.34 -7.62
C VAL T 153 -17.83 23.50 -8.52
N VAL T 154 -18.13 24.72 -8.05
CA VAL T 154 -17.78 25.90 -8.84
C VAL T 154 -16.81 26.71 -7.99
N LEU T 155 -15.86 27.39 -8.63
CA LEU T 155 -14.90 28.18 -7.88
C LEU T 155 -14.75 29.56 -8.52
N THR T 156 -14.76 30.62 -7.70
CA THR T 156 -14.57 31.97 -8.26
C THR T 156 -13.83 32.90 -7.30
N GLY T 157 -13.50 34.07 -7.84
CA GLY T 157 -12.81 35.08 -7.05
C GLY T 157 -11.32 35.07 -7.31
N ALA T 158 -10.90 34.21 -8.23
CA ALA T 158 -9.49 34.08 -8.54
C ALA T 158 -8.96 35.15 -9.47
N LYS T 159 -7.77 35.62 -9.14
CA LYS T 159 -7.11 36.63 -9.96
C LYS T 159 -6.16 35.88 -10.92
N VAL T 160 -5.71 34.71 -10.48
CA VAL T 160 -4.81 33.89 -11.28
C VAL T 160 -5.22 32.42 -11.25
N ARG T 161 -5.05 31.77 -12.41
CA ARG T 161 -5.37 30.35 -12.58
C ARG T 161 -4.95 29.47 -11.41
N ALA T 162 -3.78 29.75 -10.84
CA ALA T 162 -3.25 28.97 -9.72
C ALA T 162 -4.20 28.89 -8.54
N GLU T 163 -4.76 30.05 -8.13
CA GLU T 163 -5.68 30.14 -6.99
C GLU T 163 -6.84 29.16 -7.17
N ILE T 164 -7.31 29.00 -8.40
CA ILE T 164 -8.40 28.08 -8.64
C ILE T 164 -7.97 26.66 -8.31
N TYR T 165 -6.86 26.24 -8.92
CA TYR T 165 -6.35 24.90 -8.70
C TYR T 165 -6.02 24.67 -7.22
N GLU T 166 -5.39 25.67 -6.61
CA GLU T 166 -5.02 25.57 -5.21
C GLU T 166 -6.22 25.29 -4.34
N ALA T 167 -7.23 26.16 -4.45
CA ALA T 167 -8.45 26.01 -3.68
C ALA T 167 -9.08 24.64 -3.89
N PHE T 168 -9.09 24.14 -5.12
CA PHE T 168 -9.71 22.84 -5.32
C PHE T 168 -8.96 21.72 -4.60
N GLU T 169 -7.62 21.81 -4.63
CA GLU T 169 -6.80 20.81 -3.95
C GLU T 169 -7.12 20.85 -2.44
N ASN T 170 -7.18 22.08 -1.90
CA ASN T 170 -7.49 22.26 -0.49
C ASN T 170 -8.84 21.61 -0.13
N ILE T 171 -9.84 21.82 -0.98
CA ILE T 171 -11.20 21.33 -0.75
C ILE T 171 -11.49 19.85 -0.97
N TYR T 172 -10.82 19.27 -1.98
CA TYR T 172 -11.03 17.86 -2.33
C TYR T 172 -10.97 16.88 -1.15
N PRO T 173 -9.88 16.96 -0.36
CA PRO T 173 -9.71 16.09 0.82
C PRO T 173 -10.96 16.18 1.69
N ILE T 174 -11.32 17.41 2.08
CA ILE T 174 -12.51 17.65 2.93
C ILE T 174 -13.75 17.04 2.29
N LEU T 175 -13.92 17.29 1.00
CA LEU T 175 -15.07 16.77 0.32
C LEU T 175 -15.12 15.27 0.41
N LYS T 176 -13.98 14.65 0.13
CA LYS T 176 -13.91 13.19 0.15
C LYS T 176 -14.37 12.64 1.52
N GLY T 177 -13.98 13.36 2.57
CA GLY T 177 -14.38 12.98 3.92
C GLY T 177 -15.88 13.03 4.11
N PHE T 178 -16.60 13.60 3.14
CA PHE T 178 -18.04 13.72 3.24
C PHE T 178 -18.85 13.03 2.15
N ARG T 179 -18.23 12.11 1.42
CA ARG T 179 -18.92 11.40 0.37
C ARG T 179 -20.10 10.63 0.94
N LYS T 180 -21.17 10.52 0.14
CA LYS T 180 -22.36 9.81 0.57
C LYS T 180 -22.27 8.30 0.36
#